data_3OE1
#
_entry.id   3OE1
#
_cell.length_a   67.493
_cell.length_b   165.356
_cell.length_c   95.869
_cell.angle_alpha   90.000
_cell.angle_beta   108.930
_cell.angle_gamma   90.000
#
_symmetry.space_group_name_H-M   'P 1 21 1'
#
loop_
_entity.id
_entity.type
_entity.pdbx_description
1 polymer 'Pyruvate decarboxylase'
2 non-polymer 'MAGNESIUM ION'
3 non-polymer 3-[(4-AMINO-2-METHYLPYRIMIDIN-5-YL)METHYL]-2-(1-CARBOXY-1-HYDROXYETHYL)-5-(2-{[HYDROXY(PHOSPHONOOXY)PHOSPHORYL]OXY}ETHYL)-4-METHYL-1,3-THIAZOL-3-IUM
4 non-polymer GLYCEROL
5 water water
#
_entity_poly.entity_id   1
_entity_poly.type   'polypeptide(L)'
_entity_poly.pdbx_seq_one_letter_code
;MSYTVGTYLAERLVQIGLKHHFAVAGDYNLVLLDNLLLNKNMEQVYCCNELNCGFSAEGYARAKGAAAAVVTYSVGALSA
FDAIGGAYAENLPVILISGAPNNNDHAAGHVLHHALGKTDYHYQLEMAKNITAAAEAIYTPEEAPAKIDHVIKTALREKK
PVYLEIACNIASMPCAAPGPASALFNDEASDEASLNAAVEETLKFIANRDKVAVLVGSKLRAAGAEEAAVKFADALGGAV
ATMAAAKSFFPEENPHYIGTSWGEVSYPGVEKTMKEADAVIALAPVFNDYSTTGWTDIPDPKKLVLAEPRSVVVNGIRFP
SVHLKDYLTRLAQKVSKKTGALDFFKSLNAGELKKAAPADPSAPLVNAEIARQVEALLTPNTTVIAETGDSWFNAQRMKL
PNGARVEYEMQWGHIGWSVPAAFGYAVGAPERRNILMVGDGSFQLTAQEVAQMVRLKLPVIIFLINNYGYTIDVMIHDGP
YNNIKNWDYAGLMEVFNGNGGYDSGAGKGLKAKTGGELAEAIKVALANTDGPTLIECFIGREDCTEELVKWGKRVAAANS
RKPVNKLL
;
_entity_poly.pdbx_strand_id   A,B,C,D
#
# COMPACT_ATOMS: atom_id res chain seq x y z
N SER A 2 16.24 -2.71 -35.64
CA SER A 2 16.38 -3.07 -34.23
C SER A 2 15.03 -3.02 -33.51
N TYR A 3 15.06 -3.30 -32.21
CA TYR A 3 13.83 -3.40 -31.45
C TYR A 3 13.40 -2.11 -30.75
N THR A 4 12.12 -2.03 -30.43
CA THR A 4 11.59 -0.94 -29.61
C THR A 4 11.00 -1.55 -28.34
N VAL A 5 10.67 -0.71 -27.37
CA VAL A 5 9.96 -1.17 -26.18
C VAL A 5 8.78 -2.03 -26.59
N GLY A 6 7.98 -1.53 -27.52
CA GLY A 6 6.80 -2.23 -27.98
C GLY A 6 7.10 -3.55 -28.66
N THR A 7 8.00 -3.54 -29.63
CA THR A 7 8.27 -4.75 -30.39
C THR A 7 9.03 -5.79 -29.56
N TYR A 8 9.75 -5.32 -28.54
CA TYR A 8 10.39 -6.24 -27.60
C TYR A 8 9.32 -7.01 -26.84
N LEU A 9 8.37 -6.30 -26.25
CA LEU A 9 7.22 -6.92 -25.62
C LEU A 9 6.53 -7.85 -26.61
N ALA A 10 6.32 -7.37 -27.84
CA ALA A 10 5.67 -8.17 -28.88
C ALA A 10 6.40 -9.48 -29.10
N GLU A 11 7.72 -9.40 -29.25
CA GLU A 11 8.56 -10.58 -29.44
C GLU A 11 8.44 -11.58 -28.29
N ARG A 12 8.51 -11.07 -27.06
CA ARG A 12 8.42 -11.92 -25.87
C ARG A 12 7.09 -12.67 -25.79
N LEU A 13 6.01 -12.00 -26.15
CA LEU A 13 4.68 -12.61 -26.17
C LEU A 13 4.61 -13.74 -27.19
N VAL A 14 5.06 -13.47 -28.41
CA VAL A 14 5.17 -14.51 -29.43
C VAL A 14 5.98 -15.69 -28.90
N GLN A 15 7.10 -15.40 -28.23
CA GLN A 15 7.99 -16.43 -27.73
C GLN A 15 7.36 -17.37 -26.71
N ILE A 16 6.47 -16.85 -25.86
CA ILE A 16 5.82 -17.71 -24.87
C ILE A 16 4.64 -18.47 -25.46
N GLY A 17 4.39 -18.27 -26.76
CA GLY A 17 3.41 -19.08 -27.45
C GLY A 17 2.09 -18.39 -27.76
N LEU A 18 2.00 -17.11 -27.45
CA LEU A 18 0.80 -16.34 -27.79
C LEU A 18 0.65 -16.15 -29.30
N LYS A 19 -0.57 -16.36 -29.80
CA LYS A 19 -0.86 -16.13 -31.20
C LYS A 19 -1.88 -15.01 -31.32
N HIS A 20 -2.35 -14.54 -30.16
CA HIS A 20 -3.21 -13.38 -30.09
C HIS A 20 -2.88 -12.60 -28.83
N HIS A 21 -3.29 -11.34 -28.81
CA HIS A 21 -3.35 -10.58 -27.56
C HIS A 21 -4.57 -9.67 -27.65
N PHE A 22 -5.23 -9.46 -26.52
CA PHE A 22 -6.50 -8.74 -26.50
C PHE A 22 -6.29 -7.30 -26.08
N ALA A 23 -7.14 -6.41 -26.56
CA ALA A 23 -6.93 -4.98 -26.32
C ALA A 23 -8.18 -4.13 -26.39
N VAL A 24 -8.12 -3.00 -25.70
CA VAL A 24 -9.06 -1.90 -25.85
C VAL A 24 -8.22 -0.63 -25.98
N ALA A 25 -8.41 0.10 -27.06
CA ALA A 25 -7.54 1.21 -27.41
C ALA A 25 -7.81 2.45 -26.56
N GLY A 26 -6.79 3.31 -26.48
CA GLY A 26 -6.86 4.56 -25.76
C GLY A 26 -5.58 5.33 -26.06
N ASP A 27 -5.64 6.65 -26.00
CA ASP A 27 -4.47 7.45 -26.42
C ASP A 27 -3.18 7.08 -25.66
N TYR A 28 -3.32 6.60 -24.43
CA TYR A 28 -2.16 6.18 -23.65
C TYR A 28 -1.53 4.88 -24.17
N ASN A 29 -2.22 4.15 -25.05
CA ASN A 29 -1.65 2.91 -25.59
C ASN A 29 -1.61 2.81 -27.12
N LEU A 30 -1.99 3.88 -27.82
CA LEU A 30 -2.10 3.82 -29.27
C LEU A 30 -0.79 3.47 -29.95
N VAL A 31 0.29 4.13 -29.54
CA VAL A 31 1.60 3.85 -30.13
C VAL A 31 2.07 2.44 -29.77
N LEU A 32 1.77 2.02 -28.56
CA LEU A 32 2.09 0.65 -28.13
C LEU A 32 1.36 -0.39 -29.00
N LEU A 33 0.07 -0.17 -29.23
CA LEU A 33 -0.69 -1.08 -30.10
C LEU A 33 -0.06 -1.17 -31.48
N ASP A 34 0.36 -0.02 -32.02
CA ASP A 34 1.06 0.02 -33.31
C ASP A 34 2.24 -0.93 -33.34
N ASN A 35 3.12 -0.79 -32.36
CA ASN A 35 4.32 -1.61 -32.27
C ASN A 35 3.99 -3.10 -32.12
N LEU A 36 2.94 -3.41 -31.36
CA LEU A 36 2.53 -4.79 -31.20
C LEU A 36 2.08 -5.35 -32.54
N LEU A 37 1.46 -4.51 -33.35
CA LEU A 37 0.95 -4.91 -34.65
C LEU A 37 2.05 -5.19 -35.65
N LEU A 38 3.24 -4.66 -35.39
CA LEU A 38 4.38 -4.85 -36.29
C LEU A 38 4.81 -6.31 -36.35
N ASN A 39 4.53 -7.07 -35.29
CA ASN A 39 4.87 -8.49 -35.25
C ASN A 39 3.69 -9.33 -35.76
N LYS A 40 3.84 -9.87 -36.97
CA LYS A 40 2.73 -10.55 -37.66
C LYS A 40 2.48 -11.98 -37.19
N ASN A 41 3.33 -12.49 -36.30
CA ASN A 41 3.15 -13.84 -35.75
C ASN A 41 2.07 -13.87 -34.69
N MET A 42 1.43 -12.72 -34.50
CA MET A 42 0.42 -12.56 -33.47
C MET A 42 -0.69 -11.69 -34.03
N GLU A 43 -1.93 -11.99 -33.65
CA GLU A 43 -3.08 -11.16 -34.02
C GLU A 43 -3.51 -10.28 -32.86
N GLN A 44 -4.00 -9.09 -33.17
CA GLN A 44 -4.46 -8.15 -32.14
C GLN A 44 -5.98 -8.17 -32.09
N VAL A 45 -6.55 -8.73 -31.01
CA VAL A 45 -8.00 -8.88 -30.90
C VAL A 45 -8.62 -7.82 -29.98
N TYR A 46 -9.62 -7.13 -30.48
CA TYR A 46 -10.21 -6.01 -29.74
C TYR A 46 -11.47 -6.43 -28.98
N CYS A 47 -11.69 -5.82 -27.82
CA CYS A 47 -12.81 -6.15 -26.94
C CYS A 47 -13.69 -4.93 -26.66
N CYS A 48 -14.95 -5.17 -26.31
CA CYS A 48 -15.90 -4.09 -26.00
C CYS A 48 -15.45 -3.22 -24.82
N ASN A 49 -15.13 -3.86 -23.70
CA ASN A 49 -14.69 -3.15 -22.50
C ASN A 49 -13.54 -3.88 -21.82
N GLU A 50 -12.96 -3.27 -20.79
CA GLU A 50 -11.71 -3.78 -20.23
C GLU A 50 -11.90 -4.98 -19.31
N LEU A 51 -13.08 -5.10 -18.69
CA LEU A 51 -13.35 -6.25 -17.85
C LEU A 51 -13.40 -7.50 -18.72
N ASN A 52 -14.16 -7.42 -19.81
CA ASN A 52 -14.24 -8.52 -20.77
C ASN A 52 -12.89 -8.79 -21.41
N CYS A 53 -12.14 -7.72 -21.71
CA CYS A 53 -10.82 -7.87 -22.30
C CYS A 53 -9.96 -8.70 -21.37
N GLY A 54 -10.10 -8.47 -20.06
CA GLY A 54 -9.34 -9.19 -19.07
C GLY A 54 -9.78 -10.64 -18.96
N PHE A 55 -11.09 -10.87 -18.98
CA PHE A 55 -11.60 -12.25 -18.91
C PHE A 55 -11.37 -12.99 -20.21
N SER A 56 -11.30 -12.25 -21.33
CA SER A 56 -11.02 -12.87 -22.62
C SER A 56 -9.60 -13.43 -22.63
N ALA A 57 -8.66 -12.67 -22.08
CA ALA A 57 -7.30 -13.16 -21.91
C ALA A 57 -7.29 -14.36 -20.95
N GLU A 58 -8.12 -14.29 -19.92
CA GLU A 58 -8.19 -15.36 -18.94
C GLU A 58 -8.58 -16.67 -19.62
N GLY A 59 -9.66 -16.63 -20.40
CA GLY A 59 -10.09 -17.78 -21.15
C GLY A 59 -9.03 -18.29 -22.11
N TYR A 60 -8.37 -17.37 -22.82
CA TYR A 60 -7.29 -17.73 -23.74
C TYR A 60 -6.17 -18.49 -23.02
N ALA A 61 -5.86 -18.07 -21.81
CA ALA A 61 -4.83 -18.72 -21.00
C ALA A 61 -5.22 -20.16 -20.63
N ARG A 62 -6.52 -20.43 -20.54
CA ARG A 62 -6.98 -21.78 -20.24
C ARG A 62 -6.79 -22.66 -21.47
N ALA A 63 -6.93 -22.06 -22.64
CA ALA A 63 -6.74 -22.76 -23.89
C ALA A 63 -5.26 -22.90 -24.28
N LYS A 64 -4.44 -21.93 -23.91
CA LYS A 64 -3.07 -21.88 -24.42
C LYS A 64 -1.98 -21.80 -23.36
N GLY A 65 -2.37 -21.63 -22.10
CA GLY A 65 -1.43 -21.62 -21.00
C GLY A 65 -0.98 -20.23 -20.57
N ALA A 66 -1.24 -19.24 -21.42
CA ALA A 66 -0.84 -17.87 -21.15
C ALA A 66 -1.62 -16.92 -22.04
N ALA A 67 -1.59 -15.64 -21.70
CA ALA A 67 -2.31 -14.63 -22.45
C ALA A 67 -1.86 -13.23 -22.07
N ALA A 68 -2.36 -12.23 -22.79
CA ALA A 68 -1.99 -10.85 -22.55
C ALA A 68 -3.15 -9.93 -22.94
N ALA A 69 -3.41 -8.93 -22.10
CA ALA A 69 -4.38 -7.90 -22.42
C ALA A 69 -3.71 -6.54 -22.35
N VAL A 70 -4.08 -5.65 -23.27
CA VAL A 70 -3.56 -4.29 -23.28
C VAL A 70 -4.71 -3.30 -23.08
N VAL A 71 -4.56 -2.44 -22.06
CA VAL A 71 -5.58 -1.45 -21.74
C VAL A 71 -4.96 -0.05 -21.63
N THR A 72 -5.81 0.96 -21.51
CA THR A 72 -5.33 2.32 -21.32
C THR A 72 -5.26 2.66 -19.83
N TYR A 73 -4.50 3.70 -19.48
CA TYR A 73 -4.25 4.03 -18.09
C TYR A 73 -5.53 4.31 -17.31
N SER A 74 -5.65 3.66 -16.14
CA SER A 74 -6.66 3.98 -15.14
C SER A 74 -8.07 3.54 -15.51
N VAL A 75 -8.72 4.29 -16.40
CA VAL A 75 -10.07 3.95 -16.86
C VAL A 75 -10.11 2.55 -17.46
N GLY A 76 -9.02 2.16 -18.12
CA GLY A 76 -8.91 0.82 -18.64
C GLY A 76 -8.44 -0.21 -17.63
N ALA A 77 -7.38 0.10 -16.90
CA ALA A 77 -6.74 -0.87 -16.00
C ALA A 77 -7.55 -1.22 -14.75
N LEU A 78 -8.23 -0.24 -14.17
CA LEU A 78 -8.89 -0.47 -12.89
C LEU A 78 -9.99 -1.53 -12.98
N SER A 79 -10.78 -1.50 -14.04
CA SER A 79 -11.80 -2.53 -14.22
C SER A 79 -11.15 -3.84 -14.62
N ALA A 80 -10.09 -3.78 -15.44
CA ALA A 80 -9.34 -4.98 -15.81
C ALA A 80 -8.70 -5.67 -14.61
N PHE A 81 -8.39 -4.90 -13.56
CA PHE A 81 -7.88 -5.47 -12.31
C PHE A 81 -8.79 -6.58 -11.78
N ASP A 82 -10.10 -6.44 -11.96
CA ASP A 82 -11.04 -7.43 -11.46
C ASP A 82 -10.80 -8.78 -12.14
N ALA A 83 -10.57 -8.74 -13.46
CA ALA A 83 -10.26 -9.94 -14.21
C ALA A 83 -8.86 -10.44 -13.86
N ILE A 84 -7.93 -9.52 -13.64
CA ILE A 84 -6.57 -9.90 -13.26
C ILE A 84 -6.56 -10.61 -11.90
N GLY A 85 -7.26 -10.02 -10.93
CA GLY A 85 -7.49 -10.68 -9.67
C GLY A 85 -8.00 -12.08 -9.92
N GLY A 86 -8.93 -12.20 -10.87
CA GLY A 86 -9.48 -13.48 -11.27
C GLY A 86 -8.44 -14.47 -11.78
N ALA A 87 -7.53 -13.99 -12.62
CA ALA A 87 -6.46 -14.83 -13.15
C ALA A 87 -5.51 -15.30 -12.04
N TYR A 88 -5.37 -14.48 -11.00
CA TYR A 88 -4.55 -14.86 -9.85
C TYR A 88 -5.21 -16.01 -9.10
N ALA A 89 -6.50 -15.84 -8.83
CA ALA A 89 -7.27 -16.82 -8.09
C ALA A 89 -7.43 -18.15 -8.84
N GLU A 90 -7.32 -18.08 -10.16
CA GLU A 90 -7.50 -19.27 -11.00
C GLU A 90 -6.17 -19.78 -11.53
N ASN A 91 -5.07 -19.15 -11.10
CA ASN A 91 -3.72 -19.61 -11.44
C ASN A 91 -3.38 -19.58 -12.93
N LEU A 92 -3.75 -18.49 -13.58
CA LEU A 92 -3.51 -18.34 -15.00
C LEU A 92 -2.56 -17.18 -15.24
N PRO A 93 -1.50 -17.42 -16.03
CA PRO A 93 -0.51 -16.39 -16.33
C PRO A 93 -1.02 -15.37 -17.35
N VAL A 94 -1.81 -14.41 -16.91
CA VAL A 94 -2.24 -13.35 -17.81
C VAL A 94 -1.35 -12.13 -17.62
N ILE A 95 -0.86 -11.59 -18.73
CA ILE A 95 -0.03 -10.40 -18.67
C ILE A 95 -0.85 -9.17 -18.99
N LEU A 96 -1.05 -8.33 -17.99
CA LEU A 96 -1.76 -7.07 -18.19
C LEU A 96 -0.76 -5.96 -18.47
N ILE A 97 -0.85 -5.38 -19.66
CA ILE A 97 -0.04 -4.20 -19.99
C ILE A 97 -0.96 -3.01 -20.08
N SER A 98 -0.68 -2.00 -19.26
CA SER A 98 -1.41 -0.75 -19.32
C SER A 98 -0.56 0.32 -20.01
N GLY A 99 -1.19 1.15 -20.81
CA GLY A 99 -0.53 2.36 -21.30
C GLY A 99 -0.39 3.29 -20.11
N ALA A 100 0.51 4.26 -20.20
CA ALA A 100 0.75 5.14 -19.06
C ALA A 100 1.11 6.56 -19.49
N PRO A 101 1.05 7.51 -18.54
CA PRO A 101 1.39 8.92 -18.82
C PRO A 101 2.76 9.11 -19.48
N ASN A 102 2.88 10.19 -20.25
CA ASN A 102 4.15 10.65 -20.78
C ASN A 102 5.14 10.74 -19.63
N ASN A 103 6.37 10.25 -19.84
CA ASN A 103 7.30 10.19 -18.72
C ASN A 103 7.73 11.56 -18.18
N ASN A 104 7.50 12.62 -18.96
CA ASN A 104 7.81 13.98 -18.52
C ASN A 104 6.82 14.53 -17.49
N ASP A 105 5.69 13.84 -17.33
CA ASP A 105 4.62 14.32 -16.46
C ASP A 105 4.74 13.91 -14.99
N HIS A 106 5.84 13.24 -14.66
CA HIS A 106 6.08 12.80 -13.28
C HIS A 106 6.90 13.85 -12.55
N ALA A 107 6.53 14.12 -11.31
CA ALA A 107 7.21 15.13 -10.50
C ALA A 107 7.23 16.47 -11.24
N ALA A 108 6.12 16.80 -11.87
CA ALA A 108 6.03 18.00 -12.69
C ALA A 108 4.86 18.91 -12.30
N GLY A 109 4.04 18.45 -11.37
CA GLY A 109 2.87 19.20 -10.96
C GLY A 109 1.81 19.19 -12.05
N HIS A 110 1.83 18.17 -12.90
CA HIS A 110 0.89 18.04 -14.00
C HIS A 110 -0.27 17.14 -13.63
N VAL A 111 -1.48 17.66 -13.80
CA VAL A 111 -2.70 16.88 -13.67
C VAL A 111 -3.10 16.35 -15.04
N LEU A 112 -3.36 15.06 -15.12
CA LEU A 112 -3.60 14.42 -16.42
C LEU A 112 -4.97 13.77 -16.54
N HIS A 113 -5.44 13.60 -17.77
CA HIS A 113 -6.73 12.96 -18.03
C HIS A 113 -6.69 11.48 -17.66
N HIS A 114 -7.85 10.93 -17.32
CA HIS A 114 -7.99 9.53 -16.92
C HIS A 114 -7.48 9.25 -15.50
N ALA A 115 -6.99 10.28 -14.81
CA ALA A 115 -6.46 10.09 -13.45
C ALA A 115 -7.33 10.77 -12.40
N LEU A 116 -6.88 10.68 -11.15
CA LEU A 116 -7.68 11.10 -10.00
C LEU A 116 -7.81 12.61 -9.80
N GLY A 117 -7.02 13.39 -10.54
CA GLY A 117 -7.05 14.82 -10.37
C GLY A 117 -5.88 15.33 -9.55
N LYS A 118 -4.99 14.42 -9.17
CA LYS A 118 -3.78 14.81 -8.47
C LYS A 118 -2.60 14.75 -9.44
N THR A 119 -1.40 15.03 -8.95
CA THR A 119 -0.23 15.13 -9.82
C THR A 119 0.76 13.98 -9.70
N ASP A 120 0.34 12.87 -9.10
CA ASP A 120 1.17 11.68 -9.03
C ASP A 120 0.48 10.48 -9.67
N TYR A 121 1.27 9.57 -10.22
CA TYR A 121 0.71 8.49 -11.02
C TYR A 121 1.25 7.11 -10.68
N HIS A 122 1.53 6.88 -9.41
CA HIS A 122 1.99 5.57 -8.99
C HIS A 122 0.87 4.75 -8.35
N TYR A 123 -0.33 5.34 -8.23
CA TYR A 123 -1.41 4.66 -7.54
C TYR A 123 -1.85 3.37 -8.24
N GLN A 124 -1.86 3.37 -9.57
CA GLN A 124 -2.27 2.20 -10.32
C GLN A 124 -1.26 1.06 -10.13
N LEU A 125 0.02 1.38 -10.22
CA LEU A 125 1.06 0.42 -9.89
C LEU A 125 0.83 -0.22 -8.53
N GLU A 126 0.64 0.60 -7.51
CA GLU A 126 0.45 0.13 -6.14
C GLU A 126 -0.78 -0.75 -5.92
N MET A 127 -1.91 -0.38 -6.53
CA MET A 127 -3.10 -1.21 -6.47
C MET A 127 -2.80 -2.57 -7.11
N ALA A 128 -2.12 -2.54 -8.26
CA ALA A 128 -1.85 -3.75 -9.02
C ALA A 128 -0.93 -4.76 -8.30
N LYS A 129 0.00 -4.26 -7.50
CA LYS A 129 0.87 -5.12 -6.70
C LYS A 129 0.07 -6.10 -5.81
N ASN A 130 -1.17 -5.74 -5.50
CA ASN A 130 -1.99 -6.56 -4.62
C ASN A 130 -2.60 -7.79 -5.27
N ILE A 131 -2.60 -7.84 -6.60
CA ILE A 131 -3.31 -8.89 -7.30
C ILE A 131 -2.47 -9.54 -8.39
N THR A 132 -1.14 -9.45 -8.25
CA THR A 132 -0.23 -9.98 -9.25
C THR A 132 0.99 -10.57 -8.55
N ALA A 133 1.75 -11.41 -9.25
CA ALA A 133 2.99 -11.94 -8.70
C ALA A 133 4.17 -11.03 -9.03
N ALA A 134 3.93 -10.09 -9.94
CA ALA A 134 4.94 -9.11 -10.32
C ALA A 134 4.26 -7.93 -11.00
N ALA A 135 4.75 -6.74 -10.70
CA ALA A 135 4.21 -5.54 -11.29
C ALA A 135 5.34 -4.55 -11.43
N GLU A 136 5.56 -4.10 -12.65
CA GLU A 136 6.63 -3.16 -12.95
C GLU A 136 6.11 -2.03 -13.83
N ALA A 137 6.54 -0.80 -13.56
CA ALA A 137 6.26 0.32 -14.44
C ALA A 137 7.50 0.59 -15.27
N ILE A 138 7.29 0.86 -16.57
CA ILE A 138 8.40 1.21 -17.45
C ILE A 138 8.32 2.68 -17.83
N TYR A 139 9.32 3.45 -17.40
CA TYR A 139 9.35 4.89 -17.61
C TYR A 139 10.39 5.31 -18.66
N THR A 140 11.42 4.48 -18.87
CA THR A 140 12.41 4.74 -19.90
C THR A 140 12.65 3.50 -20.77
N PRO A 141 13.14 3.70 -22.00
CA PRO A 141 13.38 2.57 -22.91
C PRO A 141 14.42 1.60 -22.35
N GLU A 142 15.48 2.14 -21.75
CA GLU A 142 16.59 1.33 -21.26
C GLU A 142 16.15 0.30 -20.23
N GLU A 143 15.13 0.65 -19.46
CA GLU A 143 14.65 -0.21 -18.39
C GLU A 143 13.66 -1.26 -18.88
N ALA A 144 13.15 -1.08 -20.09
CA ALA A 144 12.09 -1.94 -20.60
C ALA A 144 12.45 -3.43 -20.65
N PRO A 145 13.59 -3.78 -21.27
CA PRO A 145 13.96 -5.19 -21.43
C PRO A 145 13.94 -6.00 -20.12
N ALA A 146 14.61 -5.51 -19.08
CA ALA A 146 14.70 -6.24 -17.82
C ALA A 146 13.35 -6.42 -17.13
N LYS A 147 12.50 -5.39 -17.18
CA LYS A 147 11.18 -5.45 -16.54
C LYS A 147 10.20 -6.38 -17.26
N ILE A 148 10.20 -6.32 -18.59
CA ILE A 148 9.40 -7.21 -19.40
C ILE A 148 9.80 -8.67 -19.15
N ASP A 149 11.09 -8.92 -19.20
CA ASP A 149 11.60 -10.27 -18.98
C ASP A 149 11.21 -10.80 -17.60
N HIS A 150 11.32 -9.94 -16.60
CA HIS A 150 11.03 -10.32 -15.22
C HIS A 150 9.57 -10.71 -15.01
N VAL A 151 8.65 -9.83 -15.37
CA VAL A 151 7.23 -10.13 -15.18
C VAL A 151 6.82 -11.39 -15.94
N ILE A 152 7.26 -11.51 -17.19
CA ILE A 152 6.92 -12.68 -17.99
C ILE A 152 7.50 -13.97 -17.42
N LYS A 153 8.75 -13.92 -16.97
CA LYS A 153 9.37 -15.07 -16.34
C LYS A 153 8.64 -15.41 -15.06
N THR A 154 8.28 -14.38 -14.31
CA THR A 154 7.52 -14.57 -13.07
C THR A 154 6.17 -15.21 -13.37
N ALA A 155 5.44 -14.65 -14.34
CA ALA A 155 4.16 -15.23 -14.74
C ALA A 155 4.27 -16.73 -15.02
N LEU A 156 5.19 -17.11 -15.89
CA LEU A 156 5.32 -18.52 -16.29
C LEU A 156 5.64 -19.46 -15.12
N ARG A 157 6.53 -19.03 -14.24
CA ARG A 157 6.97 -19.88 -13.12
C ARG A 157 5.92 -20.03 -12.03
N GLU A 158 5.33 -18.90 -11.62
CA GLU A 158 4.35 -18.91 -10.55
C GLU A 158 2.94 -19.24 -11.06
N LYS A 159 2.76 -19.22 -12.37
CA LYS A 159 1.42 -19.40 -12.92
C LYS A 159 0.47 -18.41 -12.28
N LYS A 160 0.84 -17.13 -12.37
CA LYS A 160 0.04 -16.04 -11.86
C LYS A 160 0.09 -14.89 -12.88
N PRO A 161 -0.91 -14.01 -12.84
CA PRO A 161 -0.92 -12.83 -13.72
C PRO A 161 0.12 -11.80 -13.29
N VAL A 162 0.59 -11.00 -14.24
CA VAL A 162 1.54 -9.95 -13.91
C VAL A 162 1.11 -8.64 -14.55
N TYR A 163 1.78 -7.56 -14.15
CA TYR A 163 1.37 -6.23 -14.53
C TYR A 163 2.55 -5.46 -15.10
N LEU A 164 2.31 -4.82 -16.25
CA LEU A 164 3.26 -3.90 -16.84
C LEU A 164 2.55 -2.61 -17.17
N GLU A 165 3.19 -1.48 -16.93
CA GLU A 165 2.73 -0.22 -17.49
C GLU A 165 3.85 0.46 -18.25
N ILE A 166 3.51 1.07 -19.38
CA ILE A 166 4.51 1.64 -20.27
C ILE A 166 4.18 3.09 -20.63
N ALA A 167 5.09 4.00 -20.29
CA ALA A 167 4.89 5.41 -20.59
C ALA A 167 4.63 5.55 -22.08
N CYS A 168 3.60 6.31 -22.42
CA CYS A 168 3.08 6.29 -23.79
C CYS A 168 4.09 6.81 -24.82
N ASN A 169 5.06 7.58 -24.36
CA ASN A 169 6.04 8.19 -25.27
C ASN A 169 7.31 7.38 -25.46
N ILE A 170 7.38 6.19 -24.87
CA ILE A 170 8.56 5.36 -25.07
C ILE A 170 8.28 4.06 -25.84
N ALA A 171 7.02 3.84 -26.19
CA ALA A 171 6.62 2.60 -26.85
C ALA A 171 7.43 2.36 -28.12
N SER A 172 7.73 3.45 -28.82
CA SER A 172 8.39 3.36 -30.11
C SER A 172 9.89 3.69 -30.03
N MET A 173 10.43 3.71 -28.82
CA MET A 173 11.84 4.05 -28.62
C MET A 173 12.74 2.82 -28.63
N PRO A 174 13.94 2.95 -29.22
CA PRO A 174 14.86 1.82 -29.34
C PRO A 174 15.27 1.25 -27.99
N CYS A 175 15.35 -0.08 -27.92
CA CYS A 175 15.88 -0.77 -26.75
C CYS A 175 16.61 -2.03 -27.22
N ALA A 176 17.35 -2.67 -26.32
CA ALA A 176 18.10 -3.88 -26.66
C ALA A 176 17.15 -4.97 -27.15
N ALA A 177 17.68 -5.85 -28.00
CA ALA A 177 16.92 -6.95 -28.55
C ALA A 177 16.76 -8.11 -27.56
N PRO A 178 15.61 -8.81 -27.62
CA PRO A 178 15.34 -9.97 -26.77
C PRO A 178 16.22 -11.15 -27.15
N GLY A 179 16.65 -11.93 -26.16
CA GLY A 179 17.47 -13.10 -26.41
C GLY A 179 16.63 -14.33 -26.62
N PRO A 180 17.23 -15.52 -26.45
CA PRO A 180 16.54 -16.80 -26.70
C PRO A 180 15.26 -17.00 -25.90
N ALA A 181 14.25 -17.57 -26.53
CA ALA A 181 12.96 -17.80 -25.89
C ALA A 181 13.05 -18.75 -24.69
N SER A 182 13.95 -19.71 -24.77
CA SER A 182 14.13 -20.71 -23.71
C SER A 182 14.42 -20.09 -22.34
N ALA A 183 15.04 -18.92 -22.33
CA ALA A 183 15.41 -18.26 -21.08
C ALA A 183 14.18 -17.88 -20.25
N LEU A 184 13.03 -17.77 -20.91
CA LEU A 184 11.80 -17.37 -20.24
C LEU A 184 11.15 -18.50 -19.47
N PHE A 185 11.40 -19.73 -19.89
CA PHE A 185 10.80 -20.89 -19.25
C PHE A 185 11.73 -21.53 -18.23
N ASN A 186 12.96 -21.01 -18.17
CA ASN A 186 13.97 -21.55 -17.26
C ASN A 186 13.51 -21.52 -15.81
N ASP A 187 13.21 -22.70 -15.27
CA ASP A 187 12.78 -22.82 -13.88
C ASP A 187 13.73 -23.74 -13.13
N GLU A 188 13.75 -23.63 -11.80
CA GLU A 188 14.56 -24.55 -11.02
C GLU A 188 14.09 -25.97 -11.25
N ALA A 189 14.99 -26.93 -11.12
CA ALA A 189 14.63 -28.34 -11.16
C ALA A 189 14.28 -28.77 -9.74
N SER A 190 13.72 -29.96 -9.58
CA SER A 190 13.42 -30.46 -8.25
C SER A 190 14.71 -30.82 -7.53
N ASP A 191 14.84 -30.37 -6.29
CA ASP A 191 15.98 -30.79 -5.47
C ASP A 191 15.95 -32.30 -5.35
N GLU A 192 16.96 -32.95 -5.90
CA GLU A 192 16.99 -34.42 -5.96
C GLU A 192 16.76 -35.10 -4.61
N ALA A 193 17.44 -34.62 -3.57
CA ALA A 193 17.31 -35.23 -2.25
C ALA A 193 15.89 -35.10 -1.71
N SER A 194 15.28 -33.95 -1.93
CA SER A 194 13.93 -33.69 -1.44
C SER A 194 12.87 -34.49 -2.19
N LEU A 195 13.07 -34.64 -3.49
CA LEU A 195 12.19 -35.46 -4.32
C LEU A 195 12.19 -36.90 -3.82
N ASN A 196 13.38 -37.44 -3.61
CA ASN A 196 13.52 -38.81 -3.14
C ASN A 196 13.00 -39.03 -1.72
N ALA A 197 13.31 -38.10 -0.82
CA ALA A 197 12.82 -38.19 0.56
C ALA A 197 11.30 -38.11 0.60
N ALA A 198 10.72 -37.20 -0.17
CA ALA A 198 9.28 -37.03 -0.20
C ALA A 198 8.58 -38.32 -0.66
N VAL A 199 9.14 -38.97 -1.68
CA VAL A 199 8.61 -40.23 -2.19
C VAL A 199 8.77 -41.34 -1.15
N GLU A 200 9.94 -41.39 -0.51
CA GLU A 200 10.21 -42.38 0.52
C GLU A 200 9.27 -42.24 1.71
N GLU A 201 9.04 -40.99 2.14
CA GLU A 201 8.16 -40.74 3.27
C GLU A 201 6.69 -41.01 2.94
N THR A 202 6.32 -40.89 1.67
CA THR A 202 4.96 -41.25 1.28
C THR A 202 4.80 -42.76 1.32
N LEU A 203 5.81 -43.48 0.82
CA LEU A 203 5.80 -44.93 0.86
C LEU A 203 5.69 -45.43 2.29
N LYS A 204 6.44 -44.81 3.20
CA LYS A 204 6.41 -45.19 4.61
C LYS A 204 5.04 -44.86 5.21
N PHE A 205 4.49 -43.72 4.82
CA PHE A 205 3.20 -43.28 5.35
C PHE A 205 2.06 -44.22 4.96
N ILE A 206 2.08 -44.70 3.73
CA ILE A 206 1.01 -45.57 3.24
C ILE A 206 1.30 -47.06 3.43
N ALA A 207 2.45 -47.37 4.04
CA ALA A 207 2.87 -48.76 4.17
C ALA A 207 1.80 -49.63 4.83
N ASN A 208 1.22 -49.13 5.90
CA ASN A 208 0.19 -49.88 6.63
C ASN A 208 -1.17 -49.18 6.61
N ARG A 209 -1.38 -48.33 5.62
CA ARG A 209 -2.68 -47.69 5.42
C ARG A 209 -3.29 -48.21 4.13
N ASP A 210 -4.08 -49.27 4.28
CA ASP A 210 -4.67 -50.00 3.16
C ASP A 210 -5.48 -49.10 2.22
N LYS A 211 -6.43 -48.37 2.79
CA LYS A 211 -7.38 -47.62 1.99
C LYS A 211 -6.84 -46.24 1.60
N VAL A 212 -6.19 -46.17 0.44
CA VAL A 212 -5.60 -44.92 -0.02
C VAL A 212 -6.46 -44.27 -1.09
N ALA A 213 -6.91 -43.05 -0.83
CA ALA A 213 -7.68 -42.29 -1.79
C ALA A 213 -6.86 -41.15 -2.37
N VAL A 214 -7.07 -40.86 -3.65
CA VAL A 214 -6.43 -39.73 -4.32
C VAL A 214 -7.47 -38.67 -4.64
N LEU A 215 -7.26 -37.47 -4.11
CA LEU A 215 -8.18 -36.35 -4.32
C LEU A 215 -7.57 -35.30 -5.26
N VAL A 216 -8.12 -35.21 -6.47
CA VAL A 216 -7.59 -34.34 -7.51
C VAL A 216 -8.04 -32.89 -7.32
N GLY A 217 -7.09 -31.97 -7.27
CA GLY A 217 -7.37 -30.58 -6.98
C GLY A 217 -7.26 -29.61 -8.15
N SER A 218 -7.82 -28.43 -7.98
CA SER A 218 -7.97 -27.48 -9.07
C SER A 218 -6.66 -26.79 -9.45
N LYS A 219 -5.57 -27.10 -8.77
CA LYS A 219 -4.29 -26.54 -9.13
C LYS A 219 -3.43 -27.55 -9.88
N LEU A 220 -4.07 -28.66 -10.28
CA LEU A 220 -3.39 -29.73 -11.00
C LEU A 220 -2.86 -29.30 -12.36
N ARG A 221 -3.70 -28.63 -13.16
CA ARG A 221 -3.26 -28.20 -14.48
C ARG A 221 -2.18 -27.11 -14.40
N ALA A 222 -2.29 -26.25 -13.40
CA ALA A 222 -1.28 -25.20 -13.18
C ALA A 222 0.09 -25.81 -12.97
N ALA A 223 0.12 -26.89 -12.20
CA ALA A 223 1.35 -27.64 -11.95
C ALA A 223 1.81 -28.42 -13.18
N GLY A 224 0.94 -28.56 -14.17
CA GLY A 224 1.24 -29.35 -15.37
C GLY A 224 1.41 -30.82 -15.05
N ALA A 225 0.65 -31.29 -14.08
CA ALA A 225 0.87 -32.62 -13.54
C ALA A 225 -0.30 -33.56 -13.78
N GLU A 226 -1.16 -33.22 -14.74
CA GLU A 226 -2.32 -34.05 -15.07
C GLU A 226 -1.92 -35.42 -15.59
N GLU A 227 -0.98 -35.47 -16.53
CA GLU A 227 -0.55 -36.75 -17.09
C GLU A 227 0.16 -37.61 -16.05
N ALA A 228 1.01 -36.97 -15.24
CA ALA A 228 1.71 -37.69 -14.19
C ALA A 228 0.73 -38.21 -13.14
N ALA A 229 -0.35 -37.46 -12.91
CA ALA A 229 -1.36 -37.90 -11.95
C ALA A 229 -2.02 -39.19 -12.43
N VAL A 230 -2.22 -39.30 -13.74
CA VAL A 230 -2.80 -40.52 -14.31
C VAL A 230 -1.84 -41.70 -14.14
N LYS A 231 -0.55 -41.45 -14.37
CA LYS A 231 0.46 -42.49 -14.17
C LYS A 231 0.40 -42.99 -12.74
N PHE A 232 0.46 -42.08 -11.78
CA PHE A 232 0.43 -42.43 -10.37
C PHE A 232 -0.85 -43.18 -9.97
N ALA A 233 -1.99 -42.69 -10.43
CA ALA A 233 -3.27 -43.32 -10.12
C ALA A 233 -3.34 -44.77 -10.60
N ASP A 234 -2.79 -45.02 -11.78
CA ASP A 234 -2.80 -46.37 -12.34
C ASP A 234 -1.92 -47.31 -11.52
N ALA A 235 -0.76 -46.82 -11.10
CA ALA A 235 0.19 -47.62 -10.33
C ALA A 235 -0.28 -47.83 -8.89
N LEU A 236 -1.02 -46.86 -8.36
CA LEU A 236 -1.53 -46.96 -7.00
C LEU A 236 -2.72 -47.92 -6.91
N GLY A 237 -3.61 -47.85 -7.88
CA GLY A 237 -4.78 -48.70 -7.89
C GLY A 237 -5.83 -48.31 -6.87
N GLY A 238 -5.66 -47.12 -6.29
CA GLY A 238 -6.58 -46.62 -5.28
C GLY A 238 -7.76 -45.87 -5.89
N ALA A 239 -8.66 -45.39 -5.05
CA ALA A 239 -9.79 -44.61 -5.53
C ALA A 239 -9.39 -43.17 -5.85
N VAL A 240 -9.83 -42.67 -7.00
CA VAL A 240 -9.52 -41.30 -7.41
C VAL A 240 -10.79 -40.45 -7.52
N ALA A 241 -10.86 -39.40 -6.70
CA ALA A 241 -12.00 -38.50 -6.74
C ALA A 241 -11.50 -37.10 -7.04
N THR A 242 -12.35 -36.31 -7.70
CA THR A 242 -12.00 -34.94 -8.05
C THR A 242 -12.78 -33.95 -7.18
N MET A 243 -12.10 -32.93 -6.69
CA MET A 243 -12.79 -31.83 -6.04
C MET A 243 -13.66 -31.13 -7.09
N ALA A 244 -14.69 -30.42 -6.64
CA ALA A 244 -15.62 -29.74 -7.55
C ALA A 244 -14.91 -28.96 -8.65
N ALA A 245 -13.98 -28.11 -8.25
CA ALA A 245 -13.27 -27.24 -9.19
C ALA A 245 -12.31 -27.97 -10.14
N ALA A 246 -12.04 -29.25 -9.89
CA ALA A 246 -11.06 -29.96 -10.68
C ALA A 246 -11.68 -30.92 -11.69
N LYS A 247 -12.94 -30.69 -12.04
CA LYS A 247 -13.59 -31.55 -13.01
C LYS A 247 -12.89 -31.45 -14.36
N SER A 248 -12.68 -32.61 -14.98
CA SER A 248 -11.96 -32.74 -16.25
C SER A 248 -10.43 -32.78 -16.09
N PHE A 249 -9.96 -32.62 -14.86
CA PHE A 249 -8.53 -32.68 -14.55
C PHE A 249 -8.03 -34.12 -14.35
N PHE A 250 -8.96 -35.06 -14.42
CA PHE A 250 -8.64 -36.48 -14.34
C PHE A 250 -9.61 -37.24 -15.23
N PRO A 251 -9.12 -38.25 -15.96
CA PRO A 251 -9.94 -39.02 -16.92
C PRO A 251 -11.05 -39.77 -16.21
N GLU A 252 -12.29 -39.45 -16.56
CA GLU A 252 -13.44 -40.04 -15.88
C GLU A 252 -13.79 -41.44 -16.40
N GLU A 253 -13.15 -41.84 -17.50
CA GLU A 253 -13.32 -43.19 -18.02
C GLU A 253 -12.34 -44.15 -17.34
N ASN A 254 -11.38 -43.57 -16.62
CA ASN A 254 -10.39 -44.35 -15.87
C ASN A 254 -11.07 -45.22 -14.82
N PRO A 255 -10.70 -46.51 -14.76
CA PRO A 255 -11.39 -47.42 -13.84
C PRO A 255 -11.22 -47.03 -12.37
N HIS A 256 -10.27 -46.14 -12.09
CA HIS A 256 -10.00 -45.71 -10.73
C HIS A 256 -10.84 -44.50 -10.29
N TYR A 257 -11.52 -43.87 -11.25
CA TYR A 257 -12.28 -42.67 -10.95
C TYR A 257 -13.63 -42.97 -10.33
N ILE A 258 -13.88 -42.42 -9.15
CA ILE A 258 -15.13 -42.69 -8.44
C ILE A 258 -16.10 -41.51 -8.49
N GLY A 259 -15.67 -40.38 -9.05
CA GLY A 259 -16.55 -39.25 -9.18
C GLY A 259 -16.21 -38.05 -8.30
N THR A 260 -17.20 -37.21 -8.04
CA THR A 260 -16.96 -35.93 -7.38
C THR A 260 -16.96 -36.03 -5.86
N SER A 261 -15.91 -35.49 -5.26
CA SER A 261 -15.86 -35.33 -3.81
C SER A 261 -16.27 -33.90 -3.50
N TRP A 262 -17.43 -33.72 -2.90
CA TRP A 262 -17.95 -32.40 -2.60
C TRP A 262 -18.90 -32.45 -1.40
N GLY A 263 -18.41 -33.03 -0.31
CA GLY A 263 -19.20 -33.15 0.91
C GLY A 263 -20.53 -33.86 0.71
N GLU A 264 -21.59 -33.28 1.24
CA GLU A 264 -22.90 -33.92 1.18
C GLU A 264 -23.49 -33.88 -0.22
N VAL A 265 -22.88 -33.13 -1.13
CA VAL A 265 -23.30 -33.15 -2.53
C VAL A 265 -22.28 -33.86 -3.42
N SER A 266 -21.64 -34.89 -2.88
CA SER A 266 -20.72 -35.71 -3.66
C SER A 266 -21.47 -36.73 -4.51
N TYR A 267 -20.76 -37.40 -5.41
CA TYR A 267 -21.34 -38.53 -6.13
C TYR A 267 -21.64 -39.64 -5.13
N PRO A 268 -22.61 -40.51 -5.45
CA PRO A 268 -22.98 -41.59 -4.53
C PRO A 268 -21.77 -42.40 -4.10
N GLY A 269 -21.62 -42.62 -2.80
CA GLY A 269 -20.58 -43.48 -2.27
C GLY A 269 -19.24 -42.81 -2.02
N VAL A 270 -19.04 -41.67 -2.68
CA VAL A 270 -17.76 -40.96 -2.59
C VAL A 270 -17.51 -40.36 -1.20
N GLU A 271 -18.52 -39.66 -0.68
CA GLU A 271 -18.41 -39.08 0.66
C GLU A 271 -18.02 -40.13 1.69
N LYS A 272 -18.68 -41.28 1.66
CA LYS A 272 -18.36 -42.35 2.60
C LYS A 272 -16.94 -42.86 2.40
N THR A 273 -16.55 -43.04 1.13
CA THR A 273 -15.23 -43.55 0.79
C THR A 273 -14.09 -42.66 1.31
N MET A 274 -14.25 -41.35 1.18
CA MET A 274 -13.21 -40.42 1.63
C MET A 274 -12.98 -40.49 3.14
N LYS A 275 -14.05 -40.59 3.90
CA LYS A 275 -13.95 -40.64 5.36
C LYS A 275 -13.44 -42.00 5.84
N GLU A 276 -13.57 -43.01 4.98
CA GLU A 276 -13.11 -44.35 5.31
C GLU A 276 -11.64 -44.55 4.98
N ALA A 277 -11.14 -43.75 4.05
CA ALA A 277 -9.75 -43.83 3.62
C ALA A 277 -8.79 -43.64 4.79
N ASP A 278 -7.69 -44.40 4.78
CA ASP A 278 -6.67 -44.28 5.81
C ASP A 278 -5.65 -43.21 5.42
N ALA A 279 -5.66 -42.85 4.14
CA ALA A 279 -4.73 -41.85 3.63
C ALA A 279 -5.27 -41.17 2.38
N VAL A 280 -5.36 -39.84 2.43
CA VAL A 280 -5.81 -39.06 1.29
C VAL A 280 -4.64 -38.28 0.67
N ILE A 281 -4.28 -38.65 -0.55
CA ILE A 281 -3.23 -37.93 -1.26
C ILE A 281 -3.83 -36.81 -2.10
N ALA A 282 -3.80 -35.60 -1.56
CA ALA A 282 -4.39 -34.44 -2.23
C ALA A 282 -3.42 -33.88 -3.27
N LEU A 283 -3.87 -33.84 -4.52
CA LEU A 283 -3.04 -33.36 -5.61
C LEU A 283 -3.42 -31.94 -5.99
N ALA A 284 -2.58 -30.99 -5.59
CA ALA A 284 -2.78 -29.58 -5.91
C ALA A 284 -4.17 -29.05 -5.51
N PRO A 285 -4.57 -29.29 -4.26
CA PRO A 285 -5.92 -28.89 -3.83
C PRO A 285 -6.04 -27.41 -3.46
N VAL A 286 -7.27 -26.93 -3.52
CA VAL A 286 -7.63 -25.66 -2.89
C VAL A 286 -8.84 -25.87 -1.99
N PHE A 287 -8.62 -25.90 -0.68
CA PHE A 287 -9.72 -26.04 0.26
C PHE A 287 -10.23 -24.67 0.69
N ASN A 288 -11.42 -24.29 0.20
CA ASN A 288 -12.05 -23.03 0.59
C ASN A 288 -13.48 -23.26 1.12
N ASP A 289 -14.18 -22.17 1.43
CA ASP A 289 -15.52 -22.26 2.00
C ASP A 289 -16.55 -22.86 1.04
N TYR A 290 -16.26 -22.84 -0.25
CA TYR A 290 -17.15 -23.42 -1.26
C TYR A 290 -16.85 -24.88 -1.54
N SER A 291 -15.58 -25.20 -1.76
CA SER A 291 -15.18 -26.55 -2.11
C SER A 291 -15.40 -27.49 -0.93
N THR A 292 -15.60 -26.93 0.26
CA THR A 292 -15.78 -27.71 1.47
C THR A 292 -17.24 -27.74 1.91
N THR A 293 -18.11 -27.21 1.05
CA THR A 293 -19.55 -27.19 1.32
C THR A 293 -19.86 -26.51 2.65
N GLY A 294 -19.41 -25.27 2.78
CA GLY A 294 -19.70 -24.49 3.97
C GLY A 294 -18.89 -24.96 5.18
N TRP A 295 -17.70 -25.48 4.91
CA TRP A 295 -16.80 -25.96 5.95
C TRP A 295 -17.31 -27.24 6.62
N THR A 296 -18.30 -27.88 6.01
CA THR A 296 -18.83 -29.13 6.56
C THR A 296 -17.99 -30.32 6.13
N ASP A 297 -17.24 -30.17 5.04
CA ASP A 297 -16.42 -31.26 4.53
C ASP A 297 -14.93 -30.90 4.48
N ILE A 298 -14.21 -31.22 5.54
CA ILE A 298 -12.80 -30.90 5.62
C ILE A 298 -11.96 -32.15 5.78
N PRO A 299 -10.85 -32.26 5.04
CA PRO A 299 -10.00 -33.44 5.08
C PRO A 299 -9.34 -33.63 6.44
N ASP A 300 -9.13 -34.89 6.82
CA ASP A 300 -8.49 -35.23 8.08
C ASP A 300 -6.99 -34.95 8.00
N PRO A 301 -6.50 -34.00 8.81
CA PRO A 301 -5.11 -33.54 8.73
C PRO A 301 -4.11 -34.66 8.98
N LYS A 302 -4.53 -35.68 9.73
CA LYS A 302 -3.64 -36.78 10.08
C LYS A 302 -3.52 -37.80 8.94
N LYS A 303 -4.57 -37.91 8.14
CA LYS A 303 -4.59 -38.84 7.01
C LYS A 303 -4.25 -38.13 5.71
N LEU A 304 -3.80 -36.89 5.82
CA LEU A 304 -3.61 -36.05 4.64
C LEU A 304 -2.17 -36.04 4.14
N VAL A 305 -2.01 -36.36 2.86
CA VAL A 305 -0.76 -36.12 2.16
C VAL A 305 -0.98 -34.94 1.22
N LEU A 306 -0.30 -33.83 1.50
CA LEU A 306 -0.53 -32.61 0.75
C LEU A 306 0.52 -32.43 -0.35
N ALA A 307 0.18 -32.90 -1.55
CA ALA A 307 1.06 -32.77 -2.71
C ALA A 307 0.74 -31.50 -3.50
N GLU A 308 1.38 -30.40 -3.12
CA GLU A 308 1.20 -29.13 -3.81
C GLU A 308 2.07 -29.00 -5.07
N PRO A 309 1.80 -27.97 -5.88
CA PRO A 309 2.55 -27.74 -7.12
C PRO A 309 4.08 -27.73 -6.95
N ARG A 310 4.59 -27.20 -5.85
CA ARG A 310 6.04 -27.10 -5.71
C ARG A 310 6.54 -27.60 -4.37
N SER A 311 5.66 -28.25 -3.61
CA SER A 311 6.01 -28.78 -2.30
C SER A 311 5.13 -29.96 -1.91
N VAL A 312 5.66 -30.82 -1.06
CA VAL A 312 4.90 -31.95 -0.54
C VAL A 312 4.99 -31.98 0.99
N VAL A 313 3.85 -32.04 1.65
CA VAL A 313 3.86 -32.32 3.09
C VAL A 313 3.34 -33.74 3.30
N VAL A 314 4.17 -34.59 3.88
CA VAL A 314 3.84 -36.00 4.01
C VAL A 314 4.54 -36.65 5.19
N ASN A 315 3.77 -37.39 5.98
CA ASN A 315 4.30 -38.03 7.18
C ASN A 315 4.94 -37.00 8.09
N GLY A 316 4.28 -35.86 8.24
CA GLY A 316 4.69 -34.83 9.18
C GLY A 316 5.89 -33.99 8.77
N ILE A 317 6.27 -34.06 7.50
CA ILE A 317 7.42 -33.30 7.04
C ILE A 317 7.11 -32.54 5.75
N ARG A 318 7.59 -31.31 5.65
CA ARG A 318 7.38 -30.49 4.46
C ARG A 318 8.60 -30.46 3.56
N PHE A 319 8.39 -30.74 2.28
CA PHE A 319 9.47 -30.81 1.29
C PHE A 319 9.29 -29.76 0.19
N PRO A 320 9.80 -28.55 0.43
CA PRO A 320 9.77 -27.55 -0.63
C PRO A 320 10.70 -27.95 -1.76
N SER A 321 10.58 -27.29 -2.90
CA SER A 321 11.48 -27.51 -4.04
C SER A 321 11.30 -28.88 -4.66
N VAL A 322 10.04 -29.31 -4.72
CA VAL A 322 9.69 -30.56 -5.39
C VAL A 322 8.50 -30.30 -6.31
N HIS A 323 8.75 -30.34 -7.62
CA HIS A 323 7.68 -30.21 -8.60
C HIS A 323 6.72 -31.39 -8.51
N LEU A 324 5.43 -31.08 -8.45
CA LEU A 324 4.39 -32.10 -8.39
C LEU A 324 4.53 -33.13 -9.51
N LYS A 325 4.88 -32.66 -10.70
CA LYS A 325 5.05 -33.55 -11.85
C LYS A 325 6.13 -34.59 -11.59
N ASP A 326 7.27 -34.14 -11.06
CA ASP A 326 8.37 -35.03 -10.73
C ASP A 326 8.01 -35.98 -9.57
N TYR A 327 7.39 -35.42 -8.54
CA TYR A 327 6.91 -36.22 -7.41
C TYR A 327 6.03 -37.36 -7.89
N LEU A 328 4.99 -37.04 -8.65
CA LEU A 328 4.03 -38.04 -9.10
C LEU A 328 4.64 -39.04 -10.08
N THR A 329 5.60 -38.58 -10.87
CA THR A 329 6.26 -39.46 -11.82
C THR A 329 7.10 -40.51 -11.10
N ARG A 330 7.85 -40.08 -10.08
CA ARG A 330 8.71 -40.99 -9.33
C ARG A 330 7.91 -41.92 -8.43
N LEU A 331 6.96 -41.35 -7.68
CA LEU A 331 6.08 -42.14 -6.83
C LEU A 331 5.39 -43.25 -7.63
N ALA A 332 4.94 -42.91 -8.83
CA ALA A 332 4.29 -43.89 -9.69
C ALA A 332 5.19 -45.11 -9.92
N GLN A 333 6.48 -44.85 -10.09
CA GLN A 333 7.45 -45.90 -10.38
C GLN A 333 7.76 -46.76 -9.16
N LYS A 334 7.58 -46.19 -7.97
CA LYS A 334 8.01 -46.82 -6.74
C LYS A 334 6.86 -47.36 -5.90
N VAL A 335 5.64 -46.87 -6.15
CA VAL A 335 4.51 -47.22 -5.29
C VAL A 335 4.04 -48.65 -5.51
N SER A 336 3.48 -49.24 -4.46
CA SER A 336 2.86 -50.55 -4.54
C SER A 336 1.34 -50.39 -4.66
N LYS A 337 0.66 -51.45 -5.06
CA LYS A 337 -0.79 -51.41 -5.19
C LYS A 337 -1.45 -51.24 -3.82
N LYS A 338 -2.20 -50.15 -3.65
CA LYS A 338 -2.95 -49.90 -2.43
C LYS A 338 -4.43 -49.69 -2.80
N THR A 339 -5.13 -50.79 -3.05
CA THR A 339 -6.47 -50.75 -3.63
C THR A 339 -7.59 -50.64 -2.61
N GLY A 340 -7.22 -50.53 -1.33
CA GLY A 340 -8.18 -50.56 -0.25
C GLY A 340 -9.40 -49.68 -0.40
N ALA A 341 -9.18 -48.41 -0.78
CA ALA A 341 -10.26 -47.43 -0.84
C ALA A 341 -11.21 -47.68 -2.01
N LEU A 342 -10.65 -47.99 -3.18
CA LEU A 342 -11.45 -48.29 -4.36
C LEU A 342 -12.33 -49.51 -4.11
N ASP A 343 -11.74 -50.57 -3.56
CA ASP A 343 -12.48 -51.77 -3.20
C ASP A 343 -13.70 -51.43 -2.34
N PHE A 344 -13.49 -50.57 -1.35
CA PHE A 344 -14.56 -50.14 -0.46
C PHE A 344 -15.65 -49.41 -1.23
N PHE A 345 -15.26 -48.52 -2.12
CA PHE A 345 -16.20 -47.74 -2.93
C PHE A 345 -17.15 -48.64 -3.73
N LYS A 346 -16.59 -49.61 -4.45
CA LYS A 346 -17.41 -50.49 -5.26
C LYS A 346 -18.31 -51.37 -4.39
N SER A 347 -17.79 -51.80 -3.25
CA SER A 347 -18.54 -52.62 -2.32
C SER A 347 -19.70 -51.85 -1.70
N LEU A 348 -19.58 -50.52 -1.70
CA LEU A 348 -20.69 -49.67 -1.25
C LEU A 348 -21.91 -50.02 -2.09
N ASN A 349 -21.65 -50.44 -3.32
CA ASN A 349 -22.71 -50.78 -4.24
C ASN A 349 -23.61 -49.57 -4.44
N ALA A 350 -23.02 -48.39 -4.27
CA ALA A 350 -23.79 -47.14 -4.25
C ALA A 350 -24.37 -46.78 -5.62
N GLY A 351 -23.96 -47.50 -6.65
CA GLY A 351 -24.42 -47.21 -7.99
C GLY A 351 -23.87 -45.88 -8.47
N GLU A 352 -24.45 -45.36 -9.56
CA GLU A 352 -23.94 -44.14 -10.16
C GLU A 352 -24.95 -43.00 -10.07
N LEU A 353 -24.51 -41.79 -10.41
CA LEU A 353 -25.38 -40.62 -10.30
C LEU A 353 -26.76 -40.88 -10.93
N LYS A 354 -27.81 -40.51 -10.21
CA LYS A 354 -29.18 -40.77 -10.65
C LYS A 354 -29.62 -39.74 -11.70
N LYS A 355 -29.60 -40.14 -12.96
CA LYS A 355 -29.94 -39.23 -14.05
C LYS A 355 -31.32 -39.51 -14.62
N ALA A 356 -32.02 -38.44 -15.02
CA ALA A 356 -33.36 -38.56 -15.58
C ALA A 356 -33.31 -39.12 -16.99
N ALA A 357 -34.41 -39.74 -17.41
CA ALA A 357 -34.52 -40.26 -18.77
C ALA A 357 -35.04 -39.16 -19.68
N PRO A 358 -34.88 -39.34 -21.00
CA PRO A 358 -35.39 -38.37 -21.97
C PRO A 358 -36.84 -38.00 -21.68
N ALA A 359 -37.13 -36.71 -21.60
CA ALA A 359 -38.49 -36.27 -21.31
C ALA A 359 -39.34 -36.25 -22.56
N ASP A 360 -40.66 -36.22 -22.39
CA ASP A 360 -41.57 -36.03 -23.50
C ASP A 360 -41.16 -34.75 -24.20
N PRO A 361 -40.77 -34.84 -25.49
CA PRO A 361 -40.27 -33.68 -26.22
C PRO A 361 -41.28 -32.53 -26.30
N SER A 362 -42.55 -32.82 -26.10
CA SER A 362 -43.59 -31.79 -26.14
C SER A 362 -43.92 -31.26 -24.74
N ALA A 363 -43.32 -31.85 -23.72
CA ALA A 363 -43.54 -31.41 -22.34
C ALA A 363 -42.74 -30.14 -22.04
N PRO A 364 -43.25 -29.32 -21.11
CA PRO A 364 -42.55 -28.10 -20.69
C PRO A 364 -41.10 -28.40 -20.31
N LEU A 365 -40.18 -27.54 -20.75
CA LEU A 365 -38.76 -27.78 -20.55
C LEU A 365 -38.37 -27.73 -19.07
N VAL A 366 -37.60 -28.71 -18.62
CA VAL A 366 -37.11 -28.73 -17.24
C VAL A 366 -35.59 -28.78 -17.19
N ASN A 367 -35.04 -28.30 -16.07
CA ASN A 367 -33.59 -28.27 -15.88
C ASN A 367 -32.92 -29.58 -16.29
N ALA A 368 -33.43 -30.70 -15.80
CA ALA A 368 -32.83 -32.01 -16.04
C ALA A 368 -32.73 -32.37 -17.53
N GLU A 369 -33.71 -31.96 -18.32
CA GLU A 369 -33.69 -32.25 -19.74
C GLU A 369 -32.56 -31.49 -20.41
N ILE A 370 -32.44 -30.20 -20.07
CA ILE A 370 -31.34 -29.39 -20.56
C ILE A 370 -30.02 -30.09 -20.32
N ALA A 371 -29.77 -30.46 -19.07
CA ALA A 371 -28.50 -31.07 -18.69
C ALA A 371 -28.26 -32.35 -19.47
N ARG A 372 -29.34 -33.09 -19.75
CA ARG A 372 -29.23 -34.32 -20.51
C ARG A 372 -28.73 -34.04 -21.93
N GLN A 373 -29.39 -33.11 -22.62
CA GLN A 373 -29.06 -32.83 -24.01
C GLN A 373 -27.68 -32.19 -24.17
N VAL A 374 -27.28 -31.37 -23.21
CA VAL A 374 -25.95 -30.78 -23.26
C VAL A 374 -24.89 -31.87 -23.04
N GLU A 375 -25.16 -32.76 -22.10
CA GLU A 375 -24.22 -33.81 -21.76
C GLU A 375 -23.99 -34.73 -22.97
N ALA A 376 -24.99 -34.83 -23.83
CA ALA A 376 -24.89 -35.69 -25.00
C ALA A 376 -23.98 -35.07 -26.07
N LEU A 377 -23.61 -33.80 -25.87
CA LEU A 377 -22.75 -33.07 -26.80
C LEU A 377 -21.29 -33.13 -26.40
N LEU A 378 -21.05 -33.68 -25.22
CA LEU A 378 -19.70 -33.79 -24.69
C LEU A 378 -18.95 -34.92 -25.39
N THR A 379 -17.73 -34.62 -25.83
CA THR A 379 -16.91 -35.57 -26.55
C THR A 379 -15.47 -35.25 -26.21
N PRO A 380 -14.54 -36.12 -26.61
CA PRO A 380 -13.11 -35.86 -26.41
C PRO A 380 -12.68 -34.44 -26.76
N ASN A 381 -13.13 -33.90 -27.90
CA ASN A 381 -12.73 -32.55 -28.29
C ASN A 381 -13.75 -31.46 -27.96
N THR A 382 -14.52 -31.69 -26.91
CA THR A 382 -15.50 -30.71 -26.45
C THR A 382 -15.00 -30.02 -25.19
N THR A 383 -15.26 -28.72 -25.10
CA THR A 383 -15.02 -27.97 -23.88
C THR A 383 -16.29 -27.25 -23.44
N VAL A 384 -16.68 -27.47 -22.20
CA VAL A 384 -17.82 -26.76 -21.61
C VAL A 384 -17.35 -25.68 -20.65
N ILE A 385 -17.63 -24.43 -21.00
CA ILE A 385 -17.44 -23.31 -20.09
C ILE A 385 -18.67 -23.19 -19.19
N ALA A 386 -18.47 -23.36 -17.89
CA ALA A 386 -19.61 -23.43 -16.96
C ALA A 386 -19.64 -22.30 -15.94
N GLU A 387 -20.62 -21.42 -16.10
CA GLU A 387 -20.71 -20.19 -15.31
C GLU A 387 -21.13 -20.44 -13.88
N THR A 388 -20.67 -19.57 -12.99
CA THR A 388 -21.13 -19.53 -11.61
C THR A 388 -22.65 -19.40 -11.59
N GLY A 389 -23.31 -20.33 -10.89
CA GLY A 389 -24.75 -20.45 -10.88
C GLY A 389 -25.09 -21.92 -10.81
N ASP A 390 -26.34 -22.27 -11.11
CA ASP A 390 -26.71 -23.68 -11.11
C ASP A 390 -25.91 -24.42 -12.17
N SER A 391 -25.42 -23.68 -13.17
CA SER A 391 -24.59 -24.28 -14.22
C SER A 391 -23.39 -25.03 -13.62
N TRP A 392 -22.89 -24.55 -12.49
CA TRP A 392 -21.85 -25.27 -11.76
C TRP A 392 -22.26 -26.70 -11.52
N PHE A 393 -23.47 -26.87 -11.01
CA PHE A 393 -23.93 -28.17 -10.52
C PHE A 393 -24.40 -29.08 -11.65
N ASN A 394 -25.13 -28.53 -12.61
CA ASN A 394 -25.48 -29.26 -13.81
C ASN A 394 -24.23 -29.80 -14.51
N ALA A 395 -23.25 -28.93 -14.68
CA ALA A 395 -21.99 -29.30 -15.31
C ALA A 395 -21.27 -30.37 -14.51
N GLN A 396 -21.33 -30.23 -13.18
CA GLN A 396 -20.63 -31.14 -12.29
C GLN A 396 -21.16 -32.57 -12.42
N ARG A 397 -22.44 -32.68 -12.76
CA ARG A 397 -23.13 -33.96 -12.83
C ARG A 397 -22.87 -34.71 -14.12
N MET A 398 -22.36 -34.01 -15.13
CA MET A 398 -22.19 -34.60 -16.45
C MET A 398 -21.04 -35.60 -16.49
N LYS A 399 -21.25 -36.68 -17.24
CA LYS A 399 -20.23 -37.70 -17.43
C LYS A 399 -19.30 -37.31 -18.58
N LEU A 400 -18.01 -37.19 -18.29
CA LEU A 400 -17.04 -36.74 -19.29
C LEU A 400 -16.30 -37.89 -19.96
N PRO A 401 -16.44 -38.02 -21.28
CA PRO A 401 -15.57 -38.97 -21.98
C PRO A 401 -14.15 -38.43 -21.92
N ASN A 402 -13.15 -39.30 -21.83
CA ASN A 402 -11.76 -38.85 -21.78
C ASN A 402 -11.47 -37.84 -22.89
N GLY A 403 -10.91 -36.69 -22.50
CA GLY A 403 -10.60 -35.64 -23.45
C GLY A 403 -11.53 -34.46 -23.31
N ALA A 404 -12.78 -34.73 -22.91
CA ALA A 404 -13.73 -33.64 -22.67
C ALA A 404 -13.21 -32.75 -21.55
N ARG A 405 -13.33 -31.44 -21.73
CA ARG A 405 -12.87 -30.49 -20.72
C ARG A 405 -14.02 -29.68 -20.13
N VAL A 406 -13.90 -29.37 -18.85
CA VAL A 406 -14.78 -28.42 -18.20
C VAL A 406 -13.92 -27.27 -17.70
N GLU A 407 -14.38 -26.03 -17.91
CA GLU A 407 -13.69 -24.87 -17.37
C GLU A 407 -14.56 -24.20 -16.29
N TYR A 408 -14.03 -24.16 -15.07
CA TYR A 408 -14.70 -23.55 -13.94
C TYR A 408 -13.90 -22.33 -13.48
N GLU A 409 -14.61 -21.34 -12.95
CA GLU A 409 -13.97 -20.23 -12.24
C GLU A 409 -14.48 -20.22 -10.80
N MET A 410 -14.21 -21.31 -10.09
CA MET A 410 -14.79 -21.53 -8.76
C MET A 410 -14.08 -20.81 -7.61
N GLN A 411 -12.87 -20.33 -7.84
CA GLN A 411 -12.19 -19.54 -6.82
C GLN A 411 -12.59 -18.08 -6.84
N TRP A 412 -12.50 -17.45 -8.01
CA TRP A 412 -12.92 -16.07 -8.17
C TRP A 412 -14.45 -15.95 -8.15
N GLY A 413 -15.10 -16.71 -9.01
CA GLY A 413 -16.56 -16.77 -9.04
C GLY A 413 -17.22 -15.47 -9.43
N HIS A 414 -16.67 -14.81 -10.44
CA HIS A 414 -17.24 -13.56 -10.95
C HIS A 414 -18.29 -13.89 -12.01
N ILE A 415 -19.57 -13.70 -11.68
CA ILE A 415 -20.58 -14.00 -12.69
C ILE A 415 -20.40 -13.12 -13.92
N GLY A 416 -20.58 -13.72 -15.09
CA GLY A 416 -20.33 -13.03 -16.35
C GLY A 416 -18.95 -13.32 -16.91
N TRP A 417 -18.07 -13.86 -16.08
CA TRP A 417 -16.75 -14.31 -16.51
C TRP A 417 -16.86 -15.19 -17.75
N SER A 418 -17.88 -16.03 -17.76
CA SER A 418 -17.97 -17.11 -18.74
C SER A 418 -18.10 -16.62 -20.18
N VAL A 419 -18.70 -15.46 -20.38
CA VAL A 419 -18.93 -14.95 -21.73
C VAL A 419 -17.65 -14.45 -22.42
N PRO A 420 -16.91 -13.55 -21.76
CA PRO A 420 -15.61 -13.17 -22.33
C PRO A 420 -14.65 -14.37 -22.35
N ALA A 421 -14.71 -15.19 -21.32
CA ALA A 421 -13.82 -16.34 -21.22
C ALA A 421 -14.05 -17.29 -22.39
N ALA A 422 -15.31 -17.54 -22.70
CA ALA A 422 -15.67 -18.45 -23.79
C ALA A 422 -15.16 -17.89 -25.11
N PHE A 423 -15.19 -16.57 -25.25
CA PHE A 423 -14.67 -15.91 -26.44
C PHE A 423 -13.16 -16.11 -26.56
N GLY A 424 -12.45 -15.84 -25.47
CA GLY A 424 -11.01 -15.96 -25.47
C GLY A 424 -10.58 -17.39 -25.68
N TYR A 425 -11.30 -18.31 -25.03
CA TYR A 425 -10.99 -19.74 -25.14
C TYR A 425 -11.25 -20.23 -26.56
N ALA A 426 -12.29 -19.73 -27.20
CA ALA A 426 -12.65 -20.15 -28.55
C ALA A 426 -11.61 -19.66 -29.55
N VAL A 427 -11.09 -18.46 -29.32
CA VAL A 427 -10.03 -17.90 -30.14
C VAL A 427 -8.79 -18.77 -30.06
N GLY A 428 -8.52 -19.30 -28.87
CA GLY A 428 -7.33 -20.11 -28.65
C GLY A 428 -7.53 -21.58 -28.97
N ALA A 429 -8.77 -22.02 -29.07
CA ALA A 429 -9.06 -23.43 -29.32
C ALA A 429 -10.10 -23.62 -30.42
N PRO A 430 -9.74 -23.24 -31.66
CA PRO A 430 -10.65 -23.33 -32.81
C PRO A 430 -10.97 -24.78 -33.17
N GLU A 431 -10.13 -25.73 -32.75
CA GLU A 431 -10.30 -27.12 -33.13
C GLU A 431 -11.13 -27.92 -32.13
N ARG A 432 -11.81 -27.24 -31.23
CA ARG A 432 -12.66 -27.93 -30.27
C ARG A 432 -14.12 -27.50 -30.43
N ARG A 433 -15.03 -28.32 -29.92
CA ARG A 433 -16.44 -27.94 -29.83
C ARG A 433 -16.62 -27.12 -28.57
N ASN A 434 -16.79 -25.81 -28.74
CA ASN A 434 -16.82 -24.89 -27.60
C ASN A 434 -18.24 -24.52 -27.17
N ILE A 435 -18.60 -24.98 -25.97
CA ILE A 435 -19.93 -24.82 -25.42
C ILE A 435 -19.90 -23.92 -24.21
N LEU A 436 -20.89 -23.04 -24.10
CA LEU A 436 -20.98 -22.12 -22.97
C LEU A 436 -22.32 -22.28 -22.29
N MET A 437 -22.28 -22.71 -21.04
CA MET A 437 -23.49 -22.87 -20.24
C MET A 437 -23.56 -21.68 -19.27
N VAL A 438 -24.52 -20.80 -19.51
CA VAL A 438 -24.57 -19.54 -18.78
C VAL A 438 -26.01 -19.17 -18.43
N GLY A 439 -26.17 -18.64 -17.21
CA GLY A 439 -27.48 -18.20 -16.74
C GLY A 439 -27.80 -16.80 -17.20
N ASP A 440 -29.08 -16.45 -17.20
CA ASP A 440 -29.51 -15.13 -17.63
C ASP A 440 -28.87 -14.02 -16.79
N GLY A 441 -28.85 -14.23 -15.47
CA GLY A 441 -28.28 -13.25 -14.56
C GLY A 441 -26.83 -12.93 -14.86
N SER A 442 -26.00 -13.97 -14.95
CA SER A 442 -24.58 -13.80 -15.22
C SER A 442 -24.35 -13.22 -16.61
N PHE A 443 -25.13 -13.68 -17.58
CA PHE A 443 -24.97 -13.26 -18.97
C PHE A 443 -25.03 -11.74 -19.06
N GLN A 444 -25.91 -11.14 -18.26
CA GLN A 444 -26.13 -9.70 -18.33
C GLN A 444 -24.93 -8.81 -17.97
N LEU A 445 -23.94 -9.37 -17.27
CA LEU A 445 -22.76 -8.57 -16.89
C LEU A 445 -21.78 -8.33 -18.05
N THR A 446 -21.78 -9.22 -19.03
CA THR A 446 -20.72 -9.25 -20.02
C THR A 446 -21.21 -9.62 -21.42
N ALA A 447 -22.53 -9.58 -21.61
CA ALA A 447 -23.15 -10.09 -22.83
C ALA A 447 -22.57 -9.53 -24.14
N GLN A 448 -22.03 -8.32 -24.10
CA GLN A 448 -21.61 -7.68 -25.36
C GLN A 448 -20.44 -8.38 -26.04
N GLU A 449 -19.68 -9.19 -25.31
CA GLU A 449 -18.56 -9.90 -25.92
C GLU A 449 -18.99 -11.01 -26.88
N VAL A 450 -20.25 -11.41 -26.84
CA VAL A 450 -20.77 -12.33 -27.85
C VAL A 450 -20.61 -11.71 -29.24
N ALA A 451 -20.67 -10.38 -29.30
CA ALA A 451 -20.55 -9.68 -30.57
C ALA A 451 -19.17 -9.89 -31.18
N GLN A 452 -18.18 -10.09 -30.32
CA GLN A 452 -16.84 -10.39 -30.78
C GLN A 452 -16.77 -11.80 -31.34
N MET A 453 -17.54 -12.71 -30.73
CA MET A 453 -17.73 -14.05 -31.28
C MET A 453 -18.30 -13.95 -32.70
N VAL A 454 -19.28 -13.07 -32.87
CA VAL A 454 -19.89 -12.86 -34.19
C VAL A 454 -18.85 -12.28 -35.15
N ARG A 455 -18.11 -11.29 -34.65
CA ARG A 455 -17.08 -10.62 -35.44
C ARG A 455 -16.03 -11.59 -35.98
N LEU A 456 -15.54 -12.48 -35.12
CA LEU A 456 -14.48 -13.40 -35.52
C LEU A 456 -15.04 -14.74 -35.98
N LYS A 457 -16.35 -14.79 -36.20
CA LYS A 457 -17.03 -15.95 -36.75
C LYS A 457 -16.80 -17.23 -35.94
N LEU A 458 -16.79 -17.10 -34.62
CA LEU A 458 -16.56 -18.23 -33.74
C LEU A 458 -17.86 -19.02 -33.50
N PRO A 459 -17.83 -20.33 -33.79
CA PRO A 459 -19.01 -21.20 -33.71
C PRO A 459 -19.24 -21.72 -32.29
N VAL A 460 -19.29 -20.80 -31.32
CA VAL A 460 -19.56 -21.16 -29.94
C VAL A 460 -21.04 -21.49 -29.79
N ILE A 461 -21.34 -22.57 -29.08
CA ILE A 461 -22.73 -22.90 -28.77
C ILE A 461 -23.09 -22.48 -27.36
N ILE A 462 -24.04 -21.56 -27.25
CA ILE A 462 -24.36 -20.94 -25.98
C ILE A 462 -25.73 -21.35 -25.48
N PHE A 463 -25.76 -22.08 -24.37
CA PHE A 463 -27.01 -22.40 -23.70
C PHE A 463 -27.25 -21.33 -22.63
N LEU A 464 -28.20 -20.45 -22.91
CA LEU A 464 -28.59 -19.39 -21.97
C LEU A 464 -29.76 -19.91 -21.13
N ILE A 465 -29.50 -20.11 -19.85
CA ILE A 465 -30.52 -20.64 -18.96
C ILE A 465 -31.39 -19.51 -18.40
N ASN A 466 -32.54 -19.29 -19.03
CA ASN A 466 -33.44 -18.22 -18.59
C ASN A 466 -34.47 -18.69 -17.57
N ASN A 467 -34.14 -18.56 -16.30
CA ASN A 467 -35.06 -18.91 -15.21
C ASN A 467 -35.47 -17.63 -14.48
N TYR A 468 -35.43 -16.51 -15.18
N TYR A 468 -35.40 -16.51 -15.18
CA TYR A 468 -35.89 -15.23 -14.64
CA TYR A 468 -35.86 -15.23 -14.65
C TYR A 468 -35.28 -14.83 -13.28
C TYR A 468 -35.28 -14.83 -13.30
N GLY A 469 -33.95 -14.78 -13.21
CA GLY A 469 -33.29 -14.29 -12.01
C GLY A 469 -32.07 -15.05 -11.54
N TYR A 470 -31.58 -14.71 -10.35
CA TYR A 470 -30.40 -15.36 -9.79
C TYR A 470 -30.81 -16.56 -8.94
N THR A 471 -31.03 -17.72 -9.57
CA THR A 471 -31.48 -18.90 -8.82
C THR A 471 -30.49 -19.32 -7.74
N ILE A 472 -29.20 -19.37 -8.06
CA ILE A 472 -28.23 -19.81 -7.07
C ILE A 472 -28.28 -18.99 -5.77
N ASP A 473 -28.52 -17.69 -5.88
CA ASP A 473 -28.64 -16.83 -4.70
C ASP A 473 -29.99 -16.98 -4.02
N VAL A 474 -31.01 -17.30 -4.80
CA VAL A 474 -32.30 -17.63 -4.21
C VAL A 474 -32.14 -18.81 -3.28
N MET A 475 -31.27 -19.75 -3.65
CA MET A 475 -31.05 -20.96 -2.85
C MET A 475 -30.03 -20.77 -1.72
N ILE A 476 -29.42 -19.60 -1.63
CA ILE A 476 -28.60 -19.27 -0.47
C ILE A 476 -29.44 -18.41 0.47
N HIS A 477 -29.83 -17.24 -0.03
CA HIS A 477 -30.63 -16.32 0.73
C HIS A 477 -31.45 -15.46 -0.22
N ASP A 478 -32.77 -15.63 -0.19
CA ASP A 478 -33.64 -15.01 -1.19
C ASP A 478 -34.18 -13.64 -0.79
N GLY A 479 -34.22 -12.73 -1.76
CA GLY A 479 -34.76 -11.40 -1.57
C GLY A 479 -35.04 -10.78 -2.93
N PRO A 480 -35.63 -9.57 -2.92
CA PRO A 480 -35.96 -8.84 -4.15
C PRO A 480 -34.74 -8.60 -5.04
N TYR A 481 -33.57 -8.57 -4.43
CA TYR A 481 -32.31 -8.34 -5.14
C TYR A 481 -31.92 -9.52 -6.00
N ASN A 482 -32.76 -10.55 -6.02
CA ASN A 482 -32.50 -11.72 -6.85
C ASN A 482 -33.29 -11.71 -8.15
N ASN A 483 -34.10 -10.68 -8.33
CA ASN A 483 -34.86 -10.49 -9.58
C ASN A 483 -34.09 -9.60 -10.54
N ILE A 484 -34.19 -9.89 -11.84
CA ILE A 484 -33.54 -9.08 -12.86
C ILE A 484 -34.53 -8.68 -13.94
N LYS A 485 -34.19 -7.67 -14.73
CA LYS A 485 -34.99 -7.31 -15.90
C LYS A 485 -34.80 -8.37 -16.98
N ASN A 486 -35.88 -8.98 -17.42
CA ASN A 486 -35.80 -10.00 -18.45
C ASN A 486 -35.39 -9.40 -19.79
N TRP A 487 -34.64 -10.17 -20.57
CA TRP A 487 -34.26 -9.78 -21.92
C TRP A 487 -34.82 -10.77 -22.92
N ASP A 488 -34.93 -10.35 -24.17
CA ASP A 488 -35.11 -11.30 -25.26
C ASP A 488 -33.72 -11.74 -25.68
N TYR A 489 -33.16 -12.68 -24.92
CA TYR A 489 -31.78 -13.10 -25.15
C TYR A 489 -31.57 -13.64 -26.56
N ALA A 490 -32.51 -14.47 -27.02
CA ALA A 490 -32.46 -14.97 -28.39
C ALA A 490 -32.33 -13.81 -29.37
N GLY A 491 -33.17 -12.80 -29.21
CA GLY A 491 -33.20 -11.67 -30.12
C GLY A 491 -31.92 -10.87 -30.12
N LEU A 492 -31.14 -10.97 -29.03
CA LEU A 492 -29.89 -10.22 -28.91
C LEU A 492 -28.90 -10.55 -30.02
N MET A 493 -29.00 -11.76 -30.56
CA MET A 493 -28.06 -12.24 -31.56
C MET A 493 -28.11 -11.46 -32.88
N GLU A 494 -29.31 -11.17 -33.37
CA GLU A 494 -29.45 -10.37 -34.58
C GLU A 494 -28.99 -8.93 -34.36
N VAL A 495 -29.11 -8.43 -33.14
CA VAL A 495 -28.59 -7.10 -32.83
C VAL A 495 -27.08 -7.07 -33.05
N PHE A 496 -26.40 -8.11 -32.57
CA PHE A 496 -24.95 -8.16 -32.71
C PHE A 496 -24.54 -8.41 -34.17
N ASN A 497 -25.38 -9.10 -34.93
CA ASN A 497 -25.12 -9.28 -36.35
C ASN A 497 -25.11 -7.94 -37.07
N GLY A 498 -26.13 -7.12 -36.79
CA GLY A 498 -26.27 -5.84 -37.43
C GLY A 498 -26.43 -5.97 -38.93
N ASN A 499 -27.00 -7.09 -39.37
CA ASN A 499 -27.24 -7.30 -40.80
C ASN A 499 -28.12 -6.19 -41.37
N GLY A 500 -27.64 -5.55 -42.43
CA GLY A 500 -28.29 -4.39 -43.00
C GLY A 500 -27.58 -3.12 -42.63
N GLY A 501 -26.56 -3.25 -41.77
CA GLY A 501 -25.80 -2.10 -41.30
C GLY A 501 -24.44 -1.95 -41.96
N TYR A 502 -23.48 -1.44 -41.19
CA TYR A 502 -22.12 -1.18 -41.69
C TYR A 502 -21.38 -2.46 -42.02
N ASP A 503 -21.64 -3.51 -41.26
CA ASP A 503 -21.02 -4.81 -41.52
C ASP A 503 -22.05 -5.94 -41.48
N SER A 504 -21.63 -7.12 -41.05
CA SER A 504 -22.51 -8.27 -41.03
C SER A 504 -22.15 -9.24 -39.92
N GLY A 505 -22.96 -10.28 -39.75
CA GLY A 505 -22.73 -11.28 -38.74
C GLY A 505 -23.59 -12.50 -38.97
N ALA A 506 -23.13 -13.67 -38.54
CA ALA A 506 -23.87 -14.92 -38.73
C ALA A 506 -24.21 -15.63 -37.43
N GLY A 507 -24.37 -14.86 -36.36
CA GLY A 507 -24.85 -15.43 -35.12
C GLY A 507 -26.31 -15.80 -35.26
N LYS A 508 -26.76 -16.79 -34.49
CA LYS A 508 -28.17 -17.17 -34.49
C LYS A 508 -28.71 -17.23 -33.06
N GLY A 509 -29.94 -16.74 -32.88
CA GLY A 509 -30.59 -16.81 -31.60
C GLY A 509 -31.82 -17.69 -31.68
N LEU A 510 -31.98 -18.59 -30.72
CA LEU A 510 -33.07 -19.56 -30.76
C LEU A 510 -33.74 -19.67 -29.40
N LYS A 511 -34.99 -20.11 -29.40
CA LYS A 511 -35.75 -20.30 -28.15
C LYS A 511 -36.14 -21.77 -27.95
N ALA A 512 -36.06 -22.24 -26.71
CA ALA A 512 -36.42 -23.61 -26.41
C ALA A 512 -37.26 -23.71 -25.13
N LYS A 513 -38.50 -24.17 -25.29
CA LYS A 513 -39.42 -24.27 -24.16
C LYS A 513 -39.83 -25.72 -23.93
N THR A 514 -39.35 -26.61 -24.79
CA THR A 514 -39.56 -28.04 -24.61
C THR A 514 -38.30 -28.82 -24.98
N GLY A 515 -38.27 -30.10 -24.62
CA GLY A 515 -37.18 -30.97 -25.01
C GLY A 515 -37.05 -31.02 -26.52
N GLY A 516 -38.19 -31.13 -27.20
CA GLY A 516 -38.24 -31.21 -28.65
C GLY A 516 -37.63 -29.98 -29.32
N GLU A 517 -38.00 -28.81 -28.81
CA GLU A 517 -37.45 -27.55 -29.31
C GLU A 517 -35.95 -27.47 -29.02
N LEU A 518 -35.56 -27.87 -27.83
CA LEU A 518 -34.15 -27.85 -27.44
C LEU A 518 -33.33 -28.69 -28.42
N ALA A 519 -33.84 -29.87 -28.76
CA ALA A 519 -33.14 -30.78 -29.66
C ALA A 519 -33.01 -30.19 -31.05
N GLU A 520 -34.10 -29.60 -31.55
CA GLU A 520 -34.06 -28.95 -32.85
C GLU A 520 -33.09 -27.76 -32.84
N ALA A 521 -33.20 -26.92 -31.81
CA ALA A 521 -32.28 -25.79 -31.66
C ALA A 521 -30.82 -26.25 -31.64
N ILE A 522 -30.56 -27.37 -30.97
CA ILE A 522 -29.22 -27.91 -30.91
C ILE A 522 -28.72 -28.31 -32.29
N LYS A 523 -29.59 -28.92 -33.09
CA LYS A 523 -29.23 -29.32 -34.43
C LYS A 523 -28.90 -28.08 -35.27
N VAL A 524 -29.66 -27.01 -35.07
CA VAL A 524 -29.38 -25.75 -35.75
C VAL A 524 -28.03 -25.19 -35.31
N ALA A 525 -27.80 -25.16 -34.01
CA ALA A 525 -26.55 -24.67 -33.46
C ALA A 525 -25.35 -25.32 -34.14
N LEU A 526 -25.31 -26.65 -34.12
CA LEU A 526 -24.22 -27.40 -34.73
C LEU A 526 -24.07 -27.07 -36.22
N ALA A 527 -25.19 -26.80 -36.88
CA ALA A 527 -25.18 -26.51 -38.32
C ALA A 527 -24.71 -25.08 -38.63
N ASN A 528 -24.88 -24.17 -37.67
CA ASN A 528 -24.37 -22.82 -37.81
C ASN A 528 -22.87 -22.82 -37.56
N THR A 529 -22.10 -22.68 -38.63
CA THR A 529 -20.65 -22.77 -38.54
C THR A 529 -19.92 -21.43 -38.70
N ASP A 530 -20.66 -20.39 -39.09
CA ASP A 530 -20.05 -19.09 -39.37
C ASP A 530 -20.22 -18.09 -38.24
N GLY A 531 -20.80 -18.54 -37.13
CA GLY A 531 -20.99 -17.68 -35.98
C GLY A 531 -21.59 -18.42 -34.80
N PRO A 532 -21.60 -17.78 -33.63
CA PRO A 532 -22.11 -18.35 -32.38
C PRO A 532 -23.62 -18.55 -32.39
N THR A 533 -24.11 -19.56 -31.66
CA THR A 533 -25.54 -19.81 -31.56
C THR A 533 -26.00 -19.75 -30.11
N LEU A 534 -26.91 -18.82 -29.82
CA LEU A 534 -27.47 -18.74 -28.48
C LEU A 534 -28.82 -19.44 -28.40
N ILE A 535 -28.90 -20.44 -27.53
CA ILE A 535 -30.15 -21.14 -27.29
C ILE A 535 -30.73 -20.71 -25.95
N GLU A 536 -31.85 -20.01 -25.99
CA GLU A 536 -32.49 -19.50 -24.79
C GLU A 536 -33.42 -20.54 -24.19
N CYS A 537 -32.99 -21.14 -23.08
CA CYS A 537 -33.75 -22.21 -22.45
C CYS A 537 -34.60 -21.70 -21.30
N PHE A 538 -35.91 -21.82 -21.44
CA PHE A 538 -36.84 -21.39 -20.40
C PHE A 538 -37.14 -22.52 -19.40
N ILE A 539 -36.91 -22.25 -18.13
CA ILE A 539 -37.26 -23.16 -17.04
C ILE A 539 -37.60 -22.34 -15.81
N GLY A 540 -38.16 -23.00 -14.80
CA GLY A 540 -38.58 -22.31 -13.59
C GLY A 540 -37.42 -21.99 -12.66
N ARG A 541 -37.60 -20.96 -11.84
CA ARG A 541 -36.60 -20.53 -10.87
C ARG A 541 -36.30 -21.63 -9.86
N GLU A 542 -37.34 -22.34 -9.44
CA GLU A 542 -37.18 -23.41 -8.45
C GLU A 542 -36.76 -24.71 -9.10
N ASP A 543 -36.75 -24.74 -10.43
CA ASP A 543 -36.37 -25.93 -11.16
C ASP A 543 -34.85 -26.02 -11.30
N CYS A 544 -34.19 -26.31 -10.19
CA CYS A 544 -32.73 -26.35 -10.17
C CYS A 544 -32.25 -27.68 -9.59
N THR A 545 -30.94 -27.89 -9.61
CA THR A 545 -30.39 -29.14 -9.06
C THR A 545 -30.71 -29.30 -7.57
N GLU A 546 -30.82 -30.53 -7.13
CA GLU A 546 -30.98 -30.83 -5.72
C GLU A 546 -29.69 -30.51 -4.99
N GLU A 547 -28.57 -30.63 -5.72
CA GLU A 547 -27.25 -30.32 -5.17
C GLU A 547 -27.14 -28.86 -4.76
N LEU A 548 -27.59 -27.96 -5.62
CA LEU A 548 -27.57 -26.54 -5.30
C LEU A 548 -28.32 -26.25 -3.99
N VAL A 549 -29.55 -26.73 -3.89
CA VAL A 549 -30.35 -26.49 -2.69
C VAL A 549 -29.59 -26.88 -1.41
N LYS A 550 -28.99 -28.06 -1.43
CA LYS A 550 -28.25 -28.55 -0.27
C LYS A 550 -26.99 -27.72 -0.02
N TRP A 551 -26.28 -27.42 -1.09
CA TRP A 551 -25.05 -26.66 -1.00
C TRP A 551 -25.34 -25.23 -0.54
N GLY A 552 -26.40 -24.64 -1.10
CA GLY A 552 -26.76 -23.27 -0.79
C GLY A 552 -27.11 -23.10 0.68
N LYS A 553 -27.74 -24.11 1.26
CA LYS A 553 -28.08 -24.07 2.67
C LYS A 553 -26.81 -24.01 3.52
N ARG A 554 -25.81 -24.80 3.13
CA ARG A 554 -24.56 -24.83 3.88
C ARG A 554 -23.82 -23.50 3.77
N VAL A 555 -23.68 -23.00 2.54
CA VAL A 555 -22.99 -21.75 2.32
C VAL A 555 -23.61 -20.64 3.18
N ALA A 556 -24.93 -20.56 3.15
CA ALA A 556 -25.65 -19.53 3.90
C ALA A 556 -25.31 -19.58 5.39
N ALA A 557 -25.32 -20.78 5.96
CA ALA A 557 -25.07 -20.95 7.39
C ALA A 557 -23.65 -20.56 7.76
N ALA A 558 -22.69 -20.92 6.92
CA ALA A 558 -21.30 -20.56 7.19
C ALA A 558 -21.05 -19.05 7.07
N ASN A 559 -21.61 -18.42 6.04
CA ASN A 559 -21.49 -16.96 5.88
C ASN A 559 -22.03 -16.20 7.09
N SER A 560 -23.12 -16.71 7.66
CA SER A 560 -23.86 -15.96 8.68
C SER A 560 -23.54 -16.35 10.12
N ARG A 561 -22.68 -17.34 10.31
CA ARG A 561 -22.36 -17.77 11.67
C ARG A 561 -21.85 -16.57 12.48
N LYS A 562 -22.33 -16.47 13.72
CA LYS A 562 -22.07 -15.30 14.55
C LYS A 562 -20.61 -15.21 14.99
N PRO A 563 -20.15 -13.97 15.28
CA PRO A 563 -18.80 -13.72 15.77
C PRO A 563 -18.45 -14.61 16.96
N VAL A 564 -17.21 -15.07 17.01
CA VAL A 564 -16.73 -15.86 18.14
C VAL A 564 -15.98 -14.95 19.12
N ASN A 565 -16.25 -15.13 20.42
CA ASN A 565 -15.56 -14.34 21.44
C ASN A 565 -14.05 -14.49 21.35
N LYS A 566 -13.36 -13.37 21.14
CA LYS A 566 -11.91 -13.38 21.00
C LYS A 566 -11.23 -12.70 22.20
N SER B 2 -33.93 -1.63 18.18
CA SER B 2 -33.31 -0.36 17.82
C SER B 2 -32.68 -0.41 16.43
N TYR B 3 -31.37 -0.21 16.37
CA TYR B 3 -30.66 -0.16 15.10
C TYR B 3 -29.64 -1.28 14.92
N THR B 4 -29.37 -1.61 13.66
CA THR B 4 -28.33 -2.56 13.31
C THR B 4 -27.29 -1.86 12.47
N VAL B 5 -26.15 -2.51 12.26
CA VAL B 5 -25.11 -1.96 11.40
C VAL B 5 -25.73 -1.52 10.09
N GLY B 6 -26.56 -2.39 9.51
CA GLY B 6 -27.21 -2.11 8.25
C GLY B 6 -28.18 -0.94 8.31
N THR B 7 -29.05 -0.94 9.32
CA THR B 7 -30.09 0.08 9.39
C THR B 7 -29.51 1.41 9.86
N TYR B 8 -28.40 1.36 10.56
CA TYR B 8 -27.65 2.55 10.90
C TYR B 8 -27.19 3.22 9.61
N LEU B 9 -26.47 2.46 8.80
CA LEU B 9 -25.99 2.93 7.49
C LEU B 9 -27.13 3.49 6.66
N ALA B 10 -28.24 2.77 6.63
CA ALA B 10 -29.40 3.17 5.83
C ALA B 10 -29.93 4.51 6.29
N GLU B 11 -30.02 4.69 7.61
CA GLU B 11 -30.52 5.94 8.18
C GLU B 11 -29.60 7.11 7.84
N ARG B 12 -28.29 6.88 7.89
CA ARG B 12 -27.32 7.91 7.57
C ARG B 12 -27.42 8.35 6.12
N LEU B 13 -27.60 7.39 5.23
CA LEU B 13 -27.75 7.69 3.82
C LEU B 13 -29.03 8.50 3.58
N VAL B 14 -30.11 8.13 4.26
CA VAL B 14 -31.35 8.89 4.16
C VAL B 14 -31.14 10.31 4.67
N GLN B 15 -30.45 10.43 5.80
CA GLN B 15 -30.18 11.73 6.41
C GLN B 15 -29.37 12.68 5.53
N ILE B 16 -28.59 12.14 4.59
CA ILE B 16 -27.77 12.99 3.74
C ILE B 16 -28.50 13.44 2.46
N GLY B 17 -29.70 12.91 2.24
CA GLY B 17 -30.52 13.32 1.11
C GLY B 17 -30.76 12.23 0.08
N LEU B 18 -30.22 11.04 0.33
CA LEU B 18 -30.39 9.91 -0.59
C LEU B 18 -31.81 9.34 -0.51
N LYS B 19 -32.44 9.22 -1.67
CA LYS B 19 -33.73 8.58 -1.77
C LYS B 19 -33.58 7.21 -2.42
N HIS B 20 -32.38 6.93 -2.92
CA HIS B 20 -32.07 5.62 -3.50
C HIS B 20 -30.63 5.23 -3.20
N HIS B 21 -30.36 3.92 -3.30
CA HIS B 21 -28.99 3.42 -3.40
C HIS B 21 -28.97 2.32 -4.46
N PHE B 22 -27.83 2.15 -5.13
CA PHE B 22 -27.71 1.16 -6.18
C PHE B 22 -26.89 -0.03 -5.72
N ALA B 23 -27.26 -1.22 -6.19
CA ALA B 23 -26.64 -2.43 -5.67
C ALA B 23 -26.60 -3.58 -6.67
N VAL B 24 -25.63 -4.47 -6.45
CA VAL B 24 -25.61 -5.78 -7.11
C VAL B 24 -25.47 -6.83 -6.02
N ALA B 25 -26.45 -7.73 -5.91
CA ALA B 25 -26.46 -8.70 -4.83
C ALA B 25 -25.29 -9.68 -4.91
N GLY B 26 -24.91 -10.21 -3.75
CA GLY B 26 -23.88 -11.25 -3.64
C GLY B 26 -23.97 -11.82 -2.24
N ASP B 27 -23.60 -13.09 -2.07
CA ASP B 27 -23.78 -13.74 -0.77
C ASP B 27 -23.11 -13.00 0.40
N TYR B 28 -22.10 -12.17 0.11
CA TYR B 28 -21.43 -11.39 1.15
C TYR B 28 -22.22 -10.16 1.57
N ASN B 29 -23.28 -9.81 0.84
CA ASN B 29 -24.03 -8.59 1.15
C ASN B 29 -25.54 -8.74 1.21
N LEU B 30 -26.03 -9.97 1.08
CA LEU B 30 -27.48 -10.19 1.09
C LEU B 30 -28.15 -9.72 2.37
N VAL B 31 -27.57 -10.06 3.52
CA VAL B 31 -28.16 -9.64 4.80
C VAL B 31 -28.09 -8.12 4.95
N LEU B 32 -26.97 -7.54 4.53
CA LEU B 32 -26.84 -6.09 4.49
C LEU B 32 -27.96 -5.48 3.66
N LEU B 33 -28.15 -6.01 2.45
CA LEU B 33 -29.20 -5.52 1.56
C LEU B 33 -30.55 -5.65 2.25
N ASP B 34 -30.78 -6.78 2.91
CA ASP B 34 -31.98 -7.00 3.73
C ASP B 34 -32.17 -5.83 4.69
N ASN B 35 -31.13 -5.56 5.47
CA ASN B 35 -31.18 -4.45 6.44
C ASN B 35 -31.45 -3.09 5.81
N LEU B 36 -30.82 -2.82 4.66
CA LEU B 36 -31.03 -1.56 3.96
C LEU B 36 -32.49 -1.41 3.55
N LEU B 37 -33.13 -2.53 3.23
CA LEU B 37 -34.51 -2.53 2.77
C LEU B 37 -35.51 -2.22 3.89
N LEU B 38 -35.06 -2.32 5.14
CA LEU B 38 -35.92 -2.04 6.27
C LEU B 38 -36.28 -0.55 6.39
N ASN B 39 -35.48 0.30 5.75
CA ASN B 39 -35.67 1.74 5.85
C ASN B 39 -36.79 2.24 4.93
N LYS B 40 -37.75 2.96 5.49
CA LYS B 40 -38.92 3.38 4.73
C LYS B 40 -38.77 4.72 4.00
N ASN B 41 -37.54 5.21 3.91
CA ASN B 41 -37.28 6.47 3.23
C ASN B 41 -36.34 6.32 2.04
N MET B 42 -36.03 5.08 1.68
CA MET B 42 -35.08 4.83 0.62
C MET B 42 -35.48 3.63 -0.22
N GLU B 43 -35.18 3.71 -1.51
CA GLU B 43 -35.41 2.59 -2.42
C GLU B 43 -34.08 1.93 -2.74
N GLN B 44 -34.15 0.66 -3.13
CA GLN B 44 -32.97 -0.11 -3.49
C GLN B 44 -33.01 -0.42 -4.99
N VAL B 45 -32.04 0.13 -5.72
CA VAL B 45 -32.02 -0.01 -7.18
C VAL B 45 -30.93 -0.96 -7.65
N TYR B 46 -31.32 -1.98 -8.40
CA TYR B 46 -30.38 -3.00 -8.86
C TYR B 46 -29.80 -2.69 -10.24
N CYS B 47 -28.56 -3.13 -10.45
CA CYS B 47 -27.84 -2.88 -11.70
C CYS B 47 -27.34 -4.18 -12.32
N CYS B 48 -26.93 -4.13 -13.58
CA CYS B 48 -26.48 -5.31 -14.30
C CYS B 48 -25.13 -5.79 -13.81
N ASN B 49 -24.18 -4.86 -13.69
CA ASN B 49 -22.86 -5.19 -13.20
C ASN B 49 -22.34 -4.07 -12.30
N GLU B 50 -21.17 -4.28 -11.71
CA GLU B 50 -20.71 -3.38 -10.67
C GLU B 50 -20.03 -2.11 -11.21
N LEU B 51 -19.44 -2.20 -12.40
CA LEU B 51 -18.96 -1.00 -13.08
C LEU B 51 -20.12 -0.03 -13.29
N ASN B 52 -21.21 -0.54 -13.86
CA ASN B 52 -22.40 0.27 -14.09
C ASN B 52 -23.09 0.69 -12.79
N CYS B 53 -23.06 -0.17 -11.79
CA CYS B 53 -23.63 0.17 -10.50
C CYS B 53 -22.93 1.40 -9.93
N GLY B 54 -21.61 1.45 -10.13
CA GLY B 54 -20.81 2.54 -9.63
C GLY B 54 -21.03 3.83 -10.39
N PHE B 55 -21.05 3.75 -11.72
CA PHE B 55 -21.29 4.93 -12.54
C PHE B 55 -22.73 5.40 -12.38
N SER B 56 -23.61 4.50 -11.99
CA SER B 56 -25.00 4.86 -11.75
C SER B 56 -25.10 5.70 -10.50
N ALA B 57 -24.36 5.32 -9.46
CA ALA B 57 -24.28 6.13 -8.27
C ALA B 57 -23.64 7.49 -8.61
N GLU B 58 -22.66 7.49 -9.51
CA GLU B 58 -21.96 8.71 -9.87
C GLU B 58 -22.91 9.70 -10.55
N GLY B 59 -23.79 9.20 -11.41
CA GLY B 59 -24.75 10.03 -12.10
C GLY B 59 -25.83 10.51 -11.15
N TYR B 60 -26.20 9.63 -10.22
CA TYR B 60 -27.15 9.97 -9.19
C TYR B 60 -26.64 11.14 -8.33
N ALA B 61 -25.35 11.11 -8.02
CA ALA B 61 -24.76 12.14 -7.19
C ALA B 61 -24.70 13.50 -7.92
N ARG B 62 -24.63 13.46 -9.24
CA ARG B 62 -24.68 14.68 -10.03
C ARG B 62 -26.07 15.32 -9.91
N ALA B 63 -27.07 14.49 -9.65
CA ALA B 63 -28.45 14.96 -9.55
C ALA B 63 -28.83 15.33 -8.13
N LYS B 64 -28.40 14.52 -7.17
CA LYS B 64 -28.85 14.63 -5.79
C LYS B 64 -27.81 15.22 -4.86
N GLY B 65 -26.54 15.17 -5.26
CA GLY B 65 -25.45 15.71 -4.46
C GLY B 65 -24.53 14.62 -3.92
N ALA B 66 -25.12 13.50 -3.53
CA ALA B 66 -24.36 12.33 -3.07
C ALA B 66 -25.04 11.06 -3.57
N ALA B 67 -24.40 9.92 -3.31
CA ALA B 67 -24.92 8.63 -3.75
C ALA B 67 -24.28 7.45 -3.03
N ALA B 68 -24.91 6.28 -3.16
CA ALA B 68 -24.39 5.07 -2.52
C ALA B 68 -24.50 3.86 -3.45
N ALA B 69 -23.43 3.07 -3.48
CA ALA B 69 -23.45 1.79 -4.18
C ALA B 69 -23.03 0.65 -3.25
N VAL B 70 -23.71 -0.48 -3.39
CA VAL B 70 -23.41 -1.67 -2.60
C VAL B 70 -23.09 -2.81 -3.53
N VAL B 71 -21.93 -3.42 -3.33
CA VAL B 71 -21.48 -4.57 -4.13
C VAL B 71 -21.03 -5.70 -3.21
N THR B 72 -20.63 -6.82 -3.80
CA THR B 72 -20.11 -7.94 -3.01
C THR B 72 -18.59 -7.92 -2.97
N TYR B 73 -18.01 -8.71 -2.08
CA TYR B 73 -16.57 -8.66 -1.87
C TYR B 73 -15.77 -9.06 -3.12
N SER B 74 -14.90 -8.16 -3.55
CA SER B 74 -13.82 -8.49 -4.48
C SER B 74 -14.27 -8.58 -5.93
N VAL B 75 -15.00 -9.63 -6.26
CA VAL B 75 -15.54 -9.75 -7.61
C VAL B 75 -16.46 -8.58 -7.89
N GLY B 76 -17.12 -8.08 -6.85
CA GLY B 76 -17.97 -6.90 -7.01
C GLY B 76 -17.23 -5.57 -6.89
N ALA B 77 -16.34 -5.48 -5.92
CA ALA B 77 -15.69 -4.22 -5.58
C ALA B 77 -14.65 -3.74 -6.59
N LEU B 78 -13.81 -4.66 -7.09
CA LEU B 78 -12.69 -4.28 -7.95
C LEU B 78 -13.11 -3.56 -9.22
N SER B 79 -14.17 -4.02 -9.87
CA SER B 79 -14.65 -3.34 -11.06
C SER B 79 -15.29 -2.00 -10.70
N ALA B 80 -15.99 -1.97 -9.58
CA ALA B 80 -16.61 -0.74 -9.09
C ALA B 80 -15.56 0.32 -8.78
N PHE B 81 -14.36 -0.13 -8.41
CA PHE B 81 -13.27 0.78 -8.07
C PHE B 81 -13.00 1.76 -9.21
N ASP B 82 -13.18 1.29 -10.44
CA ASP B 82 -13.01 2.12 -11.62
C ASP B 82 -13.97 3.29 -11.56
N ALA B 83 -15.22 3.00 -11.19
CA ALA B 83 -16.25 4.02 -11.07
C ALA B 83 -15.96 4.97 -9.89
N ILE B 84 -15.45 4.42 -8.80
CA ILE B 84 -15.08 5.21 -7.64
C ILE B 84 -13.93 6.17 -7.95
N GLY B 85 -12.92 5.68 -8.66
CA GLY B 85 -11.85 6.53 -9.12
C GLY B 85 -12.44 7.64 -9.94
N GLY B 86 -13.43 7.30 -10.76
CA GLY B 86 -14.15 8.28 -11.52
C GLY B 86 -14.83 9.32 -10.65
N ALA B 87 -15.46 8.87 -9.56
CA ALA B 87 -16.15 9.79 -8.66
C ALA B 87 -15.15 10.69 -7.94
N TYR B 88 -13.96 10.18 -7.67
CA TYR B 88 -12.90 11.02 -7.10
C TYR B 88 -12.48 12.10 -8.09
N ALA B 89 -12.26 11.70 -9.33
CA ALA B 89 -11.84 12.61 -10.38
C ALA B 89 -12.87 13.69 -10.64
N GLU B 90 -14.15 13.35 -10.50
CA GLU B 90 -15.24 14.28 -10.81
C GLU B 90 -15.83 14.95 -9.56
N ASN B 91 -15.18 14.72 -8.43
CA ASN B 91 -15.53 15.39 -7.18
C ASN B 91 -16.95 15.12 -6.70
N LEU B 92 -17.37 13.86 -6.78
CA LEU B 92 -18.71 13.49 -6.36
C LEU B 92 -18.65 12.54 -5.16
N PRO B 93 -19.33 12.91 -4.06
CA PRO B 93 -19.35 12.07 -2.87
C PRO B 93 -20.19 10.82 -3.08
N VAL B 94 -19.59 9.79 -3.66
CA VAL B 94 -20.24 8.48 -3.81
C VAL B 94 -19.73 7.55 -2.72
N ILE B 95 -20.65 6.92 -2.00
CA ILE B 95 -20.26 5.99 -0.95
C ILE B 95 -20.29 4.55 -1.46
N LEU B 96 -19.13 3.93 -1.59
CA LEU B 96 -19.08 2.51 -1.97
C LEU B 96 -19.07 1.62 -0.73
N ILE B 97 -20.07 0.74 -0.65
CA ILE B 97 -20.12 -0.24 0.43
C ILE B 97 -19.97 -1.63 -0.15
N SER B 98 -18.92 -2.32 0.27
CA SER B 98 -18.69 -3.69 -0.13
C SER B 98 -19.11 -4.68 0.96
N GLY B 99 -19.75 -5.78 0.56
CA GLY B 99 -19.89 -6.90 1.48
C GLY B 99 -18.49 -7.43 1.74
N ALA B 100 -18.29 -8.03 2.90
CA ALA B 100 -16.98 -8.58 3.24
C ALA B 100 -17.13 -9.94 3.94
N PRO B 101 -16.00 -10.66 4.10
CA PRO B 101 -16.02 -11.97 4.76
C PRO B 101 -16.57 -11.99 6.18
N ASN B 102 -17.06 -13.16 6.58
CA ASN B 102 -17.40 -13.42 7.98
C ASN B 102 -16.20 -13.09 8.86
N ASN B 103 -16.42 -12.30 9.91
CA ASN B 103 -15.32 -11.82 10.73
C ASN B 103 -14.44 -12.94 11.28
N ASN B 104 -15.03 -14.11 11.50
CA ASN B 104 -14.27 -15.24 12.02
C ASN B 104 -13.17 -15.73 11.07
N ASP B 105 -13.20 -15.25 9.82
CA ASP B 105 -12.32 -15.77 8.78
C ASP B 105 -10.97 -15.05 8.67
N HIS B 106 -10.70 -14.09 9.55
CA HIS B 106 -9.43 -13.39 9.55
C HIS B 106 -8.44 -14.07 10.50
N ALA B 107 -7.17 -14.14 10.10
CA ALA B 107 -6.14 -14.82 10.89
C ALA B 107 -6.57 -16.23 11.27
N ALA B 108 -7.17 -16.94 10.33
CA ALA B 108 -7.74 -18.26 10.62
C ALA B 108 -7.22 -19.37 9.71
N GLY B 109 -6.41 -19.00 8.73
CA GLY B 109 -5.91 -19.98 7.76
C GLY B 109 -7.00 -20.37 6.78
N HIS B 110 -7.96 -19.47 6.57
CA HIS B 110 -9.10 -19.76 5.70
C HIS B 110 -8.98 -19.11 4.33
N VAL B 111 -9.15 -19.92 3.29
CA VAL B 111 -9.29 -19.43 1.92
C VAL B 111 -10.77 -19.29 1.62
N LEU B 112 -11.17 -18.14 1.09
CA LEU B 112 -12.59 -17.87 0.84
C LEU B 112 -12.89 -17.58 -0.63
N HIS B 113 -14.10 -17.90 -1.06
CA HIS B 113 -14.52 -17.63 -2.43
C HIS B 113 -14.52 -16.14 -2.72
N HIS B 114 -14.33 -15.80 -4.00
CA HIS B 114 -14.29 -14.41 -4.45
C HIS B 114 -12.96 -13.73 -4.14
N ALA B 115 -12.00 -14.47 -3.59
CA ALA B 115 -10.73 -13.87 -3.21
C ALA B 115 -9.55 -14.48 -3.96
N LEU B 116 -8.34 -14.08 -3.59
CA LEU B 116 -7.15 -14.38 -4.35
C LEU B 116 -6.62 -15.81 -4.17
N GLY B 117 -7.15 -16.52 -3.19
CA GLY B 117 -6.67 -17.85 -2.88
C GLY B 117 -5.71 -17.81 -1.71
N LYS B 118 -5.44 -16.61 -1.22
CA LYS B 118 -4.62 -16.43 -0.04
C LYS B 118 -5.48 -16.48 1.22
N THR B 119 -4.87 -16.28 2.38
CA THR B 119 -5.57 -16.38 3.64
C THR B 119 -5.84 -15.02 4.29
N ASP B 120 -5.44 -13.95 3.62
CA ASP B 120 -5.65 -12.61 4.17
C ASP B 120 -6.63 -11.82 3.31
N TYR B 121 -7.34 -10.88 3.92
CA TYR B 121 -8.43 -10.18 3.25
C TYR B 121 -8.43 -8.68 3.51
N HIS B 122 -7.25 -8.07 3.49
CA HIS B 122 -7.16 -6.62 3.58
C HIS B 122 -6.74 -5.98 2.26
N TYR B 123 -6.52 -6.78 1.22
CA TYR B 123 -6.03 -6.23 -0.03
C TYR B 123 -7.05 -5.27 -0.66
N GLN B 124 -8.33 -5.62 -0.58
CA GLN B 124 -9.37 -4.76 -1.14
C GLN B 124 -9.38 -3.40 -0.45
N LEU B 125 -9.37 -3.41 0.88
CA LEU B 125 -9.33 -2.18 1.66
C LEU B 125 -8.14 -1.31 1.26
N GLU B 126 -6.96 -1.94 1.12
CA GLU B 126 -5.75 -1.20 0.77
C GLU B 126 -5.79 -0.59 -0.63
N MET B 127 -6.37 -1.32 -1.58
CA MET B 127 -6.53 -0.78 -2.92
C MET B 127 -7.46 0.42 -2.86
N ALA B 128 -8.54 0.28 -2.08
CA ALA B 128 -9.55 1.33 -1.97
C ALA B 128 -8.98 2.65 -1.42
N LYS B 129 -8.00 2.55 -0.52
CA LYS B 129 -7.39 3.74 0.05
C LYS B 129 -6.77 4.65 -1.01
N ASN B 130 -6.37 4.07 -2.13
CA ASN B 130 -5.77 4.84 -3.22
C ASN B 130 -6.72 5.79 -3.96
N ILE B 131 -8.01 5.49 -3.94
CA ILE B 131 -8.96 6.19 -4.81
C ILE B 131 -10.12 6.79 -4.04
N THR B 132 -9.92 7.00 -2.75
CA THR B 132 -10.98 7.53 -1.89
C THR B 132 -10.43 8.54 -0.89
N ALA B 133 -11.30 9.41 -0.39
CA ALA B 133 -10.94 10.32 0.68
C ALA B 133 -10.89 9.62 2.04
N ALA B 134 -11.66 8.55 2.18
CA ALA B 134 -11.66 7.76 3.41
C ALA B 134 -12.07 6.33 3.08
N ALA B 135 -11.45 5.38 3.78
CA ALA B 135 -11.74 3.97 3.60
C ALA B 135 -11.67 3.24 4.94
N GLU B 136 -12.77 2.59 5.30
CA GLU B 136 -12.85 1.91 6.59
C GLU B 136 -13.41 0.50 6.46
N ALA B 137 -12.86 -0.42 7.23
CA ALA B 137 -13.36 -1.79 7.27
C ALA B 137 -14.05 -2.05 8.61
N ILE B 138 -15.31 -2.47 8.55
CA ILE B 138 -16.07 -2.75 9.76
C ILE B 138 -16.12 -4.25 10.03
N TYR B 139 -15.41 -4.67 11.07
CA TYR B 139 -15.32 -6.08 11.44
C TYR B 139 -16.21 -6.43 12.62
N THR B 140 -16.63 -5.44 13.39
CA THR B 140 -17.50 -5.66 14.55
C THR B 140 -18.62 -4.64 14.59
N PRO B 141 -19.78 -5.02 15.15
CA PRO B 141 -20.95 -4.13 15.24
C PRO B 141 -20.65 -2.82 15.98
N GLU B 142 -19.80 -2.90 17.01
CA GLU B 142 -19.53 -1.75 17.87
C GLU B 142 -18.79 -0.62 17.17
N GLU B 143 -18.00 -0.97 16.17
CA GLU B 143 -17.18 0.02 15.47
C GLU B 143 -17.93 0.64 14.31
N ALA B 144 -19.06 0.06 13.95
CA ALA B 144 -19.81 0.52 12.78
C ALA B 144 -20.14 2.01 12.80
N PRO B 145 -20.84 2.48 13.85
CA PRO B 145 -21.33 3.87 13.91
C PRO B 145 -20.24 4.92 13.66
N ALA B 146 -19.07 4.75 14.27
CA ALA B 146 -17.99 5.71 14.11
C ALA B 146 -17.43 5.71 12.68
N LYS B 147 -17.22 4.51 12.14
CA LYS B 147 -16.67 4.39 10.78
C LYS B 147 -17.63 4.91 9.71
N ILE B 148 -18.90 4.60 9.84
CA ILE B 148 -19.90 5.09 8.89
C ILE B 148 -19.98 6.61 8.95
N ASP B 149 -20.03 7.14 10.16
CA ASP B 149 -20.07 8.58 10.38
C ASP B 149 -18.84 9.26 9.82
N HIS B 150 -17.67 8.70 10.11
CA HIS B 150 -16.42 9.28 9.62
C HIS B 150 -16.41 9.35 8.10
N VAL B 151 -16.65 8.21 7.45
CA VAL B 151 -16.61 8.16 6.00
C VAL B 151 -17.69 9.04 5.35
N ILE B 152 -18.86 9.12 5.98
CA ILE B 152 -19.92 9.95 5.43
C ILE B 152 -19.60 11.44 5.59
N LYS B 153 -19.17 11.83 6.78
CA LYS B 153 -18.79 13.22 7.02
C LYS B 153 -17.65 13.64 6.09
N THR B 154 -16.69 12.74 5.90
CA THR B 154 -15.54 13.02 5.04
C THR B 154 -15.97 13.22 3.59
N ALA B 155 -16.84 12.35 3.12
CA ALA B 155 -17.34 12.43 1.75
C ALA B 155 -18.02 13.77 1.50
N LEU B 156 -18.83 14.19 2.48
CA LEU B 156 -19.61 15.42 2.36
C LEU B 156 -18.75 16.68 2.40
N ARG B 157 -17.75 16.69 3.28
CA ARG B 157 -16.86 17.84 3.38
C ARG B 157 -15.95 17.96 2.17
N GLU B 158 -15.41 16.83 1.71
CA GLU B 158 -14.37 16.87 0.68
C GLU B 158 -14.90 16.75 -0.74
N LYS B 159 -16.18 16.42 -0.87
CA LYS B 159 -16.77 16.18 -2.18
C LYS B 159 -15.96 15.12 -2.91
N LYS B 160 -15.79 13.97 -2.26
CA LYS B 160 -14.98 12.87 -2.77
C LYS B 160 -15.61 11.57 -2.33
N PRO B 161 -15.35 10.48 -3.07
CA PRO B 161 -15.87 9.16 -2.73
C PRO B 161 -15.16 8.55 -1.52
N VAL B 162 -15.85 7.64 -0.85
CA VAL B 162 -15.28 6.95 0.31
C VAL B 162 -15.64 5.49 0.23
N TYR B 163 -14.96 4.70 1.05
CA TYR B 163 -15.11 3.24 1.05
C TYR B 163 -15.45 2.69 2.42
N LEU B 164 -16.41 1.77 2.43
CA LEU B 164 -16.75 0.98 3.60
C LEU B 164 -16.86 -0.48 3.20
N GLU B 165 -16.29 -1.38 4.01
CA GLU B 165 -16.62 -2.79 3.85
C GLU B 165 -17.23 -3.31 5.14
N ILE B 166 -18.10 -4.31 5.03
CA ILE B 166 -18.83 -4.80 6.19
C ILE B 166 -18.90 -6.32 6.24
N ALA B 167 -18.27 -6.90 7.26
CA ALA B 167 -18.31 -8.35 7.47
C ALA B 167 -19.74 -8.83 7.34
N CYS B 168 -19.96 -9.86 6.53
CA CYS B 168 -21.33 -10.25 6.18
C CYS B 168 -22.16 -10.67 7.39
N ASN B 169 -21.51 -11.19 8.42
CA ASN B 169 -22.20 -11.72 9.58
C ASN B 169 -22.52 -10.69 10.66
N ILE B 170 -22.19 -9.42 10.42
CA ILE B 170 -22.53 -8.38 11.39
C ILE B 170 -23.60 -7.42 10.90
N ALA B 171 -24.08 -7.63 9.68
CA ALA B 171 -25.04 -6.72 9.08
C ALA B 171 -26.31 -6.53 9.93
N SER B 172 -26.76 -7.61 10.56
CA SER B 172 -27.97 -7.56 11.36
C SER B 172 -27.71 -7.40 12.84
N MET B 173 -26.44 -7.25 13.22
CA MET B 173 -26.06 -7.11 14.62
C MET B 173 -26.42 -5.73 15.16
N PRO B 174 -26.91 -5.68 16.40
CA PRO B 174 -27.33 -4.44 17.07
C PRO B 174 -26.18 -3.45 17.26
N CYS B 175 -26.47 -2.17 17.13
CA CYS B 175 -25.47 -1.13 17.37
C CYS B 175 -26.15 0.18 17.74
N ALA B 176 -25.35 1.19 18.05
CA ALA B 176 -25.88 2.48 18.52
C ALA B 176 -26.78 3.13 17.49
N ALA B 177 -27.67 4.01 17.96
CA ALA B 177 -28.55 4.76 17.06
C ALA B 177 -27.85 6.00 16.51
N PRO B 178 -28.21 6.38 15.27
CA PRO B 178 -27.67 7.59 14.62
C PRO B 178 -28.26 8.88 15.20
N GLY B 179 -27.39 9.82 15.56
CA GLY B 179 -27.83 11.11 16.04
C GLY B 179 -28.43 11.96 14.93
N PRO B 180 -28.55 13.27 15.15
CA PRO B 180 -29.12 14.22 14.19
C PRO B 180 -28.40 14.26 12.85
N ALA B 181 -29.15 14.46 11.77
CA ALA B 181 -28.57 14.61 10.43
C ALA B 181 -27.66 15.82 10.34
N SER B 182 -27.93 16.82 11.17
CA SER B 182 -27.18 18.08 11.12
C SER B 182 -25.69 17.88 11.35
N ALA B 183 -25.33 16.90 12.17
CA ALA B 183 -23.93 16.63 12.46
C ALA B 183 -23.15 16.25 11.21
N LEU B 184 -23.82 15.57 10.29
CA LEU B 184 -23.16 15.06 9.09
C LEU B 184 -22.68 16.16 8.16
N PHE B 185 -23.37 17.30 8.17
CA PHE B 185 -23.00 18.40 7.29
C PHE B 185 -22.11 19.42 8.01
N ASN B 186 -21.81 19.16 9.27
CA ASN B 186 -21.02 20.11 10.06
C ASN B 186 -19.61 20.30 9.52
N ASP B 187 -19.39 21.46 8.90
CA ASP B 187 -18.08 21.82 8.38
C ASP B 187 -17.57 23.00 9.21
N GLU B 188 -16.41 23.53 8.85
CA GLU B 188 -15.90 24.73 9.48
C GLU B 188 -16.33 25.95 8.68
N ALA B 189 -16.53 27.07 9.37
CA ALA B 189 -16.84 28.31 8.68
C ALA B 189 -15.54 28.88 8.10
N SER B 190 -15.68 29.84 7.19
CA SER B 190 -14.50 30.51 6.64
C SER B 190 -13.80 31.31 7.74
N ASP B 191 -12.48 31.20 7.82
CA ASP B 191 -11.73 32.02 8.75
C ASP B 191 -11.91 33.48 8.36
N GLU B 192 -12.52 34.26 9.27
CA GLU B 192 -12.89 35.64 8.96
C GLU B 192 -11.72 36.50 8.49
N ALA B 193 -10.61 36.44 9.22
CA ALA B 193 -9.44 37.23 8.87
C ALA B 193 -8.97 36.90 7.45
N SER B 194 -9.01 35.62 7.11
CA SER B 194 -8.58 35.16 5.79
C SER B 194 -9.52 35.66 4.68
N LEU B 195 -10.82 35.46 4.88
CA LEU B 195 -11.82 35.90 3.91
C LEU B 195 -11.68 37.39 3.60
N ASN B 196 -11.52 38.19 4.65
CA ASN B 196 -11.36 39.63 4.49
C ASN B 196 -10.10 40.01 3.70
N ALA B 197 -8.97 39.41 4.08
CA ALA B 197 -7.70 39.68 3.41
C ALA B 197 -7.75 39.20 1.96
N ALA B 198 -8.34 38.03 1.74
CA ALA B 198 -8.47 37.48 0.39
C ALA B 198 -9.25 38.43 -0.50
N VAL B 199 -10.31 39.02 0.03
CA VAL B 199 -11.12 39.96 -0.74
C VAL B 199 -10.37 41.27 -0.97
N GLU B 200 -9.72 41.76 0.08
CA GLU B 200 -8.99 43.03 0.02
C GLU B 200 -7.82 42.95 -0.97
N GLU B 201 -7.12 41.82 -0.98
CA GLU B 201 -6.01 41.60 -1.91
C GLU B 201 -6.50 41.52 -3.36
N THR B 202 -7.69 40.99 -3.56
CA THR B 202 -8.25 40.91 -4.91
C THR B 202 -8.58 42.31 -5.41
N LEU B 203 -9.18 43.12 -4.54
CA LEU B 203 -9.53 44.49 -4.89
C LEU B 203 -8.28 45.31 -5.18
N LYS B 204 -7.25 45.08 -4.38
CA LYS B 204 -5.95 45.71 -4.60
C LYS B 204 -5.34 45.24 -5.91
N PHE B 205 -5.52 43.96 -6.20
CA PHE B 205 -4.97 43.36 -7.42
C PHE B 205 -5.60 43.94 -8.69
N ILE B 206 -6.92 44.08 -8.70
CA ILE B 206 -7.61 44.54 -9.89
C ILE B 206 -7.87 46.05 -9.89
N ALA B 207 -7.23 46.77 -8.97
CA ALA B 207 -7.40 48.22 -8.86
C ALA B 207 -7.00 48.94 -10.15
N ASN B 208 -5.84 48.58 -10.68
CA ASN B 208 -5.35 49.17 -11.93
C ASN B 208 -5.29 48.14 -13.06
N ARG B 209 -6.28 47.25 -13.08
CA ARG B 209 -6.41 46.26 -14.14
C ARG B 209 -7.89 46.22 -14.55
N ASP B 210 -8.24 47.01 -15.55
CA ASP B 210 -9.66 47.14 -15.93
C ASP B 210 -10.16 46.00 -16.81
N LYS B 211 -9.23 45.28 -17.43
CA LYS B 211 -9.60 44.18 -18.32
C LYS B 211 -9.66 42.85 -17.55
N VAL B 212 -10.73 42.69 -16.78
CA VAL B 212 -10.89 41.53 -15.92
C VAL B 212 -11.78 40.48 -16.57
N ALA B 213 -11.27 39.26 -16.66
CA ALA B 213 -12.08 38.15 -17.13
C ALA B 213 -12.28 37.15 -15.98
N VAL B 214 -13.43 36.49 -15.98
CA VAL B 214 -13.71 35.45 -15.00
C VAL B 214 -13.74 34.09 -15.68
N LEU B 215 -12.87 33.18 -15.22
CA LEU B 215 -12.79 31.83 -15.79
C LEU B 215 -13.46 30.81 -14.87
N VAL B 216 -14.62 30.31 -15.30
CA VAL B 216 -15.40 29.38 -14.50
C VAL B 216 -14.90 27.94 -14.63
N GLY B 217 -14.62 27.30 -13.50
CA GLY B 217 -13.99 26.00 -13.47
C GLY B 217 -14.91 24.87 -13.08
N SER B 218 -14.51 23.65 -13.44
CA SER B 218 -15.34 22.46 -13.26
C SER B 218 -15.52 22.00 -11.82
N LYS B 219 -14.86 22.68 -10.88
CA LYS B 219 -15.08 22.41 -9.47
C LYS B 219 -16.06 23.40 -8.84
N LEU B 220 -16.68 24.24 -9.68
CA LEU B 220 -17.58 25.28 -9.16
C LEU B 220 -18.79 24.71 -8.43
N ARG B 221 -19.37 23.65 -8.98
CA ARG B 221 -20.50 22.99 -8.35
C ARG B 221 -20.10 22.28 -7.06
N ALA B 222 -18.95 21.62 -7.09
CA ALA B 222 -18.45 20.94 -5.90
C ALA B 222 -18.40 21.92 -4.72
N ALA B 223 -17.99 23.15 -4.99
CA ALA B 223 -17.91 24.18 -3.94
C ALA B 223 -19.27 24.82 -3.65
N GLY B 224 -20.31 24.35 -4.32
CA GLY B 224 -21.64 24.90 -4.15
C GLY B 224 -21.66 26.42 -4.24
N ALA B 225 -20.95 26.95 -5.23
CA ALA B 225 -20.76 28.39 -5.33
C ALA B 225 -21.18 28.92 -6.69
N GLU B 226 -22.03 28.17 -7.39
CA GLU B 226 -22.53 28.59 -8.69
C GLU B 226 -23.31 29.88 -8.55
N GLU B 227 -24.24 29.91 -7.59
CA GLU B 227 -25.07 31.08 -7.38
C GLU B 227 -24.21 32.27 -7.02
N ALA B 228 -23.23 32.05 -6.15
CA ALA B 228 -22.33 33.10 -5.71
C ALA B 228 -21.56 33.69 -6.89
N ALA B 229 -21.15 32.82 -7.81
CA ALA B 229 -20.39 33.26 -8.99
C ALA B 229 -21.19 34.25 -9.83
N VAL B 230 -22.49 34.02 -9.93
CA VAL B 230 -23.38 34.91 -10.69
C VAL B 230 -23.42 36.31 -10.08
N LYS B 231 -23.55 36.39 -8.76
CA LYS B 231 -23.59 37.67 -8.08
C LYS B 231 -22.33 38.49 -8.39
N PHE B 232 -21.17 37.84 -8.21
CA PHE B 232 -19.88 38.47 -8.46
C PHE B 232 -19.78 38.97 -9.90
N ALA B 233 -20.07 38.08 -10.84
CA ALA B 233 -20.04 38.43 -12.26
C ALA B 233 -20.90 39.67 -12.54
N ASP B 234 -22.12 39.67 -12.03
CA ASP B 234 -23.04 40.79 -12.24
C ASP B 234 -22.49 42.07 -11.63
N ALA B 235 -21.83 41.97 -10.49
CA ALA B 235 -21.26 43.14 -9.84
C ALA B 235 -20.02 43.62 -10.59
N LEU B 236 -19.19 42.68 -11.00
CA LEU B 236 -17.95 42.99 -11.70
C LEU B 236 -18.22 43.61 -13.06
N GLY B 237 -19.15 43.00 -13.81
CA GLY B 237 -19.47 43.47 -15.14
C GLY B 237 -18.38 43.15 -16.14
N GLY B 238 -17.51 42.19 -15.79
CA GLY B 238 -16.48 41.73 -16.68
C GLY B 238 -16.94 40.57 -17.54
N ALA B 239 -16.06 40.06 -18.39
CA ALA B 239 -16.40 38.95 -19.26
C ALA B 239 -16.26 37.65 -18.52
N VAL B 240 -17.24 36.77 -18.68
CA VAL B 240 -17.21 35.47 -18.03
C VAL B 240 -17.12 34.34 -19.04
N ALA B 241 -16.06 33.55 -18.95
CA ALA B 241 -15.90 32.38 -19.79
C ALA B 241 -15.96 31.11 -18.96
N THR B 242 -16.39 30.01 -19.57
CA THR B 242 -16.40 28.72 -18.88
C THR B 242 -15.37 27.79 -19.49
N MET B 243 -14.63 27.08 -18.63
CA MET B 243 -13.77 26.02 -19.12
C MET B 243 -14.67 24.92 -19.65
N ALA B 244 -14.16 24.13 -20.60
CA ALA B 244 -14.97 23.10 -21.27
C ALA B 244 -15.78 22.28 -20.28
N ALA B 245 -15.12 21.77 -19.24
CA ALA B 245 -15.78 20.89 -18.28
C ALA B 245 -16.76 21.62 -17.38
N ALA B 246 -16.70 22.94 -17.39
CA ALA B 246 -17.55 23.74 -16.50
C ALA B 246 -18.85 24.16 -17.17
N LYS B 247 -19.15 23.57 -18.33
CA LYS B 247 -20.34 24.00 -19.07
C LYS B 247 -21.62 23.85 -18.26
N SER B 248 -22.42 24.92 -18.26
CA SER B 248 -23.68 25.02 -17.52
C SER B 248 -23.51 25.38 -16.03
N PHE B 249 -22.25 25.51 -15.59
CA PHE B 249 -21.98 25.93 -14.22
C PHE B 249 -22.18 27.43 -14.07
N PHE B 250 -22.44 28.10 -15.19
CA PHE B 250 -22.74 29.53 -15.22
C PHE B 250 -23.83 29.77 -16.26
N PRO B 251 -24.80 30.64 -15.93
CA PRO B 251 -25.93 30.93 -16.83
C PRO B 251 -25.44 31.53 -18.15
N GLU B 252 -25.76 30.86 -19.25
CA GLU B 252 -25.27 31.28 -20.56
C GLU B 252 -26.07 32.44 -21.14
N GLU B 253 -27.25 32.70 -20.56
CA GLU B 253 -28.06 33.83 -20.98
C GLU B 253 -27.66 35.09 -20.21
N ASN B 254 -26.69 34.95 -19.31
CA ASN B 254 -26.15 36.11 -18.60
C ASN B 254 -25.43 37.02 -19.60
N PRO B 255 -25.66 38.34 -19.49
CA PRO B 255 -25.07 39.27 -20.45
C PRO B 255 -23.54 39.32 -20.39
N HIS B 256 -22.97 38.75 -19.34
CA HIS B 256 -21.52 38.78 -19.15
C HIS B 256 -20.83 37.52 -19.68
N TYR B 257 -21.62 36.53 -20.10
CA TYR B 257 -21.05 35.27 -20.59
C TYR B 257 -20.58 35.39 -22.03
N ILE B 258 -19.33 34.98 -22.29
CA ILE B 258 -18.77 35.11 -23.64
C ILE B 258 -18.56 33.76 -24.31
N GLY B 259 -18.81 32.68 -23.59
CA GLY B 259 -18.70 31.36 -24.18
C GLY B 259 -17.56 30.54 -23.62
N THR B 260 -17.14 29.52 -24.38
CA THR B 260 -16.15 28.57 -23.90
C THR B 260 -14.70 29.01 -24.10
N SER B 261 -13.91 28.82 -23.06
CA SER B 261 -12.47 28.98 -23.15
C SER B 261 -11.86 27.59 -23.20
N TRP B 262 -11.04 27.35 -24.22
CA TRP B 262 -10.47 26.02 -24.44
C TRP B 262 -9.37 26.11 -25.52
N GLY B 263 -8.48 27.08 -25.36
CA GLY B 263 -7.39 27.29 -26.31
C GLY B 263 -7.85 27.51 -27.75
N GLU B 264 -7.13 26.90 -28.69
CA GLU B 264 -7.41 27.11 -30.11
C GLU B 264 -8.83 26.68 -30.49
N VAL B 265 -9.49 25.93 -29.62
CA VAL B 265 -10.87 25.49 -29.89
C VAL B 265 -11.89 26.17 -28.99
N SER B 266 -11.54 27.36 -28.48
CA SER B 266 -12.46 28.19 -27.72
C SER B 266 -13.53 28.74 -28.64
N TYR B 267 -14.63 29.21 -28.06
CA TYR B 267 -15.61 29.99 -28.82
C TYR B 267 -14.91 31.17 -29.48
N PRO B 268 -15.42 31.61 -30.62
CA PRO B 268 -14.81 32.73 -31.35
C PRO B 268 -14.53 33.93 -30.45
N GLY B 269 -13.30 34.45 -30.54
CA GLY B 269 -12.93 35.67 -29.82
C GLY B 269 -12.52 35.48 -28.37
N VAL B 270 -13.03 34.41 -27.75
CA VAL B 270 -12.78 34.18 -26.33
C VAL B 270 -11.30 33.97 -26.03
N GLU B 271 -10.61 33.27 -26.93
CA GLU B 271 -9.17 33.04 -26.79
C GLU B 271 -8.40 34.34 -26.75
N LYS B 272 -8.69 35.24 -27.69
CA LYS B 272 -8.03 36.53 -27.73
C LYS B 272 -8.37 37.33 -26.46
N THR B 273 -9.62 37.19 -26.00
CA THR B 273 -10.10 37.95 -24.86
C THR B 273 -9.36 37.58 -23.58
N MET B 274 -8.97 36.31 -23.46
CA MET B 274 -8.24 35.85 -22.28
C MET B 274 -6.79 36.32 -22.29
N LYS B 275 -6.21 36.45 -23.47
CA LYS B 275 -4.82 36.89 -23.58
C LYS B 275 -4.68 38.40 -23.48
N GLU B 276 -5.80 39.10 -23.70
CA GLU B 276 -5.83 40.54 -23.57
C GLU B 276 -6.20 40.97 -22.14
N ALA B 277 -6.80 40.04 -21.39
CA ALA B 277 -7.23 40.34 -20.03
C ALA B 277 -6.05 40.70 -19.12
N ASP B 278 -6.24 41.73 -18.30
CA ASP B 278 -5.22 42.18 -17.35
C ASP B 278 -5.26 41.35 -16.08
N ALA B 279 -6.43 40.77 -15.82
CA ALA B 279 -6.62 39.94 -14.64
C ALA B 279 -7.61 38.82 -14.94
N VAL B 280 -7.22 37.59 -14.60
CA VAL B 280 -8.08 36.43 -14.79
C VAL B 280 -8.40 35.79 -13.45
N ILE B 281 -9.65 35.91 -13.04
CA ILE B 281 -10.11 35.34 -11.78
C ILE B 281 -10.73 33.98 -12.05
N ALA B 282 -9.96 32.93 -11.74
CA ALA B 282 -10.38 31.57 -12.02
C ALA B 282 -11.14 30.99 -10.84
N LEU B 283 -12.37 30.55 -11.09
CA LEU B 283 -13.24 30.01 -10.04
C LEU B 283 -13.28 28.49 -10.07
N ALA B 284 -12.54 27.87 -9.16
CA ALA B 284 -12.50 26.41 -9.02
C ALA B 284 -12.12 25.69 -10.31
N PRO B 285 -10.95 26.05 -10.88
CA PRO B 285 -10.48 25.50 -12.15
C PRO B 285 -9.74 24.18 -12.02
N VAL B 286 -9.92 23.30 -13.00
CA VAL B 286 -9.09 22.10 -13.11
C VAL B 286 -8.27 22.23 -14.39
N PHE B 287 -6.96 22.41 -14.23
CA PHE B 287 -6.07 22.52 -15.38
C PHE B 287 -5.37 21.20 -15.59
N ASN B 288 -5.68 20.55 -16.70
CA ASN B 288 -5.00 19.32 -17.08
C ASN B 288 -4.61 19.35 -18.57
N ASP B 289 -4.06 18.25 -19.06
CA ASP B 289 -3.57 18.22 -20.43
C ASP B 289 -4.71 18.35 -21.45
N TYR B 290 -5.92 18.00 -21.03
CA TYR B 290 -7.09 18.06 -21.90
C TYR B 290 -7.74 19.45 -21.90
N SER B 291 -7.82 20.08 -20.74
CA SER B 291 -8.46 21.39 -20.63
C SER B 291 -7.58 22.50 -21.18
N THR B 292 -6.27 22.25 -21.18
CA THR B 292 -5.31 23.20 -21.73
C THR B 292 -4.99 22.90 -23.20
N THR B 293 -5.69 21.93 -23.77
CA THR B 293 -5.52 21.57 -25.18
C THR B 293 -4.08 21.15 -25.47
N GLY B 294 -3.64 20.06 -24.85
CA GLY B 294 -2.30 19.56 -25.05
C GLY B 294 -1.24 20.51 -24.52
N TRP B 295 -1.60 21.28 -23.50
CA TRP B 295 -0.67 22.18 -22.81
C TRP B 295 -0.36 23.42 -23.64
N THR B 296 -1.21 23.70 -24.62
CA THR B 296 -1.02 24.88 -25.46
C THR B 296 -1.71 26.11 -24.87
N ASP B 297 -2.55 25.91 -23.86
CA ASP B 297 -3.33 27.00 -23.32
C ASP B 297 -3.22 27.11 -21.80
N ILE B 298 -2.08 27.59 -21.32
CA ILE B 298 -1.84 27.75 -19.89
C ILE B 298 -2.04 29.20 -19.47
N PRO B 299 -2.82 29.42 -18.39
CA PRO B 299 -3.06 30.78 -17.89
C PRO B 299 -1.78 31.44 -17.37
N ASP B 300 -1.63 32.73 -17.67
CA ASP B 300 -0.48 33.50 -17.20
C ASP B 300 -0.55 33.67 -15.68
N PRO B 301 0.44 33.12 -14.97
CA PRO B 301 0.50 33.19 -13.50
C PRO B 301 0.47 34.62 -12.96
N LYS B 302 1.06 35.56 -13.70
CA LYS B 302 1.18 36.94 -13.23
C LYS B 302 -0.05 37.81 -13.55
N LYS B 303 -1.19 37.17 -13.76
CA LYS B 303 -2.45 37.88 -13.92
C LYS B 303 -3.61 37.03 -13.43
N LEU B 304 -3.26 35.91 -12.79
CA LEU B 304 -4.22 34.90 -12.39
C LEU B 304 -4.59 35.00 -10.90
N VAL B 305 -5.88 35.11 -10.62
CA VAL B 305 -6.38 34.93 -9.27
C VAL B 305 -6.95 33.51 -9.16
N LEU B 306 -6.42 32.74 -8.22
CA LEU B 306 -6.76 31.33 -8.10
C LEU B 306 -7.74 31.12 -6.97
N ALA B 307 -9.03 31.10 -7.28
CA ALA B 307 -10.07 30.94 -6.27
C ALA B 307 -10.59 29.51 -6.23
N GLU B 308 -9.92 28.66 -5.48
CA GLU B 308 -10.32 27.26 -5.33
C GLU B 308 -11.45 27.15 -4.32
N PRO B 309 -12.05 25.95 -4.20
CA PRO B 309 -13.20 25.71 -3.32
C PRO B 309 -12.99 26.08 -1.85
N ARG B 310 -11.76 25.98 -1.34
CA ARG B 310 -11.51 26.23 0.08
C ARG B 310 -10.25 27.05 0.35
N SER B 311 -9.71 27.65 -0.70
CA SER B 311 -8.55 28.52 -0.56
C SER B 311 -8.51 29.51 -1.72
N VAL B 312 -7.86 30.64 -1.50
CA VAL B 312 -7.69 31.63 -2.54
C VAL B 312 -6.24 32.07 -2.62
N VAL B 313 -5.66 32.02 -3.82
CA VAL B 313 -4.32 32.55 -4.03
C VAL B 313 -4.42 33.80 -4.88
N VAL B 314 -3.94 34.91 -4.34
CA VAL B 314 -4.09 36.20 -5.00
C VAL B 314 -3.04 37.19 -4.49
N ASN B 315 -2.47 37.95 -5.41
CA ASN B 315 -1.44 38.92 -5.06
C ASN B 315 -0.27 38.24 -4.35
N GLY B 316 0.03 37.02 -4.77
CA GLY B 316 1.18 36.29 -4.26
C GLY B 316 1.04 35.78 -2.84
N ILE B 317 -0.18 35.80 -2.31
CA ILE B 317 -0.43 35.24 -0.99
C ILE B 317 -1.45 34.12 -1.08
N ARG B 318 -1.21 33.04 -0.34
CA ARG B 318 -2.16 31.93 -0.30
C ARG B 318 -3.05 32.02 0.93
N PHE B 319 -4.36 32.00 0.71
CA PHE B 319 -5.32 32.11 1.80
C PHE B 319 -6.16 30.84 1.94
N PRO B 320 -5.66 29.86 2.69
CA PRO B 320 -6.46 28.66 2.96
C PRO B 320 -7.63 28.98 3.89
N SER B 321 -8.49 28.00 4.13
CA SER B 321 -9.58 28.14 5.09
C SER B 321 -10.55 29.24 4.66
N VAL B 322 -10.84 29.28 3.36
CA VAL B 322 -11.77 30.25 2.82
C VAL B 322 -12.68 29.57 1.81
N HIS B 323 -13.97 29.48 2.13
CA HIS B 323 -14.95 28.89 1.22
C HIS B 323 -15.22 29.81 0.02
N LEU B 324 -15.14 29.24 -1.17
CA LEU B 324 -15.31 30.00 -2.42
C LEU B 324 -16.62 30.77 -2.44
N LYS B 325 -17.68 30.14 -1.96
CA LYS B 325 -19.01 30.75 -1.89
C LYS B 325 -19.00 32.02 -1.04
N ASP B 326 -18.24 31.98 0.05
CA ASP B 326 -18.12 33.16 0.92
C ASP B 326 -17.28 34.22 0.23
N TYR B 327 -16.13 33.81 -0.27
CA TYR B 327 -15.25 34.68 -1.05
C TYR B 327 -16.04 35.42 -2.13
N LEU B 328 -16.76 34.67 -2.95
CA LEU B 328 -17.52 35.27 -4.03
C LEU B 328 -18.60 36.21 -3.52
N THR B 329 -19.28 35.82 -2.45
CA THR B 329 -20.35 36.65 -1.91
C THR B 329 -19.82 37.98 -1.37
N ARG B 330 -18.71 37.92 -0.65
CA ARG B 330 -18.08 39.12 -0.11
C ARG B 330 -17.60 40.05 -1.22
N LEU B 331 -16.84 39.49 -2.16
CA LEU B 331 -16.27 40.26 -3.25
C LEU B 331 -17.36 40.95 -4.06
N ALA B 332 -18.44 40.22 -4.31
CA ALA B 332 -19.58 40.77 -5.04
C ALA B 332 -20.03 42.10 -4.46
N GLN B 333 -20.06 42.17 -3.14
CA GLN B 333 -20.61 43.34 -2.44
C GLN B 333 -19.71 44.56 -2.48
N LYS B 334 -18.40 44.35 -2.58
CA LYS B 334 -17.45 45.45 -2.49
C LYS B 334 -16.73 45.76 -3.81
N VAL B 335 -16.91 44.89 -4.81
CA VAL B 335 -16.18 45.07 -6.07
C VAL B 335 -16.75 46.20 -6.91
N SER B 336 -15.87 46.88 -7.63
CA SER B 336 -16.28 47.92 -8.56
C SER B 336 -16.38 47.35 -9.97
N LYS B 337 -17.00 48.11 -10.88
CA LYS B 337 -17.21 47.65 -12.25
C LYS B 337 -15.89 47.62 -13.03
N LYS B 338 -15.56 46.44 -13.55
CA LYS B 338 -14.38 46.27 -14.40
C LYS B 338 -14.81 45.61 -15.69
N THR B 339 -15.25 46.42 -16.65
CA THR B 339 -15.88 45.92 -17.86
C THR B 339 -14.96 45.88 -19.09
N GLY B 340 -13.69 46.19 -18.88
CA GLY B 340 -12.72 46.26 -19.97
C GLY B 340 -12.66 45.03 -20.85
N ALA B 341 -12.56 43.85 -20.23
CA ALA B 341 -12.48 42.60 -20.99
C ALA B 341 -13.76 42.31 -21.75
N LEU B 342 -14.89 42.71 -21.19
CA LEU B 342 -16.18 42.47 -21.84
C LEU B 342 -16.36 43.37 -23.05
N ASP B 343 -16.06 44.66 -22.88
CA ASP B 343 -16.14 45.62 -23.98
C ASP B 343 -15.21 45.20 -25.11
N PHE B 344 -13.98 44.83 -24.75
CA PHE B 344 -13.01 44.33 -25.72
C PHE B 344 -13.57 43.18 -26.55
N PHE B 345 -14.06 42.14 -25.87
CA PHE B 345 -14.67 41.00 -26.57
C PHE B 345 -15.75 41.43 -27.56
N LYS B 346 -16.52 42.45 -27.18
CA LYS B 346 -17.61 42.95 -28.02
C LYS B 346 -17.07 43.62 -29.28
N SER B 347 -15.88 44.20 -29.17
CA SER B 347 -15.29 44.94 -30.28
C SER B 347 -14.48 44.05 -31.23
N LEU B 348 -14.58 42.74 -31.04
CA LEU B 348 -13.61 41.83 -31.64
C LEU B 348 -13.73 41.50 -33.14
N ASN B 349 -14.93 41.12 -33.58
CA ASN B 349 -15.10 40.59 -34.93
C ASN B 349 -14.46 39.21 -35.06
N ALA B 350 -15.00 38.24 -34.33
CA ALA B 350 -14.47 36.88 -34.35
C ALA B 350 -15.55 35.87 -34.71
N ALA B 356 -22.13 23.16 -38.75
CA ALA B 356 -21.62 23.28 -40.12
C ALA B 356 -22.71 23.76 -41.06
N ALA B 357 -22.33 24.09 -42.29
CA ALA B 357 -23.25 24.59 -43.31
C ALA B 357 -24.33 23.56 -43.64
N PRO B 358 -25.57 23.82 -43.21
CA PRO B 358 -26.69 22.88 -43.26
C PRO B 358 -27.13 22.47 -44.66
N ALA B 359 -27.55 21.23 -44.79
CA ALA B 359 -28.21 20.74 -45.99
C ALA B 359 -29.60 20.25 -45.62
N ASP B 360 -30.35 19.76 -46.59
CA ASP B 360 -31.75 19.40 -46.36
C ASP B 360 -31.94 18.02 -45.71
N PRO B 361 -33.04 17.87 -44.97
CA PRO B 361 -33.50 16.63 -44.32
C PRO B 361 -33.69 15.49 -45.29
N SER B 362 -33.64 15.77 -46.57
CA SER B 362 -33.56 14.73 -47.60
C SER B 362 -32.14 14.69 -48.15
N ALA B 363 -31.24 14.18 -47.33
CA ALA B 363 -29.83 14.08 -47.65
C ALA B 363 -29.20 13.28 -46.53
N PRO B 364 -28.09 12.57 -46.83
CA PRO B 364 -27.45 11.77 -45.77
C PRO B 364 -27.22 12.60 -44.52
N LEU B 365 -27.59 12.07 -43.36
CA LEU B 365 -27.44 12.79 -42.11
C LEU B 365 -25.99 13.15 -41.84
N VAL B 366 -25.75 14.37 -41.35
CA VAL B 366 -24.40 14.78 -41.01
C VAL B 366 -24.33 15.21 -39.55
N ASN B 367 -23.11 15.25 -39.02
CA ASN B 367 -22.88 15.61 -37.62
C ASN B 367 -23.52 16.92 -37.18
N ALA B 368 -23.38 17.96 -38.02
CA ALA B 368 -23.88 19.29 -37.69
C ALA B 368 -25.41 19.34 -37.61
N GLU B 369 -26.07 18.52 -38.41
CA GLU B 369 -27.53 18.45 -38.38
C GLU B 369 -28.03 17.80 -37.09
N ILE B 370 -27.25 16.86 -36.55
CA ILE B 370 -27.62 16.24 -35.28
C ILE B 370 -27.51 17.25 -34.15
N ALA B 371 -26.37 17.92 -34.06
CA ALA B 371 -26.14 18.90 -33.00
C ALA B 371 -27.26 19.95 -33.00
N ARG B 372 -27.64 20.39 -34.20
CA ARG B 372 -28.69 21.39 -34.34
C ARG B 372 -30.01 20.92 -33.74
N GLN B 373 -30.48 19.75 -34.16
CA GLN B 373 -31.77 19.24 -33.70
C GLN B 373 -31.77 18.97 -32.20
N VAL B 374 -30.61 18.56 -31.68
CA VAL B 374 -30.50 18.34 -30.24
C VAL B 374 -30.54 19.67 -29.50
N GLU B 375 -29.83 20.66 -30.02
CA GLU B 375 -29.82 22.00 -29.41
C GLU B 375 -31.24 22.56 -29.35
N ALA B 376 -32.02 22.30 -30.39
CA ALA B 376 -33.39 22.77 -30.46
C ALA B 376 -34.28 22.13 -29.37
N LEU B 377 -33.82 21.02 -28.82
CA LEU B 377 -34.58 20.32 -27.77
C LEU B 377 -34.31 20.87 -26.37
N LEU B 378 -33.36 21.79 -26.25
CA LEU B 378 -32.93 22.29 -24.95
C LEU B 378 -33.94 23.22 -24.27
N THR B 379 -34.19 22.98 -22.98
CA THR B 379 -35.07 23.80 -22.17
C THR B 379 -34.48 23.98 -20.77
N PRO B 380 -35.01 24.94 -19.99
CA PRO B 380 -34.49 25.13 -18.63
C PRO B 380 -34.64 23.88 -17.77
N ASN B 381 -35.43 22.92 -18.23
CA ASN B 381 -35.68 21.70 -17.48
C ASN B 381 -34.87 20.51 -18.01
N THR B 382 -33.93 20.80 -18.92
CA THR B 382 -33.20 19.74 -19.61
C THR B 382 -31.82 19.49 -19.02
N THR B 383 -31.41 18.23 -19.00
CA THR B 383 -30.03 17.87 -18.72
C THR B 383 -29.49 17.02 -19.85
N VAL B 384 -28.33 17.41 -20.38
CA VAL B 384 -27.64 16.65 -21.40
C VAL B 384 -26.44 15.94 -20.79
N ILE B 385 -26.39 14.62 -20.94
CA ILE B 385 -25.24 13.85 -20.52
C ILE B 385 -24.34 13.63 -21.73
N ALA B 386 -23.16 14.24 -21.71
CA ALA B 386 -22.25 14.21 -22.86
C ALA B 386 -21.10 13.24 -22.66
N GLU B 387 -21.08 12.21 -23.50
CA GLU B 387 -20.05 11.17 -23.43
C GLU B 387 -18.76 11.58 -24.10
N THR B 388 -17.65 11.09 -23.55
CA THR B 388 -16.34 11.28 -24.17
C THR B 388 -16.33 10.77 -25.60
N GLY B 389 -15.87 11.63 -26.51
CA GLY B 389 -15.92 11.38 -27.93
C GLY B 389 -16.23 12.71 -28.58
N ASP B 390 -16.67 12.70 -29.83
CA ASP B 390 -17.03 13.96 -30.45
C ASP B 390 -18.25 14.59 -29.76
N SER B 391 -19.04 13.76 -29.08
CA SER B 391 -20.18 14.27 -28.28
C SER B 391 -19.74 15.38 -27.33
N TRP B 392 -18.52 15.28 -26.83
CA TRP B 392 -17.93 16.35 -26.02
C TRP B 392 -18.01 17.68 -26.76
N PHE B 393 -17.60 17.66 -28.02
CA PHE B 393 -17.44 18.90 -28.78
C PHE B 393 -18.75 19.43 -29.31
N ASN B 394 -19.62 18.54 -29.79
CA ASN B 394 -20.95 18.95 -30.23
C ASN B 394 -21.77 19.55 -29.10
N ALA B 395 -21.74 18.90 -27.94
CA ALA B 395 -22.42 19.42 -26.77
C ALA B 395 -21.88 20.80 -26.37
N GLN B 396 -20.56 20.94 -26.40
CA GLN B 396 -19.91 22.17 -25.96
C GLN B 396 -20.33 23.37 -26.79
N ARG B 397 -20.75 23.11 -28.02
CA ARG B 397 -21.09 24.18 -28.95
C ARG B 397 -22.55 24.62 -28.84
N MET B 398 -23.31 23.99 -27.95
CA MET B 398 -24.74 24.29 -27.84
C MET B 398 -25.02 25.42 -26.85
N LYS B 399 -25.98 26.28 -27.21
CA LYS B 399 -26.35 27.40 -26.36
C LYS B 399 -27.40 26.98 -25.34
N LEU B 400 -27.08 27.17 -24.05
CA LEU B 400 -27.92 26.63 -22.98
C LEU B 400 -28.87 27.66 -22.38
N PRO B 401 -30.17 27.43 -22.51
CA PRO B 401 -31.15 28.26 -21.81
C PRO B 401 -30.89 28.18 -20.31
N ASN B 402 -30.99 29.29 -19.59
CA ASN B 402 -30.77 29.27 -18.14
C ASN B 402 -31.56 28.14 -17.50
N GLY B 403 -30.87 27.33 -16.70
CA GLY B 403 -31.51 26.20 -16.03
C GLY B 403 -31.20 24.87 -16.69
N ALA B 404 -30.81 24.92 -17.96
CA ALA B 404 -30.40 23.72 -18.66
C ALA B 404 -29.06 23.27 -18.10
N ARG B 405 -28.87 21.96 -17.99
CA ARG B 405 -27.62 21.44 -17.45
C ARG B 405 -26.90 20.57 -18.47
N VAL B 406 -25.59 20.48 -18.33
CA VAL B 406 -24.78 19.54 -19.09
C VAL B 406 -23.83 18.82 -18.13
N GLU B 407 -23.78 17.50 -18.22
CA GLU B 407 -22.89 16.73 -17.39
C GLU B 407 -21.72 16.21 -18.21
N TYR B 408 -20.52 16.58 -17.82
CA TYR B 408 -19.30 16.09 -18.45
C TYR B 408 -18.52 15.23 -17.49
N GLU B 409 -17.79 14.24 -18.02
CA GLU B 409 -16.84 13.47 -17.22
C GLU B 409 -15.46 13.66 -17.85
N MET B 410 -15.02 14.91 -17.93
CA MET B 410 -13.83 15.23 -18.70
C MET B 410 -12.52 14.98 -17.93
N GLN B 411 -12.60 14.77 -16.62
CA GLN B 411 -11.39 14.47 -15.86
C GLN B 411 -11.07 12.98 -15.89
N TRP B 412 -12.06 12.15 -15.61
CA TRP B 412 -11.89 10.69 -15.63
C TRP B 412 -11.93 10.19 -17.07
N GLY B 413 -12.96 10.58 -17.81
CA GLY B 413 -13.04 10.28 -19.23
C GLY B 413 -13.16 8.80 -19.56
N HIS B 414 -13.96 8.08 -18.76
CA HIS B 414 -14.17 6.65 -18.96
C HIS B 414 -15.29 6.44 -19.98
N ILE B 415 -14.94 6.09 -21.21
CA ILE B 415 -15.98 5.90 -22.21
C ILE B 415 -16.93 4.81 -21.74
N GLY B 416 -18.22 5.04 -21.93
CA GLY B 416 -19.23 4.14 -21.39
C GLY B 416 -19.87 4.69 -20.14
N TRP B 417 -19.16 5.61 -19.47
CA TRP B 417 -19.69 6.28 -18.29
C TRP B 417 -21.11 6.79 -18.51
N SER B 418 -21.33 7.43 -19.66
CA SER B 418 -22.57 8.17 -19.90
C SER B 418 -23.83 7.32 -19.80
N VAL B 419 -23.71 6.02 -20.07
CA VAL B 419 -24.91 5.18 -20.05
C VAL B 419 -25.46 4.96 -18.63
N PRO B 420 -24.67 4.33 -17.74
CA PRO B 420 -25.16 4.15 -16.37
C PRO B 420 -25.33 5.49 -15.64
N ALA B 421 -24.54 6.48 -16.01
CA ALA B 421 -24.66 7.81 -15.42
C ALA B 421 -26.00 8.44 -15.76
N ALA B 422 -26.39 8.38 -17.03
CA ALA B 422 -27.70 8.86 -17.44
C ALA B 422 -28.78 8.12 -16.66
N PHE B 423 -28.63 6.81 -16.54
CA PHE B 423 -29.58 6.02 -15.76
C PHE B 423 -29.69 6.54 -14.32
N GLY B 424 -28.55 6.55 -13.62
CA GLY B 424 -28.51 7.04 -12.25
C GLY B 424 -29.04 8.45 -12.07
N TYR B 425 -28.65 9.33 -12.98
CA TYR B 425 -29.09 10.72 -12.94
C TYR B 425 -30.61 10.81 -13.09
N ALA B 426 -31.16 10.01 -14.00
CA ALA B 426 -32.60 10.01 -14.26
C ALA B 426 -33.39 9.52 -13.05
N VAL B 427 -32.86 8.50 -12.38
CA VAL B 427 -33.47 8.02 -11.14
C VAL B 427 -33.55 9.17 -10.16
N GLY B 428 -32.51 10.00 -10.16
CA GLY B 428 -32.44 11.14 -9.26
C GLY B 428 -33.22 12.36 -9.73
N ALA B 429 -33.40 12.51 -11.04
CA ALA B 429 -34.12 13.66 -11.60
C ALA B 429 -35.08 13.23 -12.70
N PRO B 430 -36.06 12.39 -12.34
CA PRO B 430 -37.00 11.75 -13.28
C PRO B 430 -37.81 12.77 -14.06
N GLU B 431 -38.01 13.93 -13.46
CA GLU B 431 -38.90 14.98 -13.98
C GLU B 431 -38.23 15.81 -15.08
N ARG B 432 -36.91 15.78 -15.14
CA ARG B 432 -36.19 16.57 -16.12
C ARG B 432 -36.27 15.95 -17.49
N ARG B 433 -36.03 16.76 -18.52
CA ARG B 433 -35.83 16.24 -19.86
C ARG B 433 -34.38 15.74 -19.94
N ASN B 434 -34.20 14.43 -19.84
CA ASN B 434 -32.87 13.83 -19.79
C ASN B 434 -32.41 13.30 -21.15
N ILE B 435 -31.45 14.00 -21.75
CA ILE B 435 -30.87 13.61 -23.02
C ILE B 435 -29.49 12.99 -22.83
N LEU B 436 -29.27 11.84 -23.46
CA LEU B 436 -27.96 11.20 -23.46
C LEU B 436 -27.37 11.23 -24.86
N MET B 437 -26.21 11.89 -25.00
CA MET B 437 -25.49 11.93 -26.26
C MET B 437 -24.28 11.02 -26.16
N VAL B 438 -24.33 9.90 -26.87
CA VAL B 438 -23.29 8.88 -26.73
C VAL B 438 -22.95 8.20 -28.06
N GLY B 439 -21.66 8.01 -28.31
CA GLY B 439 -21.21 7.35 -29.52
C GLY B 439 -21.31 5.84 -29.43
N ASP B 440 -21.37 5.18 -30.59
CA ASP B 440 -21.45 3.72 -30.62
C ASP B 440 -20.27 3.07 -29.89
N GLY B 441 -19.07 3.61 -30.07
CA GLY B 441 -17.90 3.06 -29.41
C GLY B 441 -18.10 2.94 -27.91
N SER B 442 -18.46 4.07 -27.28
CA SER B 442 -18.66 4.13 -25.84
C SER B 442 -19.84 3.29 -25.37
N PHE B 443 -20.94 3.38 -26.13
CA PHE B 443 -22.19 2.71 -25.77
C PHE B 443 -21.99 1.24 -25.51
N GLN B 444 -21.05 0.63 -26.24
CA GLN B 444 -20.83 -0.81 -26.16
C GLN B 444 -20.24 -1.29 -24.82
N LEU B 445 -19.56 -0.41 -24.10
CA LEU B 445 -18.92 -0.84 -22.85
C LEU B 445 -19.94 -1.12 -21.74
N THR B 446 -21.10 -0.47 -21.83
CA THR B 446 -22.04 -0.42 -20.72
C THR B 446 -23.49 -0.46 -21.17
N ALA B 447 -23.72 -0.84 -22.43
CA ALA B 447 -25.03 -0.77 -23.05
C ALA B 447 -26.16 -1.30 -22.17
N GLN B 448 -25.88 -2.37 -21.42
CA GLN B 448 -26.93 -3.10 -20.70
C GLN B 448 -27.72 -2.27 -19.66
N GLU B 449 -27.13 -1.18 -19.18
CA GLU B 449 -27.83 -0.37 -18.18
C GLU B 449 -29.06 0.32 -18.76
N VAL B 450 -29.11 0.46 -20.07
CA VAL B 450 -30.32 0.94 -20.74
C VAL B 450 -31.49 0.02 -20.39
N ALA B 451 -31.18 -1.25 -20.11
CA ALA B 451 -32.20 -2.19 -19.69
C ALA B 451 -32.83 -1.81 -18.36
N GLN B 452 -32.06 -1.16 -17.49
CA GLN B 452 -32.59 -0.70 -16.21
C GLN B 452 -33.48 0.56 -16.39
N MET B 453 -33.16 1.38 -17.39
CA MET B 453 -34.03 2.50 -17.74
C MET B 453 -35.37 1.97 -18.19
N VAL B 454 -35.34 0.89 -18.96
CA VAL B 454 -36.54 0.22 -19.40
C VAL B 454 -37.30 -0.34 -18.20
N ARG B 455 -36.57 -1.01 -17.31
CA ARG B 455 -37.14 -1.60 -16.09
C ARG B 455 -37.90 -0.59 -15.24
N LEU B 456 -37.28 0.57 -14.98
CA LEU B 456 -37.87 1.60 -14.13
C LEU B 456 -38.74 2.60 -14.89
N LYS B 457 -38.95 2.34 -16.17
CA LYS B 457 -39.80 3.19 -17.01
C LYS B 457 -39.28 4.61 -17.11
N LEU B 458 -37.96 4.76 -17.16
CA LEU B 458 -37.33 6.06 -17.22
C LEU B 458 -37.29 6.59 -18.65
N PRO B 459 -37.93 7.74 -18.89
CA PRO B 459 -37.88 8.32 -20.23
C PRO B 459 -36.56 9.01 -20.45
N VAL B 460 -35.60 8.32 -21.06
CA VAL B 460 -34.33 8.93 -21.39
C VAL B 460 -34.16 8.95 -22.90
N ILE B 461 -33.83 10.12 -23.45
CA ILE B 461 -33.66 10.24 -24.89
C ILE B 461 -32.20 10.04 -25.29
N ILE B 462 -31.94 8.91 -25.94
CA ILE B 462 -30.58 8.51 -26.28
C ILE B 462 -30.25 8.74 -27.74
N PHE B 463 -29.37 9.70 -28.00
CA PHE B 463 -28.83 9.90 -29.33
C PHE B 463 -27.57 9.05 -29.48
N LEU B 464 -27.73 7.87 -30.09
CA LEU B 464 -26.60 6.98 -30.32
C LEU B 464 -25.93 7.38 -31.62
N ILE B 465 -24.69 7.85 -31.53
CA ILE B 465 -24.00 8.35 -32.71
C ILE B 465 -23.23 7.22 -33.37
N ASN B 466 -23.84 6.60 -34.37
CA ASN B 466 -23.21 5.49 -35.05
C ASN B 466 -22.38 5.95 -36.25
N ASN B 467 -21.12 6.26 -36.00
CA ASN B 467 -20.19 6.60 -37.06
C ASN B 467 -19.17 5.46 -37.25
N TYR B 468 -19.52 4.29 -36.74
CA TYR B 468 -18.79 3.06 -36.99
C TYR B 468 -17.34 3.09 -36.51
N GLY B 469 -17.14 3.28 -35.21
CA GLY B 469 -15.81 3.22 -34.64
C GLY B 469 -15.51 4.38 -33.69
N TYR B 470 -14.29 4.43 -33.16
CA TYR B 470 -13.88 5.49 -32.24
C TYR B 470 -13.33 6.71 -32.98
N THR B 471 -14.20 7.61 -33.43
CA THR B 471 -13.75 8.75 -34.23
C THR B 471 -12.77 9.65 -33.49
N ILE B 472 -13.05 9.94 -32.23
CA ILE B 472 -12.16 10.79 -31.44
C ILE B 472 -10.73 10.26 -31.43
N ASP B 473 -10.59 8.93 -31.37
CA ASP B 473 -9.27 8.29 -31.42
C ASP B 473 -8.70 8.29 -32.84
N VAL B 474 -9.60 8.25 -33.83
CA VAL B 474 -9.17 8.32 -35.22
C VAL B 474 -8.46 9.66 -35.44
N MET B 475 -8.89 10.68 -34.69
CA MET B 475 -8.36 12.02 -34.87
C MET B 475 -7.19 12.32 -33.94
N ILE B 476 -6.91 11.40 -33.03
CA ILE B 476 -5.73 11.54 -32.18
C ILE B 476 -4.61 10.71 -32.80
N HIS B 477 -4.91 9.45 -33.07
CA HIS B 477 -3.95 8.57 -33.72
C HIS B 477 -4.65 7.32 -34.25
N ASP B 478 -4.72 7.19 -35.58
CA ASP B 478 -5.53 6.16 -36.20
C ASP B 478 -4.85 4.79 -36.24
N GLY B 479 -5.67 3.74 -36.27
CA GLY B 479 -5.17 2.38 -36.39
C GLY B 479 -6.32 1.40 -36.50
N PRO B 480 -6.02 0.10 -36.65
CA PRO B 480 -7.07 -0.92 -36.78
C PRO B 480 -7.86 -1.02 -35.48
N TYR B 481 -7.25 -0.57 -34.40
CA TYR B 481 -7.84 -0.65 -33.08
C TYR B 481 -8.98 0.35 -32.89
N ASN B 482 -9.23 1.18 -33.90
CA ASN B 482 -10.32 2.14 -33.83
C ASN B 482 -11.60 1.62 -34.48
N ASN B 483 -11.53 0.42 -35.01
CA ASN B 483 -12.68 -0.20 -35.65
C ASN B 483 -13.41 -1.12 -34.68
N ILE B 484 -14.74 -1.17 -34.80
CA ILE B 484 -15.54 -2.01 -33.92
C ILE B 484 -16.54 -2.85 -34.70
N LYS B 485 -17.15 -3.81 -34.02
CA LYS B 485 -18.28 -4.56 -34.57
C LYS B 485 -19.52 -3.68 -34.44
N ASN B 486 -20.13 -3.36 -35.57
CA ASN B 486 -21.37 -2.60 -35.55
C ASN B 486 -22.54 -3.44 -35.03
N TRP B 487 -23.44 -2.81 -34.28
CA TRP B 487 -24.65 -3.48 -33.86
C TRP B 487 -25.87 -2.83 -34.50
N ASP B 488 -27.01 -3.52 -34.44
CA ASP B 488 -28.29 -2.89 -34.73
C ASP B 488 -28.75 -2.23 -33.43
N TYR B 489 -28.26 -1.02 -33.18
CA TYR B 489 -28.49 -0.34 -31.90
C TYR B 489 -29.95 -0.06 -31.63
N ALA B 490 -30.67 0.38 -32.65
CA ALA B 490 -32.09 0.58 -32.53
C ALA B 490 -32.80 -0.71 -32.10
N GLY B 491 -32.26 -1.84 -32.53
CA GLY B 491 -32.91 -3.13 -32.31
C GLY B 491 -32.73 -3.62 -30.89
N LEU B 492 -31.69 -3.14 -30.23
CA LEU B 492 -31.39 -3.52 -28.85
C LEU B 492 -32.55 -3.23 -27.90
N MET B 493 -33.27 -2.14 -28.15
CA MET B 493 -34.35 -1.71 -27.26
C MET B 493 -35.44 -2.76 -27.05
N GLU B 494 -35.89 -3.39 -28.13
CA GLU B 494 -36.90 -4.43 -28.02
C GLU B 494 -36.36 -5.65 -27.26
N VAL B 495 -35.08 -5.95 -27.46
CA VAL B 495 -34.41 -7.00 -26.70
C VAL B 495 -34.51 -6.73 -25.21
N PHE B 496 -34.25 -5.48 -24.84
CA PHE B 496 -34.29 -5.05 -23.44
C PHE B 496 -35.73 -5.03 -22.91
N ASN B 497 -36.68 -4.68 -23.78
CA ASN B 497 -38.08 -4.75 -23.43
C ASN B 497 -38.45 -6.18 -23.04
N GLY B 498 -37.92 -7.13 -23.81
CA GLY B 498 -38.18 -8.54 -23.57
C GLY B 498 -39.60 -8.94 -23.86
N ASN B 499 -40.40 -7.98 -24.33
CA ASN B 499 -41.79 -8.24 -24.67
C ASN B 499 -41.97 -9.58 -25.37
N GLY B 500 -42.50 -10.55 -24.64
CA GLY B 500 -42.66 -11.90 -25.13
C GLY B 500 -42.26 -12.89 -24.06
N GLY B 501 -41.50 -12.41 -23.09
CA GLY B 501 -41.05 -13.24 -21.98
C GLY B 501 -41.89 -13.04 -20.73
N TYR B 502 -41.29 -12.45 -19.70
CA TYR B 502 -41.97 -12.26 -18.42
C TYR B 502 -42.44 -10.82 -18.22
N ASP B 503 -41.57 -9.99 -17.66
CA ASP B 503 -41.90 -8.59 -17.40
C ASP B 503 -42.13 -7.84 -18.70
N SER B 504 -42.10 -6.51 -18.65
CA SER B 504 -42.36 -5.70 -19.84
C SER B 504 -41.49 -4.45 -19.92
N GLY B 505 -41.51 -3.81 -21.08
CA GLY B 505 -40.71 -2.62 -21.32
C GLY B 505 -41.29 -1.77 -22.44
N ALA B 506 -41.13 -0.46 -22.29
CA ALA B 506 -41.64 0.49 -23.25
C ALA B 506 -40.50 1.33 -23.84
N GLY B 507 -39.32 0.74 -23.93
CA GLY B 507 -38.21 1.36 -24.62
C GLY B 507 -38.47 1.38 -26.12
N LYS B 508 -37.88 2.34 -26.81
CA LYS B 508 -38.06 2.45 -28.25
C LYS B 508 -36.73 2.68 -28.96
N GLY B 509 -36.53 1.97 -30.06
CA GLY B 509 -35.33 2.13 -30.86
C GLY B 509 -35.65 2.60 -32.27
N LEU B 510 -35.07 3.72 -32.67
CA LEU B 510 -35.35 4.28 -33.99
C LEU B 510 -34.05 4.52 -34.76
N LYS B 511 -34.16 4.56 -36.09
CA LYS B 511 -32.99 4.78 -36.96
C LYS B 511 -33.10 6.10 -37.73
N ALA B 512 -32.02 6.86 -37.78
CA ALA B 512 -32.01 8.14 -38.49
C ALA B 512 -30.86 8.24 -39.49
N LYS B 513 -31.21 8.27 -40.78
CA LYS B 513 -30.21 8.35 -41.83
C LYS B 513 -30.31 9.66 -42.60
N THR B 514 -31.27 10.50 -42.21
CA THR B 514 -31.43 11.83 -42.80
C THR B 514 -31.96 12.78 -41.74
N GLY B 515 -31.92 14.07 -42.03
CA GLY B 515 -32.42 15.07 -41.09
C GLY B 515 -33.91 14.93 -40.85
N GLY B 516 -34.65 14.60 -41.89
CA GLY B 516 -36.09 14.38 -41.76
C GLY B 516 -36.40 13.24 -40.83
N GLU B 517 -35.69 12.12 -41.01
CA GLU B 517 -35.91 10.95 -40.16
C GLU B 517 -35.57 11.27 -38.70
N LEU B 518 -34.42 11.91 -38.48
CA LEU B 518 -34.05 12.33 -37.14
C LEU B 518 -35.13 13.20 -36.52
N ALA B 519 -35.70 14.10 -37.32
CA ALA B 519 -36.72 15.02 -36.83
C ALA B 519 -37.97 14.27 -36.37
N GLU B 520 -38.40 13.29 -37.16
CA GLU B 520 -39.54 12.46 -36.80
C GLU B 520 -39.22 11.62 -35.56
N ALA B 521 -38.02 11.04 -35.56
CA ALA B 521 -37.59 10.19 -34.46
C ALA B 521 -37.59 10.94 -33.13
N ILE B 522 -37.18 12.20 -33.17
CA ILE B 522 -37.15 13.05 -32.00
C ILE B 522 -38.56 13.26 -31.46
N LYS B 523 -39.49 13.55 -32.37
CA LYS B 523 -40.89 13.72 -31.99
C LYS B 523 -41.39 12.49 -31.26
N VAL B 524 -41.05 11.31 -31.77
CA VAL B 524 -41.45 10.06 -31.14
C VAL B 524 -40.83 9.90 -29.76
N ALA B 525 -39.55 10.25 -29.64
CA ALA B 525 -38.84 10.18 -28.36
C ALA B 525 -39.53 11.01 -27.28
N LEU B 526 -39.76 12.29 -27.59
CA LEU B 526 -40.41 13.21 -26.65
C LEU B 526 -41.75 12.67 -26.13
N ALA B 527 -42.48 11.98 -27.01
CA ALA B 527 -43.79 11.44 -26.65
C ALA B 527 -43.65 10.19 -25.79
N ASN B 528 -42.58 9.44 -26.04
CA ASN B 528 -42.28 8.25 -25.25
C ASN B 528 -41.72 8.66 -23.89
N THR B 529 -42.60 8.72 -22.90
CA THR B 529 -42.20 9.07 -21.54
C THR B 529 -42.41 7.87 -20.64
N ASP B 530 -42.51 6.69 -21.26
CA ASP B 530 -42.79 5.46 -20.57
C ASP B 530 -41.51 4.61 -20.43
N GLY B 531 -40.55 4.90 -21.28
CA GLY B 531 -39.27 4.21 -21.28
C GLY B 531 -38.30 5.03 -22.08
N PRO B 532 -37.06 4.55 -22.21
CA PRO B 532 -36.06 5.31 -22.96
C PRO B 532 -36.27 5.15 -24.47
N THR B 533 -35.82 6.14 -25.22
CA THR B 533 -35.88 6.08 -26.67
C THR B 533 -34.47 6.26 -27.23
N LEU B 534 -33.96 5.21 -27.86
CA LEU B 534 -32.65 5.25 -28.49
C LEU B 534 -32.80 5.57 -29.96
N ILE B 535 -32.22 6.68 -30.38
CA ILE B 535 -32.21 7.07 -31.79
C ILE B 535 -30.83 6.82 -32.37
N GLU B 536 -30.74 5.80 -33.22
CA GLU B 536 -29.48 5.44 -33.87
C GLU B 536 -29.23 6.38 -35.03
N CYS B 537 -28.24 7.25 -34.87
CA CYS B 537 -27.91 8.24 -35.90
C CYS B 537 -26.71 7.77 -36.74
N PHE B 538 -26.92 7.69 -38.05
CA PHE B 538 -25.87 7.22 -38.96
C PHE B 538 -25.16 8.40 -39.62
N ILE B 539 -23.85 8.52 -39.33
CA ILE B 539 -23.01 9.55 -39.93
C ILE B 539 -21.64 8.97 -40.27
N GLY B 540 -20.87 9.70 -41.06
CA GLY B 540 -19.54 9.23 -41.48
C GLY B 540 -18.48 9.32 -40.39
N ARG B 541 -17.50 8.42 -40.46
CA ARG B 541 -16.40 8.45 -39.51
C ARG B 541 -15.70 9.81 -39.50
N GLU B 542 -15.47 10.36 -40.70
CA GLU B 542 -14.71 11.60 -40.84
C GLU B 542 -15.53 12.85 -40.55
N ASP B 543 -16.86 12.71 -40.58
CA ASP B 543 -17.72 13.87 -40.39
C ASP B 543 -17.88 14.25 -38.93
N CYS B 544 -16.87 14.93 -38.39
CA CYS B 544 -16.86 15.34 -36.99
C CYS B 544 -16.70 16.85 -36.88
N THR B 545 -16.71 17.35 -35.65
CA THR B 545 -16.48 18.77 -35.41
C THR B 545 -15.06 19.13 -35.82
N GLU B 546 -14.86 20.36 -36.29
CA GLU B 546 -13.52 20.81 -36.63
C GLU B 546 -12.69 20.88 -35.35
N GLU B 547 -13.35 21.23 -34.26
CA GLU B 547 -12.71 21.35 -32.94
C GLU B 547 -11.98 20.06 -32.54
N LEU B 548 -12.66 18.93 -32.69
CA LEU B 548 -12.07 17.64 -32.35
C LEU B 548 -10.76 17.43 -33.11
N VAL B 549 -10.77 17.77 -34.39
CA VAL B 549 -9.60 17.59 -35.24
C VAL B 549 -8.39 18.38 -34.75
N LYS B 550 -8.62 19.63 -34.37
CA LYS B 550 -7.53 20.48 -33.89
C LYS B 550 -7.06 20.03 -32.51
N TRP B 551 -8.01 19.90 -31.59
CA TRP B 551 -7.74 19.47 -30.23
C TRP B 551 -7.04 18.11 -30.22
N GLY B 552 -7.47 17.21 -31.11
CA GLY B 552 -6.89 15.89 -31.22
C GLY B 552 -5.41 15.91 -31.58
N LYS B 553 -5.03 16.83 -32.48
CA LYS B 553 -3.64 16.95 -32.89
C LYS B 553 -2.75 17.43 -31.74
N ARG B 554 -3.29 18.34 -30.93
CA ARG B 554 -2.56 18.85 -29.77
C ARG B 554 -2.35 17.75 -28.74
N VAL B 555 -3.42 17.01 -28.47
CA VAL B 555 -3.38 15.89 -27.53
C VAL B 555 -2.36 14.85 -27.97
N ALA B 556 -2.41 14.47 -29.24
CA ALA B 556 -1.47 13.51 -29.80
C ALA B 556 -0.02 13.99 -29.69
N ALA B 557 0.19 15.28 -29.95
CA ALA B 557 1.54 15.83 -29.88
C ALA B 557 2.01 15.85 -28.43
N ALA B 558 1.13 16.26 -27.52
CA ALA B 558 1.44 16.28 -26.10
C ALA B 558 1.84 14.89 -25.60
N ASN B 559 0.99 13.91 -25.91
CA ASN B 559 1.19 12.54 -25.45
C ASN B 559 2.54 11.96 -25.87
N SER B 560 2.94 12.23 -27.11
CA SER B 560 4.08 11.54 -27.68
C SER B 560 5.38 12.32 -27.57
N ARG B 561 5.32 13.48 -26.93
CA ARG B 561 6.51 14.30 -26.83
C ARG B 561 7.65 13.52 -26.17
N LYS B 562 8.85 13.66 -26.73
CA LYS B 562 9.99 12.84 -26.33
C LYS B 562 10.49 13.14 -24.91
N PRO B 563 11.08 12.13 -24.25
CA PRO B 563 11.65 12.32 -22.92
C PRO B 563 12.61 13.50 -22.91
N VAL B 564 12.53 14.31 -21.85
CA VAL B 564 13.45 15.42 -21.68
C VAL B 564 14.62 15.00 -20.81
N ASN B 565 15.83 15.14 -21.34
CA ASN B 565 17.03 14.67 -20.64
C ASN B 565 17.09 15.09 -19.17
N LYS B 566 17.20 14.10 -18.28
CA LYS B 566 17.14 14.34 -16.85
C LYS B 566 18.50 14.21 -16.15
N SER C 2 9.38 37.50 -2.13
CA SER C 2 8.42 36.49 -1.71
C SER C 2 9.11 35.36 -0.95
N TYR C 3 8.31 34.38 -0.53
CA TYR C 3 8.85 33.24 0.20
C TYR C 3 9.42 32.17 -0.74
N THR C 4 10.16 31.25 -0.16
CA THR C 4 10.59 30.04 -0.87
C THR C 4 9.84 28.87 -0.28
N VAL C 5 9.98 27.70 -0.88
CA VAL C 5 9.36 26.50 -0.32
C VAL C 5 9.80 26.32 1.13
N GLY C 6 11.08 26.48 1.38
CA GLY C 6 11.63 26.34 2.71
C GLY C 6 11.10 27.35 3.73
N THR C 7 11.12 28.63 3.37
CA THR C 7 10.71 29.66 4.32
C THR C 7 9.20 29.63 4.56
N TYR C 8 8.44 29.18 3.55
CA TYR C 8 7.01 29.03 3.72
C TYR C 8 6.75 28.01 4.83
N LEU C 9 7.41 26.86 4.72
CA LEU C 9 7.35 25.85 5.76
C LEU C 9 7.74 26.47 7.11
N ALA C 10 8.83 27.23 7.11
CA ALA C 10 9.31 27.87 8.33
C ALA C 10 8.27 28.81 8.95
N GLU C 11 7.67 29.66 8.13
CA GLU C 11 6.66 30.59 8.64
C GLU C 11 5.48 29.82 9.23
N ARG C 12 5.01 28.80 8.54
CA ARG C 12 3.87 28.03 9.01
C ARG C 12 4.18 27.35 10.34
N LEU C 13 5.40 26.84 10.47
CA LEU C 13 5.85 26.26 11.72
C LEU C 13 5.84 27.27 12.87
N VAL C 14 6.31 28.48 12.60
CA VAL C 14 6.25 29.55 13.59
C VAL C 14 4.79 29.90 13.92
N GLN C 15 3.96 29.92 12.89
CA GLN C 15 2.55 30.30 13.06
C GLN C 15 1.76 29.34 13.96
N ILE C 16 2.15 28.07 14.00
CA ILE C 16 1.44 27.13 14.88
C ILE C 16 2.01 27.13 16.30
N GLY C 17 3.05 27.93 16.52
CA GLY C 17 3.59 28.14 17.84
C GLY C 17 4.92 27.47 18.12
N LEU C 18 5.59 26.99 17.08
CA LEU C 18 6.89 26.37 17.27
C LEU C 18 7.97 27.43 17.51
N LYS C 19 8.80 27.20 18.52
CA LYS C 19 9.95 28.06 18.79
C LYS C 19 11.22 27.28 18.45
N HIS C 20 11.03 25.99 18.19
CA HIS C 20 12.12 25.11 17.81
C HIS C 20 11.61 24.09 16.82
N HIS C 21 12.53 23.56 15.99
CA HIS C 21 12.31 22.32 15.27
C HIS C 21 13.58 21.48 15.40
N PHE C 22 13.43 20.17 15.30
CA PHE C 22 14.54 19.24 15.50
C PHE C 22 15.01 18.65 14.17
N ALA C 23 16.30 18.42 14.03
CA ALA C 23 16.84 18.00 12.75
C ALA C 23 18.09 17.14 12.84
N VAL C 24 18.27 16.35 11.78
CA VAL C 24 19.53 15.67 11.55
C VAL C 24 19.83 15.94 10.08
N ALA C 25 21.01 16.50 9.80
CA ALA C 25 21.33 16.96 8.45
C ALA C 25 21.72 15.82 7.53
N GLY C 26 21.44 16.01 6.23
CA GLY C 26 21.83 15.08 5.19
C GLY C 26 21.76 15.84 3.88
N ASP C 27 22.49 15.39 2.86
CA ASP C 27 22.59 16.18 1.63
C ASP C 27 21.24 16.43 0.94
N TYR C 28 20.27 15.57 1.21
CA TYR C 28 18.93 15.76 0.66
C TYR C 28 18.16 16.86 1.39
N ASN C 29 18.65 17.30 2.55
CA ASN C 29 17.94 18.35 3.29
C ASN C 29 18.74 19.61 3.63
N LEU C 30 20.01 19.65 3.21
CA LEU C 30 20.89 20.76 3.60
C LEU C 30 20.32 22.13 3.22
N VAL C 31 19.93 22.27 1.95
CA VAL C 31 19.41 23.54 1.46
C VAL C 31 18.11 23.90 2.18
N LEU C 32 17.26 22.90 2.39
CA LEU C 32 16.05 23.08 3.18
C LEU C 32 16.40 23.60 4.56
N LEU C 33 17.41 23.00 5.18
CA LEU C 33 17.87 23.45 6.49
C LEU C 33 18.31 24.91 6.46
N ASP C 34 19.02 25.31 5.42
CA ASP C 34 19.38 26.72 5.24
C ASP C 34 18.14 27.62 5.27
N ASN C 35 17.11 27.22 4.53
CA ASN C 35 15.90 28.02 4.48
C ASN C 35 15.17 28.11 5.81
N LEU C 36 15.14 27.01 6.56
CA LEU C 36 14.51 27.02 7.89
C LEU C 36 15.23 27.98 8.82
N LEU C 37 16.55 28.05 8.68
CA LEU C 37 17.37 28.89 9.54
C LEU C 37 17.11 30.38 9.35
N LEU C 38 16.61 30.75 8.18
CA LEU C 38 16.36 32.16 7.88
C LEU C 38 15.31 32.76 8.79
N ASN C 39 14.44 31.91 9.33
CA ASN C 39 13.39 32.38 10.23
C ASN C 39 13.85 32.40 11.68
N LYS C 40 14.16 33.59 12.17
CA LYS C 40 14.74 33.75 13.50
C LYS C 40 13.74 33.54 14.62
N ASN C 41 12.48 33.30 14.29
CA ASN C 41 11.47 33.09 15.31
C ASN C 41 11.47 31.68 15.92
N MET C 42 12.32 30.82 15.39
CA MET C 42 12.55 29.52 16.01
C MET C 42 14.01 29.10 15.87
N GLU C 43 14.43 28.20 16.77
CA GLU C 43 15.78 27.67 16.73
C GLU C 43 15.80 26.28 16.13
N GLN C 44 16.87 25.99 15.38
CA GLN C 44 17.07 24.69 14.78
C GLN C 44 17.94 23.84 15.71
N VAL C 45 17.37 22.72 16.17
CA VAL C 45 18.01 21.90 17.19
C VAL C 45 18.43 20.56 16.60
N TYR C 46 19.70 20.21 16.76
CA TYR C 46 20.23 19.01 16.11
C TYR C 46 20.28 17.84 17.06
N CYS C 47 20.02 16.64 16.54
CA CYS C 47 19.97 15.43 17.35
C CYS C 47 21.06 14.44 16.92
N CYS C 48 21.26 13.40 17.70
CA CYS C 48 22.27 12.38 17.42
C CYS C 48 21.88 11.47 16.28
N ASN C 49 20.65 10.98 16.33
CA ASN C 49 20.11 10.14 15.26
C ASN C 49 18.65 10.47 15.02
N GLU C 50 18.05 9.85 14.02
CA GLU C 50 16.73 10.25 13.55
C GLU C 50 15.58 9.71 14.39
N LEU C 51 15.79 8.56 15.03
CA LEU C 51 14.79 8.02 15.96
C LEU C 51 14.67 8.97 17.14
N ASN C 52 15.82 9.37 17.67
CA ASN C 52 15.87 10.33 18.77
C ASN C 52 15.36 11.69 18.32
N CYS C 53 15.63 12.04 17.07
CA CYS C 53 15.10 13.29 16.53
C CYS C 53 13.58 13.32 16.62
N GLY C 54 12.95 12.25 16.19
CA GLY C 54 11.50 12.17 16.18
C GLY C 54 10.89 12.14 17.56
N PHE C 55 11.51 11.37 18.46
CA PHE C 55 11.01 11.32 19.82
C PHE C 55 11.25 12.65 20.56
N SER C 56 12.28 13.37 20.17
CA SER C 56 12.52 14.69 20.75
C SER C 56 11.38 15.62 20.36
N ALA C 57 11.03 15.60 19.07
CA ALA C 57 9.88 16.35 18.59
C ALA C 57 8.61 15.91 19.33
N GLU C 58 8.49 14.61 19.57
CA GLU C 58 7.34 14.06 20.29
C GLU C 58 7.23 14.68 21.70
N GLY C 59 8.34 14.68 22.43
CA GLY C 59 8.38 15.31 23.73
C GLY C 59 8.06 16.81 23.70
N TYR C 60 8.61 17.50 22.71
CA TYR C 60 8.36 18.93 22.54
C TYR C 60 6.87 19.20 22.31
N ALA C 61 6.21 18.28 21.60
CA ALA C 61 4.79 18.42 21.32
C ALA C 61 3.96 18.31 22.60
N ARG C 62 4.45 17.53 23.56
CA ARG C 62 3.78 17.41 24.85
C ARG C 62 3.87 18.73 25.61
N ALA C 63 4.98 19.42 25.47
CA ALA C 63 5.20 20.69 26.15
C ALA C 63 4.51 21.87 25.46
N LYS C 64 4.56 21.91 24.13
CA LYS C 64 4.10 23.09 23.40
C LYS C 64 2.86 22.86 22.51
N GLY C 65 2.45 21.61 22.33
CA GLY C 65 1.24 21.32 21.58
C GLY C 65 1.47 20.74 20.21
N ALA C 66 2.60 21.08 19.60
CA ALA C 66 2.98 20.52 18.31
C ALA C 66 4.50 20.55 18.17
N ALA C 67 5.00 19.99 17.08
CA ALA C 67 6.44 19.91 16.86
C ALA C 67 6.79 19.54 15.42
N ALA C 68 8.07 19.63 15.10
CA ALA C 68 8.54 19.29 13.78
C ALA C 68 9.92 18.68 13.88
N ALA C 69 10.15 17.66 13.04
CA ALA C 69 11.46 17.06 12.90
C ALA C 69 11.83 16.99 11.42
N VAL C 70 13.09 17.30 11.11
CA VAL C 70 13.55 17.30 9.74
C VAL C 70 14.67 16.27 9.55
N VAL C 71 14.49 15.39 8.58
CA VAL C 71 15.45 14.30 8.37
C VAL C 71 15.79 14.18 6.90
N THR C 72 16.81 13.37 6.60
CA THR C 72 17.17 13.11 5.21
C THR C 72 16.46 11.86 4.68
N TYR C 73 16.39 11.77 3.35
CA TYR C 73 15.62 10.73 2.69
C TYR C 73 16.03 9.32 3.06
N SER C 74 15.03 8.50 3.40
CA SER C 74 15.17 7.05 3.51
C SER C 74 15.97 6.60 4.74
N VAL C 75 17.28 6.79 4.71
CA VAL C 75 18.10 6.37 5.85
C VAL C 75 17.77 7.18 7.11
N GLY C 76 17.26 8.39 6.93
CA GLY C 76 16.81 9.18 8.05
C GLY C 76 15.34 8.98 8.38
N ALA C 77 14.50 8.94 7.36
CA ALA C 77 13.06 8.88 7.55
C ALA C 77 12.52 7.55 8.11
N LEU C 78 13.10 6.43 7.66
CA LEU C 78 12.59 5.12 8.06
C LEU C 78 12.68 4.89 9.57
N SER C 79 13.79 5.28 10.17
CA SER C 79 13.92 5.17 11.63
C SER C 79 12.95 6.15 12.31
N ALA C 80 12.87 7.36 11.76
CA ALA C 80 12.00 8.39 12.32
C ALA C 80 10.54 7.95 12.26
N PHE C 81 10.22 7.05 11.33
CA PHE C 81 8.86 6.51 11.22
C PHE C 81 8.41 5.85 12.52
N ASP C 82 9.36 5.28 13.25
CA ASP C 82 9.08 4.61 14.52
C ASP C 82 8.60 5.65 15.53
N ALA C 83 9.28 6.79 15.59
CA ALA C 83 8.85 7.88 16.47
C ALA C 83 7.53 8.49 16.00
N ILE C 84 7.38 8.65 14.69
CA ILE C 84 6.17 9.20 14.10
C ILE C 84 4.96 8.30 14.39
N GLY C 85 5.15 6.99 14.24
CA GLY C 85 4.14 6.04 14.67
C GLY C 85 3.81 6.31 16.13
N GLY C 86 4.84 6.59 16.91
CA GLY C 86 4.66 6.88 18.33
C GLY C 86 3.80 8.11 18.56
N ALA C 87 3.99 9.13 17.73
CA ALA C 87 3.23 10.38 17.87
C ALA C 87 1.75 10.16 17.55
N TYR C 88 1.50 9.23 16.63
CA TYR C 88 0.13 8.92 16.23
C TYR C 88 -0.57 8.19 17.38
N ALA C 89 0.11 7.19 17.93
CA ALA C 89 -0.37 6.43 19.07
C ALA C 89 -0.70 7.35 20.24
N GLU C 90 0.12 8.38 20.42
CA GLU C 90 0.01 9.26 21.57
C GLU C 90 -0.67 10.59 21.24
N ASN C 91 -1.33 10.64 20.09
CA ASN C 91 -2.13 11.79 19.69
C ASN C 91 -1.40 13.13 19.75
N LEU C 92 -0.17 13.16 19.25
CA LEU C 92 0.62 14.38 19.21
C LEU C 92 0.90 14.77 17.77
N PRO C 93 0.51 16.01 17.40
CA PRO C 93 0.74 16.49 16.03
C PRO C 93 2.21 16.85 15.76
N VAL C 94 2.98 15.85 15.36
CA VAL C 94 4.37 16.07 14.98
C VAL C 94 4.52 16.10 13.48
N ILE C 95 5.17 17.14 12.96
CA ILE C 95 5.35 17.28 11.52
C ILE C 95 6.71 16.72 11.13
N LEU C 96 6.70 15.61 10.42
CA LEU C 96 7.94 15.00 9.93
C LEU C 96 8.21 15.51 8.53
N ILE C 97 9.34 16.18 8.36
CA ILE C 97 9.75 16.67 7.06
C ILE C 97 11.03 15.99 6.60
N SER C 98 10.94 15.31 5.46
CA SER C 98 12.09 14.61 4.92
C SER C 98 12.58 15.30 3.66
N GLY C 99 13.90 15.34 3.50
CA GLY C 99 14.47 15.76 2.24
C GLY C 99 14.21 14.64 1.25
N ALA C 100 14.28 14.94 -0.04
CA ALA C 100 13.95 13.95 -1.05
C ALA C 100 14.78 14.18 -2.30
N PRO C 101 14.87 13.18 -3.17
CA PRO C 101 15.65 13.27 -4.42
C PRO C 101 15.39 14.54 -5.23
N ASN C 102 16.40 14.93 -6.00
CA ASN C 102 16.25 15.97 -7.00
C ASN C 102 15.02 15.62 -7.83
N ASN C 103 14.18 16.60 -8.17
CA ASN C 103 12.95 16.28 -8.89
C ASN C 103 13.15 15.71 -10.30
N ASN C 104 14.32 15.95 -10.88
CA ASN C 104 14.64 15.41 -12.20
C ASN C 104 14.86 13.91 -12.21
N ASP C 105 15.06 13.32 -11.03
CA ASP C 105 15.46 11.92 -10.91
C ASP C 105 14.27 10.96 -10.93
N HIS C 106 13.06 11.51 -11.04
CA HIS C 106 11.88 10.67 -11.14
C HIS C 106 11.62 10.25 -12.58
N ALA C 107 11.23 8.98 -12.74
CA ALA C 107 10.96 8.40 -14.05
C ALA C 107 12.08 8.73 -15.03
N ALA C 108 13.33 8.59 -14.57
CA ALA C 108 14.49 8.88 -15.39
C ALA C 108 15.42 7.67 -15.44
N GLY C 109 15.02 6.60 -14.75
CA GLY C 109 15.83 5.40 -14.70
C GLY C 109 17.06 5.60 -13.85
N HIS C 110 17.00 6.51 -12.89
CA HIS C 110 18.16 6.81 -12.05
C HIS C 110 18.13 6.08 -10.71
N VAL C 111 19.27 5.51 -10.35
CA VAL C 111 19.48 4.93 -9.03
C VAL C 111 20.15 5.97 -8.15
N LEU C 112 19.59 6.20 -6.97
CA LEU C 112 20.09 7.25 -6.09
C LEU C 112 20.55 6.71 -4.75
N HIS C 113 21.55 7.38 -4.17
CA HIS C 113 22.06 7.02 -2.86
C HIS C 113 20.96 7.12 -1.81
N HIS C 114 21.13 6.37 -0.71
CA HIS C 114 20.14 6.31 0.36
C HIS C 114 18.87 5.57 -0.05
N ALA C 115 18.79 5.14 -1.30
CA ALA C 115 17.60 4.42 -1.77
C ALA C 115 17.85 2.91 -1.92
N LEU C 116 16.81 2.20 -2.33
CA LEU C 116 16.83 0.74 -2.37
C LEU C 116 17.67 0.15 -3.49
N GLY C 117 18.09 0.98 -4.44
CA GLY C 117 18.84 0.50 -5.58
C GLY C 117 17.96 0.40 -6.81
N LYS C 118 16.67 0.63 -6.61
CA LYS C 118 15.74 0.70 -7.73
C LYS C 118 15.65 2.14 -8.24
N THR C 119 14.82 2.36 -9.25
CA THR C 119 14.74 3.67 -9.89
C THR C 119 13.42 4.36 -9.54
N ASP C 120 12.74 3.82 -8.53
CA ASP C 120 11.47 4.33 -8.03
C ASP C 120 11.65 4.97 -6.65
N TYR C 121 10.94 6.04 -6.38
CA TYR C 121 11.12 6.78 -5.12
C TYR C 121 9.82 7.23 -4.48
N HIS C 122 8.81 6.37 -4.50
CA HIS C 122 7.56 6.67 -3.80
C HIS C 122 7.36 5.76 -2.60
N TYR C 123 8.25 4.79 -2.41
CA TYR C 123 8.05 3.84 -1.32
C TYR C 123 7.99 4.50 0.05
N GLN C 124 8.74 5.60 0.22
CA GLN C 124 8.80 6.26 1.53
C GLN C 124 7.48 6.97 1.83
N LEU C 125 7.00 7.74 0.87
CA LEU C 125 5.68 8.34 0.97
C LEU C 125 4.61 7.29 1.27
N GLU C 126 4.67 6.18 0.56
CA GLU C 126 3.67 5.11 0.71
C GLU C 126 3.68 4.50 2.10
N MET C 127 4.87 4.21 2.61
CA MET C 127 5.03 3.69 3.96
C MET C 127 4.52 4.72 4.97
N ALA C 128 4.81 5.99 4.71
CA ALA C 128 4.43 7.06 5.61
C ALA C 128 2.91 7.15 5.78
N LYS C 129 2.17 6.92 4.70
CA LYS C 129 0.71 7.00 4.77
C LYS C 129 0.13 6.10 5.85
N ASN C 130 0.83 5.02 6.16
CA ASN C 130 0.35 4.05 7.16
C ASN C 130 0.34 4.57 8.60
N ILE C 131 1.14 5.59 8.88
CA ILE C 131 1.32 6.07 10.24
C ILE C 131 1.11 7.58 10.39
N THR C 132 0.38 8.18 9.46
CA THR C 132 0.11 9.61 9.49
C THR C 132 -1.34 9.93 9.12
N ALA C 133 -1.81 11.11 9.53
CA ALA C 133 -3.16 11.55 9.21
C ALA C 133 -3.16 12.21 7.85
N ALA C 134 -1.97 12.60 7.40
CA ALA C 134 -1.79 13.23 6.11
C ALA C 134 -0.34 13.09 5.66
N ALA C 135 -0.15 12.75 4.40
CA ALA C 135 1.18 12.61 3.82
C ALA C 135 1.21 13.17 2.41
N GLU C 136 2.07 14.16 2.18
CA GLU C 136 2.20 14.80 0.89
C GLU C 136 3.65 14.82 0.44
N ALA C 137 3.87 14.56 -0.85
CA ALA C 137 5.20 14.71 -1.42
C ALA C 137 5.24 15.97 -2.25
N ILE C 138 6.30 16.75 -2.08
CA ILE C 138 6.40 18.02 -2.80
C ILE C 138 7.50 17.93 -3.85
N TYR C 139 7.11 17.98 -5.11
CA TYR C 139 8.06 17.85 -6.22
C TYR C 139 8.31 19.16 -6.94
N THR C 140 7.36 20.09 -6.80
CA THR C 140 7.47 21.40 -7.45
C THR C 140 7.09 22.51 -6.47
N PRO C 141 7.77 23.67 -6.59
CA PRO C 141 7.52 24.79 -5.69
C PRO C 141 6.08 25.29 -5.75
N GLU C 142 5.46 25.22 -6.93
CA GLU C 142 4.07 25.67 -7.06
C GLU C 142 3.15 24.89 -6.14
N GLU C 143 3.51 23.64 -5.85
CA GLU C 143 2.64 22.75 -5.09
C GLU C 143 2.85 22.81 -3.58
N ALA C 144 3.98 23.40 -3.16
CA ALA C 144 4.34 23.45 -1.74
C ALA C 144 3.27 24.07 -0.83
N PRO C 145 2.85 25.32 -1.12
CA PRO C 145 1.92 26.00 -0.22
C PRO C 145 0.68 25.16 0.10
N ALA C 146 -0.05 24.70 -0.92
CA ALA C 146 -1.25 23.92 -0.68
C ALA C 146 -0.96 22.65 0.12
N LYS C 147 0.12 21.97 -0.23
CA LYS C 147 0.47 20.73 0.45
C LYS C 147 0.91 20.97 1.88
N ILE C 148 1.74 21.99 2.08
CA ILE C 148 2.18 22.36 3.42
C ILE C 148 0.98 22.75 4.28
N ASP C 149 0.12 23.61 3.75
CA ASP C 149 -1.05 24.05 4.50
C ASP C 149 -1.94 22.87 4.89
N HIS C 150 -2.07 21.91 3.97
CA HIS C 150 -2.98 20.79 4.17
C HIS C 150 -2.56 19.91 5.34
N VAL C 151 -1.29 19.52 5.38
CA VAL C 151 -0.82 18.62 6.43
C VAL C 151 -0.86 19.27 7.80
N ILE C 152 -0.39 20.51 7.87
CA ILE C 152 -0.35 21.22 9.14
C ILE C 152 -1.76 21.41 9.69
N LYS C 153 -2.66 21.87 8.83
CA LYS C 153 -4.06 22.04 9.22
C LYS C 153 -4.62 20.70 9.69
N THR C 154 -4.27 19.64 8.97
CA THR C 154 -4.75 18.31 9.31
C THR C 154 -4.22 17.84 10.66
N ALA C 155 -2.92 18.02 10.88
CA ALA C 155 -2.29 17.61 12.14
C ALA C 155 -2.93 18.30 13.36
N LEU C 156 -3.11 19.60 13.28
CA LEU C 156 -3.68 20.38 14.37
C LEU C 156 -5.11 19.98 14.69
N ARG C 157 -5.82 19.48 13.69
CA ARG C 157 -7.26 19.20 13.83
C ARG C 157 -7.48 17.82 14.40
N GLU C 158 -6.69 16.86 13.94
CA GLU C 158 -6.85 15.48 14.35
C GLU C 158 -5.91 15.16 15.51
N LYS C 159 -5.02 16.08 15.83
CA LYS C 159 -3.97 15.83 16.81
C LYS C 159 -3.24 14.55 16.45
N LYS C 160 -2.66 14.54 15.26
CA LYS C 160 -1.90 13.39 14.78
C LYS C 160 -0.71 13.87 13.96
N PRO C 161 0.33 13.03 13.84
CA PRO C 161 1.51 13.41 13.04
C PRO C 161 1.20 13.41 11.55
N VAL C 162 1.99 14.17 10.80
CA VAL C 162 1.86 14.26 9.36
C VAL C 162 3.23 14.20 8.72
N TYR C 163 3.25 14.01 7.41
CA TYR C 163 4.49 13.76 6.68
C TYR C 163 4.60 14.66 5.46
N LEU C 164 5.77 15.26 5.30
CA LEU C 164 6.09 15.99 4.07
C LEU C 164 7.47 15.54 3.58
N GLU C 165 7.60 15.39 2.27
CA GLU C 165 8.93 15.25 1.70
C GLU C 165 9.12 16.33 0.64
N ILE C 166 10.33 16.87 0.57
CA ILE C 166 10.58 18.01 -0.31
C ILE C 166 11.78 17.74 -1.20
N ALA C 167 11.55 17.74 -2.51
CA ALA C 167 12.62 17.55 -3.48
C ALA C 167 13.75 18.51 -3.14
N CYS C 168 14.97 17.98 -3.00
CA CYS C 168 16.08 18.76 -2.47
C CYS C 168 16.39 20.00 -3.31
N ASN C 169 16.05 19.94 -4.60
CA ASN C 169 16.37 21.02 -5.53
C ASN C 169 15.34 22.15 -5.62
N ILE C 170 14.28 22.08 -4.81
CA ILE C 170 13.24 23.11 -4.85
C ILE C 170 13.08 23.87 -3.52
N ALA C 171 13.90 23.53 -2.53
CA ALA C 171 13.82 24.13 -1.21
C ALA C 171 13.95 25.65 -1.22
N SER C 172 14.80 26.17 -2.10
CA SER C 172 15.04 27.61 -2.17
C SER C 172 14.23 28.30 -3.26
N MET C 173 13.35 27.55 -3.92
CA MET C 173 12.60 28.11 -5.04
C MET C 173 11.40 28.93 -4.57
N PRO C 174 11.11 30.03 -5.28
CA PRO C 174 10.02 30.93 -4.91
C PRO C 174 8.65 30.26 -4.99
N CYS C 175 7.75 30.70 -4.10
CA CYS C 175 6.36 30.27 -4.12
C CYS C 175 5.53 31.36 -3.45
N ALA C 176 4.21 31.20 -3.45
CA ALA C 176 3.32 32.16 -2.81
C ALA C 176 3.65 32.30 -1.32
N ALA C 177 3.22 33.40 -0.73
CA ALA C 177 3.45 33.66 0.69
C ALA C 177 2.28 33.11 1.49
N PRO C 178 2.53 32.75 2.77
CA PRO C 178 1.50 32.24 3.67
C PRO C 178 0.56 33.33 4.14
N GLY C 179 -0.71 32.99 4.34
CA GLY C 179 -1.67 33.91 4.89
C GLY C 179 -1.70 33.86 6.41
N PRO C 180 -2.76 34.41 7.02
CA PRO C 180 -2.92 34.53 8.47
C PRO C 180 -2.83 33.19 9.19
N ALA C 181 -2.22 33.18 10.37
CA ALA C 181 -2.10 31.97 11.16
C ALA C 181 -3.46 31.39 11.53
N SER C 182 -4.40 32.26 11.86
CA SER C 182 -5.72 31.83 12.33
C SER C 182 -6.35 30.78 11.44
N ALA C 183 -6.04 30.83 10.15
CA ALA C 183 -6.56 29.86 9.20
C ALA C 183 -6.10 28.43 9.52
N LEU C 184 -4.93 28.31 10.13
CA LEU C 184 -4.37 27.00 10.43
C LEU C 184 -5.14 26.31 11.56
N PHE C 185 -5.68 27.12 12.48
CA PHE C 185 -6.39 26.59 13.63
C PHE C 185 -7.90 26.54 13.39
N ASN C 186 -8.36 27.10 12.27
CA ASN C 186 -9.77 27.13 11.95
C ASN C 186 -10.38 25.74 11.91
N ASP C 187 -11.22 25.45 12.90
CA ASP C 187 -11.86 24.14 13.01
C ASP C 187 -13.38 24.28 13.06
N GLU C 188 -14.08 23.19 12.79
CA GLU C 188 -15.54 23.19 12.91
C GLU C 188 -15.94 23.45 14.35
N ALA C 189 -17.13 24.03 14.52
CA ALA C 189 -17.70 24.17 15.86
C ALA C 189 -18.61 22.98 16.10
N SER C 190 -18.94 22.72 17.36
CA SER C 190 -19.89 21.66 17.68
C SER C 190 -21.23 21.95 17.03
N ASP C 191 -21.84 20.95 16.42
CA ASP C 191 -23.16 21.12 15.83
C ASP C 191 -24.13 21.41 16.96
N GLU C 192 -24.74 22.59 16.93
CA GLU C 192 -25.59 23.05 18.02
C GLU C 192 -26.66 22.04 18.40
N ALA C 193 -27.36 21.50 17.41
CA ALA C 193 -28.45 20.56 17.67
C ALA C 193 -27.94 19.28 18.34
N SER C 194 -26.76 18.83 17.92
CA SER C 194 -26.18 17.60 18.44
C SER C 194 -25.61 17.78 19.85
N LEU C 195 -24.94 18.91 20.07
CA LEU C 195 -24.41 19.23 21.39
C LEU C 195 -25.52 19.24 22.44
N ASN C 196 -26.64 19.86 22.11
CA ASN C 196 -27.76 19.95 23.04
C ASN C 196 -28.39 18.60 23.35
N ALA C 197 -28.52 17.76 22.33
CA ALA C 197 -29.13 16.45 22.49
C ALA C 197 -28.22 15.48 23.24
N ALA C 198 -26.93 15.54 22.95
CA ALA C 198 -25.96 14.75 23.67
C ALA C 198 -26.06 15.04 25.17
N VAL C 199 -26.16 16.33 25.50
CA VAL C 199 -26.27 16.76 26.88
C VAL C 199 -27.59 16.30 27.48
N GLU C 200 -28.67 16.49 26.72
CA GLU C 200 -30.00 16.13 27.18
C GLU C 200 -30.13 14.63 27.45
N GLU C 201 -29.60 13.82 26.54
CA GLU C 201 -29.62 12.37 26.70
C GLU C 201 -28.77 11.92 27.88
N THR C 202 -27.69 12.64 28.13
CA THR C 202 -26.83 12.36 29.28
C THR C 202 -27.59 12.59 30.59
N LEU C 203 -28.24 13.75 30.72
CA LEU C 203 -29.07 14.04 31.87
C LEU C 203 -30.15 12.97 32.02
N LYS C 204 -30.76 12.61 30.90
CA LYS C 204 -31.76 11.54 30.85
C LYS C 204 -31.19 10.25 31.43
N PHE C 205 -29.98 9.91 30.99
CA PHE C 205 -29.36 8.64 31.35
C PHE C 205 -28.96 8.58 32.84
N ILE C 206 -28.54 9.71 33.39
CA ILE C 206 -28.10 9.74 34.78
C ILE C 206 -29.21 10.18 35.75
N ALA C 207 -30.34 10.61 35.20
CA ALA C 207 -31.42 11.16 36.01
C ALA C 207 -31.92 10.18 37.08
N ASN C 208 -31.95 8.91 36.74
CA ASN C 208 -32.36 7.88 37.68
C ASN C 208 -31.21 6.93 38.00
N ARG C 209 -29.99 7.48 38.01
CA ARG C 209 -28.79 6.72 38.29
C ARG C 209 -27.91 7.49 39.26
N ASP C 210 -27.93 7.10 40.53
CA ASP C 210 -27.22 7.82 41.56
C ASP C 210 -25.71 7.68 41.44
N LYS C 211 -25.21 6.46 41.47
CA LYS C 211 -23.78 6.19 41.42
C LYS C 211 -23.17 6.53 40.06
N VAL C 212 -22.74 7.79 39.90
CA VAL C 212 -22.07 8.19 38.67
C VAL C 212 -20.58 8.37 38.92
N ALA C 213 -19.76 7.66 38.14
CA ALA C 213 -18.31 7.77 38.26
C ALA C 213 -17.73 8.32 36.97
N VAL C 214 -16.76 9.21 37.09
CA VAL C 214 -16.09 9.79 35.94
C VAL C 214 -14.73 9.11 35.74
N LEU C 215 -14.49 8.66 34.51
CA LEU C 215 -13.22 8.03 34.17
C LEU C 215 -12.47 8.91 33.17
N VAL C 216 -11.30 9.40 33.58
CA VAL C 216 -10.52 10.32 32.76
C VAL C 216 -9.56 9.55 31.85
N GLY C 217 -9.63 9.81 30.54
CA GLY C 217 -8.86 9.07 29.57
C GLY C 217 -7.63 9.79 29.02
N SER C 218 -6.74 9.02 28.40
CA SER C 218 -5.48 9.53 27.93
C SER C 218 -5.61 10.45 26.72
N LYS C 219 -6.82 10.60 26.20
CA LYS C 219 -7.04 11.50 25.08
C LYS C 219 -7.59 12.87 25.49
N LEU C 220 -7.78 13.07 26.79
CA LEU C 220 -8.38 14.29 27.30
C LEU C 220 -7.60 15.54 26.89
N ARG C 221 -6.27 15.47 26.98
CA ARG C 221 -5.44 16.62 26.62
C ARG C 221 -5.56 16.94 25.13
N ALA C 222 -5.53 15.90 24.31
CA ALA C 222 -5.68 16.08 22.87
C ALA C 222 -6.99 16.79 22.58
N ALA C 223 -8.01 16.48 23.37
CA ALA C 223 -9.31 17.12 23.23
C ALA C 223 -9.31 18.50 23.87
N GLY C 224 -8.19 18.87 24.49
CA GLY C 224 -8.06 20.13 25.19
C GLY C 224 -9.20 20.37 26.15
N ALA C 225 -9.60 19.33 26.86
CA ALA C 225 -10.77 19.38 27.73
C ALA C 225 -10.45 19.11 29.20
N GLU C 226 -9.17 19.20 29.57
CA GLU C 226 -8.79 19.02 30.97
C GLU C 226 -9.53 19.99 31.90
N GLU C 227 -9.51 21.28 31.57
CA GLU C 227 -10.18 22.27 32.39
C GLU C 227 -11.69 22.04 32.48
N ALA C 228 -12.31 21.73 31.35
CA ALA C 228 -13.74 21.48 31.31
C ALA C 228 -14.08 20.22 32.10
N ALA C 229 -13.12 19.32 32.21
CA ALA C 229 -13.31 18.07 32.95
C ALA C 229 -13.35 18.36 34.45
N VAL C 230 -12.71 19.45 34.85
CA VAL C 230 -12.76 19.89 36.23
C VAL C 230 -14.09 20.58 36.51
N LYS C 231 -14.46 21.51 35.63
CA LYS C 231 -15.74 22.20 35.73
C LYS C 231 -16.89 21.20 35.86
N PHE C 232 -16.81 20.11 35.10
CA PHE C 232 -17.85 19.09 35.10
C PHE C 232 -17.84 18.23 36.36
N ALA C 233 -16.64 17.79 36.76
CA ALA C 233 -16.49 16.96 37.94
C ALA C 233 -16.99 17.67 39.19
N ASP C 234 -16.64 18.94 39.33
CA ASP C 234 -17.04 19.73 40.49
C ASP C 234 -18.54 20.00 40.51
N ALA C 235 -19.15 20.07 39.33
CA ALA C 235 -20.58 20.26 39.22
C ALA C 235 -21.32 18.96 39.52
N LEU C 236 -20.73 17.86 39.08
CA LEU C 236 -21.33 16.53 39.26
C LEU C 236 -21.26 16.06 40.71
N GLY C 237 -20.17 16.40 41.39
CA GLY C 237 -19.94 15.93 42.74
C GLY C 237 -19.72 14.43 42.78
N GLY C 238 -19.53 13.84 41.60
CA GLY C 238 -19.31 12.41 41.51
C GLY C 238 -17.85 12.06 41.70
N ALA C 239 -17.56 10.77 41.81
CA ALA C 239 -16.19 10.30 41.95
C ALA C 239 -15.46 10.44 40.62
N VAL C 240 -14.20 10.85 40.68
CA VAL C 240 -13.37 11.00 39.48
C VAL C 240 -12.11 10.15 39.60
N ALA C 241 -11.89 9.29 38.60
CA ALA C 241 -10.67 8.49 38.51
C ALA C 241 -10.02 8.65 37.14
N THR C 242 -8.72 8.49 37.09
CA THR C 242 -8.00 8.55 35.83
C THR C 242 -7.45 7.16 35.49
N MET C 243 -7.56 6.78 34.22
CA MET C 243 -6.92 5.55 33.79
C MET C 243 -5.41 5.73 33.95
N ALA C 244 -4.67 4.63 33.84
CA ALA C 244 -3.23 4.67 34.08
C ALA C 244 -2.53 5.72 33.22
N ALA C 245 -2.85 5.72 31.93
CA ALA C 245 -2.16 6.59 30.97
C ALA C 245 -2.57 8.06 31.08
N ALA C 246 -3.58 8.34 31.90
CA ALA C 246 -4.10 9.69 32.01
C ALA C 246 -3.65 10.39 33.29
N LYS C 247 -2.56 9.90 33.89
CA LYS C 247 -2.09 10.50 35.12
C LYS C 247 -1.66 11.94 34.90
N SER C 248 -2.20 12.82 35.75
CA SER C 248 -1.95 14.27 35.74
C SER C 248 -2.90 15.03 34.83
N PHE C 249 -3.80 14.33 34.15
CA PHE C 249 -4.78 14.98 33.27
C PHE C 249 -5.99 15.47 34.08
N PHE C 250 -5.98 15.18 35.38
CA PHE C 250 -7.00 15.68 36.31
C PHE C 250 -6.33 15.99 37.63
N PRO C 251 -6.79 17.06 38.32
CA PRO C 251 -6.22 17.49 39.61
C PRO C 251 -6.39 16.46 40.73
N GLU C 252 -5.29 15.94 41.24
CA GLU C 252 -5.31 14.93 42.29
C GLU C 252 -5.59 15.51 43.68
N GLU C 253 -5.47 16.83 43.81
CA GLU C 253 -5.84 17.50 45.06
C GLU C 253 -7.32 17.84 45.06
N ASN C 254 -7.98 17.60 43.92
CA ASN C 254 -9.42 17.78 43.81
C ASN C 254 -10.13 16.81 44.74
N PRO C 255 -11.14 17.29 45.47
CA PRO C 255 -11.85 16.50 46.48
C PRO C 255 -12.61 15.30 45.90
N HIS C 256 -12.85 15.31 44.60
CA HIS C 256 -13.59 14.23 43.97
C HIS C 256 -12.67 13.13 43.44
N TYR C 257 -11.41 13.47 43.24
CA TYR C 257 -10.44 12.52 42.69
C TYR C 257 -10.24 11.35 43.64
N ILE C 258 -10.38 10.13 43.13
CA ILE C 258 -10.24 8.94 43.96
C ILE C 258 -9.00 8.12 43.62
N GLY C 259 -8.35 8.44 42.51
CA GLY C 259 -7.10 7.80 42.15
C GLY C 259 -7.07 7.08 40.82
N THR C 260 -6.16 6.11 40.72
CA THR C 260 -5.91 5.38 39.48
C THR C 260 -6.89 4.23 39.26
N SER C 261 -7.45 4.16 38.06
CA SER C 261 -8.26 3.01 37.67
C SER C 261 -7.47 2.18 36.66
N TRP C 262 -7.14 0.96 37.05
CA TRP C 262 -6.28 0.09 36.27
C TRP C 262 -6.56 -1.35 36.66
N GLY C 263 -7.85 -1.66 36.81
CA GLY C 263 -8.27 -3.00 37.18
C GLY C 263 -7.66 -3.44 38.50
N GLU C 264 -7.04 -4.61 38.48
CA GLU C 264 -6.53 -5.23 39.70
C GLU C 264 -5.28 -4.54 40.26
N VAL C 265 -4.72 -3.60 39.50
CA VAL C 265 -3.59 -2.83 40.02
C VAL C 265 -4.01 -1.39 40.32
N SER C 266 -5.31 -1.16 40.39
CA SER C 266 -5.90 0.14 40.68
C SER C 266 -5.51 0.60 42.09
N TYR C 267 -5.75 1.88 42.38
CA TYR C 267 -5.62 2.40 43.74
C TYR C 267 -6.69 1.71 44.57
N PRO C 268 -6.38 1.38 45.83
CA PRO C 268 -7.33 0.67 46.70
C PRO C 268 -8.74 1.26 46.64
N GLY C 269 -9.73 0.40 46.40
CA GLY C 269 -11.12 0.82 46.39
C GLY C 269 -11.65 1.32 45.06
N VAL C 270 -10.75 1.70 44.15
CA VAL C 270 -11.17 2.23 42.86
C VAL C 270 -11.82 1.15 41.98
N GLU C 271 -11.13 0.01 41.86
CA GLU C 271 -11.63 -1.08 41.04
C GLU C 271 -13.10 -1.37 41.33
N LYS C 272 -13.41 -1.56 42.61
CA LYS C 272 -14.77 -1.89 43.02
C LYS C 272 -15.75 -0.74 42.80
N THR C 273 -15.30 0.48 43.08
CA THR C 273 -16.13 1.66 42.87
C THR C 273 -16.51 1.79 41.39
N MET C 274 -15.54 1.56 40.51
CA MET C 274 -15.81 1.56 39.08
C MET C 274 -16.75 0.43 38.73
N LYS C 275 -16.72 -0.63 39.53
CA LYS C 275 -17.57 -1.80 39.33
C LYS C 275 -19.00 -1.56 39.78
N GLU C 276 -19.17 -0.76 40.83
CA GLU C 276 -20.47 -0.53 41.42
C GLU C 276 -21.26 0.57 40.70
N ALA C 277 -20.55 1.56 40.18
CA ALA C 277 -21.17 2.72 39.55
C ALA C 277 -22.36 2.36 38.66
N ASP C 278 -23.48 3.07 38.86
CA ASP C 278 -24.64 2.92 38.00
C ASP C 278 -24.34 3.46 36.61
N ALA C 279 -23.38 4.37 36.54
CA ALA C 279 -22.98 4.95 35.27
C ALA C 279 -21.51 5.32 35.31
N VAL C 280 -20.80 4.99 34.25
CA VAL C 280 -19.42 5.43 34.09
C VAL C 280 -19.34 6.41 32.92
N ILE C 281 -18.98 7.65 33.23
CA ILE C 281 -18.77 8.64 32.18
C ILE C 281 -17.29 8.70 31.82
N ALA C 282 -16.95 8.13 30.66
CA ALA C 282 -15.56 8.06 30.22
C ALA C 282 -15.19 9.21 29.28
N LEU C 283 -14.20 10.00 29.70
CA LEU C 283 -13.81 11.19 28.95
C LEU C 283 -12.58 10.94 28.10
N ALA C 284 -12.81 10.64 26.82
CA ALA C 284 -11.73 10.42 25.86
C ALA C 284 -10.76 9.33 26.31
N PRO C 285 -11.29 8.11 26.51
CA PRO C 285 -10.46 7.01 27.00
C PRO C 285 -9.86 6.17 25.87
N VAL C 286 -8.74 5.53 26.15
CA VAL C 286 -8.21 4.51 25.26
C VAL C 286 -8.19 3.17 25.98
N PHE C 287 -9.05 2.25 25.57
CA PHE C 287 -9.08 0.92 26.16
C PHE C 287 -8.28 -0.07 25.31
N ASN C 288 -7.12 -0.47 25.80
CA ASN C 288 -6.34 -1.51 25.14
C ASN C 288 -6.02 -2.67 26.09
N ASP C 289 -5.26 -3.64 25.61
CA ASP C 289 -4.92 -4.82 26.40
C ASP C 289 -4.09 -4.47 27.64
N TYR C 290 -3.42 -3.32 27.61
CA TYR C 290 -2.59 -2.89 28.73
C TYR C 290 -3.37 -2.10 29.78
N SER C 291 -4.19 -1.16 29.31
CA SER C 291 -4.96 -0.32 30.22
C SER C 291 -6.06 -1.11 30.92
N THR C 292 -6.50 -2.19 30.28
CA THR C 292 -7.54 -3.05 30.87
C THR C 292 -6.92 -4.21 31.63
N THR C 293 -5.59 -4.18 31.78
CA THR C 293 -4.86 -5.21 32.52
C THR C 293 -5.12 -6.60 31.96
N GLY C 294 -4.64 -6.85 30.75
CA GLY C 294 -4.78 -8.17 30.13
C GLY C 294 -6.21 -8.53 29.80
N TRP C 295 -7.08 -7.51 29.70
CA TRP C 295 -8.51 -7.71 29.40
C TRP C 295 -9.31 -8.19 30.61
N THR C 296 -8.73 -8.14 31.80
CA THR C 296 -9.45 -8.60 33.00
C THR C 296 -10.31 -7.49 33.60
N ASP C 297 -10.19 -6.29 33.05
CA ASP C 297 -11.01 -5.17 33.50
C ASP C 297 -11.59 -4.44 32.29
N ILE C 298 -12.82 -4.77 31.95
CA ILE C 298 -13.50 -4.17 30.81
C ILE C 298 -14.84 -3.60 31.26
N PRO C 299 -15.01 -2.28 31.12
CA PRO C 299 -16.22 -1.59 31.59
C PRO C 299 -17.48 -2.13 30.93
N ASP C 300 -18.51 -2.39 31.73
CA ASP C 300 -19.81 -2.78 31.21
C ASP C 300 -20.32 -1.70 30.26
N PRO C 301 -20.47 -2.04 28.97
CA PRO C 301 -20.94 -1.05 28.00
C PRO C 301 -22.36 -0.58 28.32
N LYS C 302 -23.04 -1.30 29.20
CA LYS C 302 -24.41 -0.98 29.58
C LYS C 302 -24.49 0.34 30.33
N LYS C 303 -23.51 0.59 31.20
CA LYS C 303 -23.51 1.76 32.06
C LYS C 303 -22.56 2.84 31.55
N LEU C 304 -21.98 2.60 30.38
CA LEU C 304 -20.90 3.45 29.88
C LEU C 304 -21.37 4.63 29.04
N VAL C 305 -20.91 5.82 29.39
CA VAL C 305 -21.09 7.00 28.56
C VAL C 305 -19.76 7.36 27.92
N LEU C 306 -19.64 7.11 26.61
CA LEU C 306 -18.36 7.28 25.92
C LEU C 306 -18.27 8.65 25.25
N ALA C 307 -17.63 9.58 25.96
CA ALA C 307 -17.45 10.93 25.44
C ALA C 307 -16.06 11.06 24.83
N GLU C 308 -15.98 10.80 23.52
CA GLU C 308 -14.73 10.91 22.78
C GLU C 308 -14.40 12.37 22.52
N PRO C 309 -13.19 12.66 22.02
CA PRO C 309 -12.81 14.04 21.76
C PRO C 309 -13.74 14.79 20.80
N ARG C 310 -14.36 14.10 19.85
CA ARG C 310 -15.19 14.77 18.86
C ARG C 310 -16.58 14.13 18.66
N SER C 311 -16.96 13.26 19.59
CA SER C 311 -18.28 12.65 19.56
C SER C 311 -18.63 12.10 20.92
N VAL C 312 -19.91 11.83 21.13
CA VAL C 312 -20.36 11.23 22.37
C VAL C 312 -21.39 10.14 22.09
N VAL C 313 -21.20 8.98 22.72
CA VAL C 313 -22.21 7.93 22.71
C VAL C 313 -22.84 7.88 24.10
N VAL C 314 -24.15 8.04 24.15
CA VAL C 314 -24.86 8.00 25.43
C VAL C 314 -26.32 7.57 25.26
N ASN C 315 -26.76 6.68 26.15
CA ASN C 315 -28.14 6.21 26.12
C ASN C 315 -28.47 5.45 24.83
N GLY C 316 -27.45 4.82 24.24
CA GLY C 316 -27.63 4.05 23.04
C GLY C 316 -27.62 4.87 21.77
N ILE C 317 -27.23 6.14 21.87
CA ILE C 317 -27.23 7.04 20.72
C ILE C 317 -25.83 7.62 20.49
N ARG C 318 -25.42 7.74 19.24
CA ARG C 318 -24.13 8.33 18.91
C ARG C 318 -24.27 9.74 18.33
N PHE C 319 -23.49 10.67 18.87
CA PHE C 319 -23.56 12.08 18.48
C PHE C 319 -22.22 12.59 17.96
N PRO C 320 -21.97 12.45 16.65
CA PRO C 320 -20.77 13.02 16.04
C PRO C 320 -20.81 14.55 16.00
N SER C 321 -19.68 15.18 15.71
CA SER C 321 -19.61 16.62 15.56
C SER C 321 -19.86 17.36 16.88
N VAL C 322 -19.46 16.73 17.98
CA VAL C 322 -19.58 17.35 19.30
C VAL C 322 -18.23 17.39 20.01
N HIS C 323 -17.66 18.59 20.14
CA HIS C 323 -16.39 18.79 20.83
C HIS C 323 -16.50 18.51 22.32
N LEU C 324 -15.66 17.61 22.82
CA LEU C 324 -15.69 17.21 24.22
C LEU C 324 -15.62 18.40 25.18
N LYS C 325 -14.82 19.39 24.81
CA LYS C 325 -14.72 20.62 25.59
C LYS C 325 -16.11 21.23 25.77
N ASP C 326 -16.85 21.31 24.66
CA ASP C 326 -18.19 21.88 24.68
C ASP C 326 -19.17 20.99 25.43
N TYR C 327 -19.11 19.69 25.16
CA TYR C 327 -19.95 18.74 25.86
C TYR C 327 -19.82 18.87 27.37
N LEU C 328 -18.57 18.89 27.84
CA LEU C 328 -18.30 18.98 29.28
C LEU C 328 -18.71 20.32 29.87
N THR C 329 -18.41 21.40 29.16
CA THR C 329 -18.77 22.73 29.63
C THR C 329 -20.27 22.84 29.83
N ARG C 330 -21.02 22.64 28.76
CA ARG C 330 -22.46 22.80 28.80
C ARG C 330 -23.13 21.80 29.74
N LEU C 331 -22.51 20.64 29.92
CA LEU C 331 -23.06 19.62 30.80
C LEU C 331 -22.96 20.00 32.27
N ALA C 332 -21.87 20.69 32.62
CA ALA C 332 -21.66 21.11 34.00
C ALA C 332 -22.59 22.26 34.36
N GLN C 333 -23.12 22.93 33.34
CA GLN C 333 -24.02 24.06 33.56
C GLN C 333 -25.46 23.59 33.75
N LYS C 334 -25.70 22.31 33.49
CA LYS C 334 -27.05 21.77 33.56
C LYS C 334 -27.19 20.56 34.49
N VAL C 335 -26.06 19.93 34.79
CA VAL C 335 -26.09 18.66 35.53
C VAL C 335 -26.47 18.84 37.01
N SER C 336 -27.02 17.79 37.59
CA SER C 336 -27.37 17.77 39.00
C SER C 336 -26.28 17.07 39.81
N LYS C 337 -26.41 17.11 41.13
CA LYS C 337 -25.38 16.54 42.01
C LYS C 337 -25.56 15.03 42.19
N LYS C 338 -24.66 14.26 41.59
CA LYS C 338 -24.68 12.80 41.74
C LYS C 338 -23.43 12.33 42.49
N THR C 339 -23.56 12.14 43.80
CA THR C 339 -22.41 11.83 44.64
C THR C 339 -22.33 10.35 45.03
N GLY C 340 -23.29 9.57 44.57
CA GLY C 340 -23.40 8.17 44.95
C GLY C 340 -22.13 7.35 44.93
N ALA C 341 -21.36 7.46 43.85
CA ALA C 341 -20.16 6.64 43.67
C ALA C 341 -19.03 7.07 44.62
N LEU C 342 -18.88 8.38 44.79
CA LEU C 342 -17.87 8.90 45.71
C LEU C 342 -18.20 8.47 47.13
N ASP C 343 -19.50 8.41 47.43
CA ASP C 343 -19.96 7.95 48.74
C ASP C 343 -19.61 6.49 48.94
N PHE C 344 -19.91 5.66 47.96
CA PHE C 344 -19.57 4.24 48.03
C PHE C 344 -18.06 4.06 48.11
N PHE C 345 -17.34 4.78 47.25
CA PHE C 345 -15.87 4.73 47.27
C PHE C 345 -15.36 4.95 48.69
N LYS C 346 -15.84 6.01 49.34
CA LYS C 346 -15.52 6.25 50.74
C LYS C 346 -16.11 5.17 51.63
N SER C 347 -17.33 4.74 51.31
CA SER C 347 -18.02 3.71 52.09
C SER C 347 -17.22 2.43 52.16
N LEU C 348 -16.38 2.19 51.16
CA LEU C 348 -15.56 0.99 51.13
C LEU C 348 -14.47 1.00 52.22
N ASN C 349 -14.14 2.19 52.71
CA ASN C 349 -13.12 2.30 53.75
C ASN C 349 -11.87 1.53 53.39
N ALA C 350 -11.37 1.71 52.17
CA ALA C 350 -10.25 0.92 51.68
C ALA C 350 -8.91 1.46 52.11
N GLY C 351 -8.91 2.31 53.13
CA GLY C 351 -7.69 2.96 53.57
C GLY C 351 -7.21 3.96 52.53
N GLU C 352 -6.01 3.75 52.02
CA GLU C 352 -5.41 4.66 51.04
C GLU C 352 -4.12 4.02 50.53
N LEU C 353 -3.56 4.54 49.45
CA LEU C 353 -2.36 3.93 48.88
C LEU C 353 -1.28 3.78 49.94
N LYS C 354 -0.87 2.53 50.16
CA LYS C 354 0.04 2.18 51.25
C LYS C 354 1.49 2.52 50.90
N LYS C 355 1.88 3.76 51.17
CA LYS C 355 3.26 4.19 50.91
C LYS C 355 4.17 3.87 52.09
N ALA C 356 5.36 3.38 51.79
CA ALA C 356 6.34 3.06 52.82
C ALA C 356 6.88 4.32 53.48
N ALA C 357 7.06 4.24 54.80
CA ALA C 357 7.64 5.36 55.55
C ALA C 357 9.12 5.45 55.24
N PRO C 358 9.72 6.64 55.46
CA PRO C 358 11.15 6.85 55.20
C PRO C 358 11.99 5.66 55.69
N ALA C 359 13.03 5.32 54.94
CA ALA C 359 13.83 4.15 55.24
C ALA C 359 15.11 4.49 56.01
N ASP C 360 15.65 3.50 56.69
CA ASP C 360 16.98 3.60 57.29
C ASP C 360 17.94 4.04 56.21
N PRO C 361 18.40 5.31 56.29
CA PRO C 361 19.28 5.88 55.26
C PRO C 361 20.49 4.99 54.96
N SER C 362 20.96 4.24 55.96
CA SER C 362 22.16 3.43 55.81
C SER C 362 21.93 2.06 55.16
N ALA C 363 20.67 1.63 55.11
CA ALA C 363 20.34 0.34 54.51
C ALA C 363 20.44 0.38 52.98
N PRO C 364 20.86 -0.75 52.38
CA PRO C 364 20.90 -0.88 50.91
C PRO C 364 19.60 -0.37 50.30
N LEU C 365 19.74 0.46 49.27
CA LEU C 365 18.59 1.12 48.65
C LEU C 365 17.56 0.13 48.11
N VAL C 366 16.28 0.44 48.31
CA VAL C 366 15.21 -0.36 47.71
C VAL C 366 14.36 0.51 46.78
N ASN C 367 13.60 -0.14 45.91
CA ASN C 367 12.72 0.57 44.99
C ASN C 367 11.74 1.50 45.71
N ALA C 368 11.16 1.00 46.80
CA ALA C 368 10.16 1.75 47.55
C ALA C 368 10.72 3.06 48.09
N GLU C 369 12.01 3.05 48.41
CA GLU C 369 12.68 4.24 48.90
C GLU C 369 12.97 5.23 47.78
N ILE C 370 13.23 4.72 46.58
CA ILE C 370 13.42 5.57 45.42
C ILE C 370 12.14 6.34 45.13
N ALA C 371 11.03 5.62 45.02
CA ALA C 371 9.74 6.24 44.72
C ALA C 371 9.39 7.29 45.77
N ARG C 372 9.72 7.02 47.02
CA ARG C 372 9.42 7.96 48.09
C ARG C 372 10.12 9.30 47.89
N GLN C 373 11.42 9.24 47.63
CA GLN C 373 12.23 10.45 47.48
C GLN C 373 11.90 11.21 46.20
N VAL C 374 11.66 10.49 45.12
CA VAL C 374 11.26 11.13 43.88
C VAL C 374 9.94 11.86 44.09
N GLU C 375 9.02 11.21 44.81
CA GLU C 375 7.71 11.79 45.07
C GLU C 375 7.82 13.10 45.86
N ALA C 376 8.61 13.06 46.92
CA ALA C 376 8.81 14.25 47.75
C ALA C 376 9.38 15.42 46.95
N LEU C 377 9.95 15.11 45.79
CA LEU C 377 10.57 16.13 44.94
C LEU C 377 9.57 16.88 44.07
N LEU C 378 8.36 16.36 43.97
CA LEU C 378 7.37 16.94 43.06
C LEU C 378 6.87 18.30 43.52
N THR C 379 6.65 19.20 42.56
CA THR C 379 6.10 20.53 42.83
C THR C 379 5.11 20.88 41.72
N PRO C 380 4.36 21.98 41.88
CA PRO C 380 3.43 22.42 40.84
C PRO C 380 4.15 22.79 39.54
N ASN C 381 5.47 22.94 39.61
CA ASN C 381 6.25 23.29 38.44
C ASN C 381 7.07 22.12 37.91
N THR C 382 6.71 20.92 38.37
CA THR C 382 7.46 19.71 38.04
C THR C 382 6.77 18.89 36.95
N THR C 383 7.55 18.40 36.00
CA THR C 383 7.08 17.39 35.08
C THR C 383 7.93 16.14 35.24
N VAL C 384 7.27 14.99 35.37
CA VAL C 384 7.97 13.71 35.40
C VAL C 384 7.71 12.90 34.13
N ILE C 385 8.78 12.58 33.41
CA ILE C 385 8.70 11.73 32.22
C ILE C 385 8.96 10.29 32.62
N ALA C 386 7.90 9.48 32.61
CA ALA C 386 7.99 8.10 33.12
C ALA C 386 8.11 7.05 32.01
N GLU C 387 9.24 6.37 31.97
CA GLU C 387 9.55 5.41 30.92
C GLU C 387 8.83 4.07 31.11
N THR C 388 8.55 3.40 29.99
CA THR C 388 7.98 2.06 30.01
C THR C 388 8.91 1.13 30.79
N GLY C 389 8.35 0.45 31.79
CA GLY C 389 9.12 -0.37 32.71
C GLY C 389 8.45 -0.26 34.06
N ASP C 390 9.15 -0.58 35.14
CA ASP C 390 8.55 -0.44 36.46
C ASP C 390 8.38 1.04 36.80
N SER C 391 9.11 1.90 36.08
CA SER C 391 8.96 3.34 36.25
C SER C 391 7.51 3.73 35.96
N TRP C 392 6.84 2.94 35.13
CA TRP C 392 5.41 3.11 34.90
C TRP C 392 4.68 3.06 36.22
N PHE C 393 4.94 2.00 36.97
CA PHE C 393 4.20 1.72 38.19
C PHE C 393 4.63 2.61 39.36
N ASN C 394 5.92 2.88 39.47
CA ASN C 394 6.43 3.78 40.51
C ASN C 394 5.88 5.19 40.37
N ALA C 395 5.88 5.71 39.14
CA ALA C 395 5.35 7.04 38.89
C ALA C 395 3.84 7.11 39.12
N GLN C 396 3.14 6.01 38.83
CA GLN C 396 1.69 5.96 38.98
C GLN C 396 1.28 6.06 40.44
N ARG C 397 2.12 5.52 41.33
CA ARG C 397 1.83 5.49 42.76
C ARG C 397 2.00 6.86 43.42
N MET C 398 2.54 7.81 42.69
CA MET C 398 2.88 9.11 43.26
C MET C 398 1.71 10.06 43.39
N LYS C 399 1.64 10.75 44.51
CA LYS C 399 0.66 11.80 44.72
C LYS C 399 1.15 13.09 44.06
N LEU C 400 0.33 13.66 43.21
CA LEU C 400 0.74 14.84 42.44
C LEU C 400 0.18 16.13 43.01
N PRO C 401 1.07 17.06 43.39
CA PRO C 401 0.62 18.41 43.72
C PRO C 401 -0.04 19.01 42.49
N ASN C 402 -1.11 19.78 42.66
CA ASN C 402 -1.78 20.39 41.53
C ASN C 402 -0.83 21.25 40.72
N GLY C 403 -0.75 20.97 39.42
CA GLY C 403 0.16 21.68 38.55
C GLY C 403 1.31 20.81 38.09
N ALA C 404 1.56 19.74 38.85
CA ALA C 404 2.60 18.79 38.48
C ALA C 404 2.09 17.90 37.35
N ARG C 405 2.96 17.66 36.37
CA ARG C 405 2.57 16.86 35.20
C ARG C 405 3.33 15.55 35.16
N VAL C 406 2.68 14.52 34.63
CA VAL C 406 3.33 13.25 34.36
C VAL C 406 3.15 12.95 32.87
N GLU C 407 4.25 12.58 32.22
CA GLU C 407 4.16 12.20 30.81
C GLU C 407 4.37 10.70 30.62
N TYR C 408 3.37 10.06 30.01
CA TYR C 408 3.41 8.61 29.74
C TYR C 408 3.38 8.36 28.23
N GLU C 409 4.05 7.29 27.81
CA GLU C 409 3.96 6.82 26.44
C GLU C 409 3.40 5.40 26.49
N MET C 410 2.18 5.27 27.00
CA MET C 410 1.62 3.95 27.31
C MET C 410 0.91 3.23 26.19
N GLN C 411 0.62 3.94 25.10
CA GLN C 411 0.01 3.30 23.93
C GLN C 411 1.08 2.72 23.00
N TRP C 412 2.05 3.54 22.61
CA TRP C 412 3.17 3.09 21.79
C TRP C 412 4.12 2.23 22.64
N GLY C 413 4.56 2.77 23.77
CA GLY C 413 5.40 2.02 24.70
C GLY C 413 6.74 1.57 24.14
N HIS C 414 7.42 2.47 23.45
CA HIS C 414 8.72 2.21 22.85
C HIS C 414 9.79 2.53 23.89
N ILE C 415 10.43 1.50 24.45
CA ILE C 415 11.46 1.77 25.45
C ILE C 415 12.57 2.64 24.88
N GLY C 416 13.05 3.58 25.68
CA GLY C 416 14.06 4.52 25.24
C GLY C 416 13.42 5.83 24.78
N TRP C 417 12.11 5.78 24.54
CA TRP C 417 11.36 6.98 24.21
C TRP C 417 11.70 8.13 25.16
N SER C 418 11.76 7.80 26.45
CA SER C 418 11.86 8.78 27.53
C SER C 418 13.05 9.74 27.45
N VAL C 419 14.18 9.28 26.92
CA VAL C 419 15.39 10.11 26.92
C VAL C 419 15.29 11.29 25.94
N PRO C 420 15.07 11.01 24.65
CA PRO C 420 14.84 12.12 23.72
C PRO C 420 13.55 12.87 24.03
N ALA C 421 12.55 12.17 24.54
CA ALA C 421 11.31 12.81 24.98
C ALA C 421 11.59 13.90 26.02
N ALA C 422 12.40 13.56 27.03
CA ALA C 422 12.75 14.50 28.07
C ALA C 422 13.56 15.65 27.49
N PHE C 423 14.50 15.32 26.61
CA PHE C 423 15.26 16.34 25.91
C PHE C 423 14.31 17.32 25.24
N GLY C 424 13.42 16.80 24.42
CA GLY C 424 12.50 17.63 23.66
C GLY C 424 11.58 18.42 24.57
N TYR C 425 11.04 17.75 25.59
CA TYR C 425 10.15 18.42 26.53
C TYR C 425 10.87 19.54 27.29
N ALA C 426 12.10 19.26 27.73
CA ALA C 426 12.87 20.25 28.46
C ALA C 426 13.18 21.46 27.58
N VAL C 427 13.43 21.21 26.30
CA VAL C 427 13.69 22.29 25.35
C VAL C 427 12.46 23.21 25.27
N GLY C 428 11.28 22.60 25.24
CA GLY C 428 10.04 23.35 25.18
C GLY C 428 9.55 23.85 26.53
N ALA C 429 10.10 23.33 27.61
CA ALA C 429 9.64 23.71 28.95
C ALA C 429 10.76 24.16 29.88
N PRO C 430 11.45 25.26 29.51
CA PRO C 430 12.53 25.80 30.36
C PRO C 430 11.98 26.28 31.70
N GLU C 431 10.71 26.63 31.74
CA GLU C 431 10.12 27.22 32.95
C GLU C 431 9.79 26.15 33.99
N ARG C 432 9.89 24.89 33.60
CA ARG C 432 9.57 23.77 34.50
C ARG C 432 10.83 23.04 34.95
N ARG C 433 10.74 22.32 36.06
CA ARG C 433 11.82 21.43 36.46
C ARG C 433 11.44 20.00 36.04
N ASN C 434 12.21 19.45 35.12
CA ASN C 434 11.84 18.19 34.51
C ASN C 434 12.62 16.99 35.03
N ILE C 435 11.86 15.99 35.48
CA ILE C 435 12.43 14.77 36.05
C ILE C 435 12.23 13.61 35.08
N LEU C 436 13.30 12.84 34.85
CA LEU C 436 13.22 11.64 34.04
C LEU C 436 13.43 10.39 34.87
N MET C 437 12.43 9.52 34.88
CA MET C 437 12.56 8.23 35.52
C MET C 437 12.67 7.17 34.42
N VAL C 438 13.86 6.60 34.29
CA VAL C 438 14.13 5.70 33.18
C VAL C 438 14.93 4.48 33.64
N GLY C 439 14.52 3.31 33.17
CA GLY C 439 15.22 2.08 33.49
C GLY C 439 16.50 1.92 32.69
N ASP C 440 17.41 1.09 33.19
CA ASP C 440 18.70 0.88 32.52
C ASP C 440 18.54 0.24 31.15
N GLY C 441 17.61 -0.70 31.03
CA GLY C 441 17.35 -1.33 29.74
C GLY C 441 16.88 -0.31 28.73
N SER C 442 15.96 0.55 29.14
CA SER C 442 15.39 1.57 28.26
C SER C 442 16.42 2.62 27.87
N PHE C 443 17.23 3.02 28.84
CA PHE C 443 18.22 4.07 28.67
C PHE C 443 19.19 3.73 27.54
N GLN C 444 19.48 2.45 27.36
CA GLN C 444 20.47 2.03 26.38
C GLN C 444 20.06 2.19 24.90
N LEU C 445 18.76 2.22 24.63
CA LEU C 445 18.33 2.39 23.24
C LEU C 445 18.61 3.79 22.71
N THR C 446 18.52 4.79 23.59
CA THR C 446 18.57 6.19 23.17
C THR C 446 19.48 7.08 24.02
N ALA C 447 20.34 6.45 24.83
CA ALA C 447 21.15 7.17 25.81
C ALA C 447 21.85 8.44 25.29
N GLN C 448 22.33 8.40 24.05
CA GLN C 448 23.16 9.49 23.54
C GLN C 448 22.51 10.88 23.53
N GLU C 449 21.18 10.93 23.55
CA GLU C 449 20.49 12.23 23.54
C GLU C 449 20.72 13.04 24.80
N VAL C 450 21.28 12.40 25.83
CA VAL C 450 21.71 13.12 27.03
C VAL C 450 22.80 14.12 26.67
N ALA C 451 23.58 13.79 25.65
CA ALA C 451 24.65 14.68 25.19
C ALA C 451 24.08 16.02 24.74
N GLN C 452 22.91 15.98 24.11
CA GLN C 452 22.24 17.18 23.65
C GLN C 452 21.76 18.03 24.83
N MET C 453 21.26 17.35 25.86
CA MET C 453 20.88 18.00 27.10
C MET C 453 22.06 18.76 27.66
N VAL C 454 23.21 18.09 27.71
CA VAL C 454 24.44 18.74 28.11
C VAL C 454 24.72 19.95 27.22
N ARG C 455 24.66 19.71 25.91
CA ARG C 455 24.94 20.73 24.91
C ARG C 455 24.11 21.99 25.14
N LEU C 456 22.80 21.81 25.28
CA LEU C 456 21.88 22.92 25.46
C LEU C 456 21.73 23.33 26.94
N LYS C 457 22.52 22.68 27.80
CA LYS C 457 22.55 23.01 29.22
C LYS C 457 21.18 22.86 29.89
N LEU C 458 20.53 21.71 29.62
CA LEU C 458 19.22 21.44 30.18
C LEU C 458 19.30 20.70 31.52
N PRO C 459 18.81 21.37 32.59
CA PRO C 459 18.90 20.84 33.96
C PRO C 459 17.87 19.75 34.20
N VAL C 460 17.98 18.66 33.46
CA VAL C 460 17.10 17.52 33.63
C VAL C 460 17.64 16.60 34.70
N ILE C 461 16.79 16.23 35.66
CA ILE C 461 17.19 15.33 36.73
C ILE C 461 16.80 13.91 36.35
N ILE C 462 17.82 13.06 36.18
CA ILE C 462 17.60 11.71 35.67
C ILE C 462 17.75 10.65 36.74
N PHE C 463 16.67 9.91 36.99
CA PHE C 463 16.71 8.76 37.87
C PHE C 463 16.86 7.48 37.06
N LEU C 464 18.07 6.95 37.03
CA LEU C 464 18.40 5.75 36.28
C LEU C 464 18.33 4.54 37.21
N ILE C 465 17.26 3.77 37.09
CA ILE C 465 17.06 2.64 37.99
C ILE C 465 17.82 1.43 37.48
N ASN C 466 19.03 1.23 38.01
CA ASN C 466 19.88 0.14 37.57
C ASN C 466 19.60 -1.15 38.30
N ASN C 467 18.66 -1.93 37.79
CA ASN C 467 18.38 -3.25 38.35
C ASN C 467 18.89 -4.36 37.41
N TYR C 468 19.88 -4.00 36.59
CA TYR C 468 20.60 -4.98 35.80
C TYR C 468 19.71 -5.85 34.90
N GLY C 469 18.99 -5.21 33.98
CA GLY C 469 18.19 -5.96 33.01
C GLY C 469 16.76 -5.45 32.87
N TYR C 470 15.93 -6.18 32.14
CA TYR C 470 14.56 -5.78 31.85
C TYR C 470 13.58 -6.34 32.87
N THR C 471 13.34 -5.61 33.96
CA THR C 471 12.50 -6.12 35.03
C THR C 471 11.03 -6.28 34.68
N ILE C 472 10.44 -5.29 34.02
CA ILE C 472 9.04 -5.45 33.60
C ILE C 472 8.87 -6.72 32.78
N ASP C 473 9.85 -7.00 31.91
CA ASP C 473 9.82 -8.21 31.09
C ASP C 473 10.05 -9.52 31.84
N VAL C 474 10.91 -9.50 32.84
CA VAL C 474 11.13 -10.70 33.65
C VAL C 474 9.84 -11.06 34.41
N MET C 475 9.04 -10.04 34.74
CA MET C 475 7.79 -10.25 35.47
C MET C 475 6.63 -10.66 34.55
N ILE C 476 6.87 -10.60 33.25
CA ILE C 476 5.88 -11.04 32.28
C ILE C 476 6.19 -12.47 31.85
N HIS C 477 7.43 -12.68 31.42
CA HIS C 477 7.89 -13.99 30.98
C HIS C 477 9.40 -14.00 30.92
N ASP C 478 10.04 -14.58 31.93
CA ASP C 478 11.49 -14.49 32.06
C ASP C 478 12.25 -15.40 31.12
N GLY C 479 13.45 -14.97 30.76
CA GLY C 479 14.35 -15.72 29.91
C GLY C 479 15.67 -14.98 29.85
N PRO C 480 16.69 -15.59 29.22
CA PRO C 480 18.02 -14.98 29.15
C PRO C 480 18.00 -13.68 28.34
N TYR C 481 16.96 -13.47 27.55
CA TYR C 481 16.85 -12.27 26.73
C TYR C 481 16.56 -11.02 27.56
N ASN C 482 16.35 -11.22 28.87
CA ASN C 482 16.04 -10.10 29.76
C ASN C 482 17.30 -9.51 30.43
N ASN C 483 18.42 -10.18 30.28
CA ASN C 483 19.70 -9.65 30.78
C ASN C 483 20.33 -8.66 29.80
N ILE C 484 21.03 -7.66 30.34
CA ILE C 484 21.78 -6.73 29.48
C ILE C 484 23.23 -6.61 29.94
N LYS C 485 24.04 -5.93 29.14
CA LYS C 485 25.39 -5.60 29.55
C LYS C 485 25.37 -4.32 30.37
N ASN C 486 25.79 -4.42 31.63
CA ASN C 486 25.77 -3.28 32.54
C ASN C 486 26.69 -2.17 32.08
N TRP C 487 26.29 -0.92 32.34
CA TRP C 487 27.13 0.23 32.06
C TRP C 487 27.47 0.96 33.35
N ASP C 488 28.55 1.71 33.31
CA ASP C 488 28.83 2.72 34.32
C ASP C 488 28.02 3.94 33.94
N TYR C 489 26.75 3.95 34.30
CA TYR C 489 25.83 4.99 33.84
C TYR C 489 26.22 6.37 34.35
N ALA C 490 26.52 6.45 35.64
CA ALA C 490 26.99 7.70 36.22
C ALA C 490 28.15 8.25 35.40
N GLY C 491 29.07 7.38 35.01
CA GLY C 491 30.29 7.79 34.33
C GLY C 491 30.05 8.32 32.93
N LEU C 492 28.94 7.93 32.33
CA LEU C 492 28.60 8.34 30.98
C LEU C 492 28.47 9.85 30.87
N MET C 493 28.13 10.51 31.98
CA MET C 493 27.92 11.95 31.97
C MET C 493 29.19 12.73 31.64
N GLU C 494 30.29 12.37 32.31
CA GLU C 494 31.56 13.02 32.05
C GLU C 494 32.03 12.75 30.62
N VAL C 495 31.63 11.61 30.08
CA VAL C 495 31.92 11.30 28.69
C VAL C 495 31.21 12.28 27.76
N PHE C 496 29.93 12.53 28.05
CA PHE C 496 29.16 13.50 27.28
C PHE C 496 29.68 14.92 27.45
N ASN C 497 30.19 15.25 28.65
CA ASN C 497 30.81 16.56 28.83
C ASN C 497 32.01 16.75 27.90
N GLY C 498 32.88 15.74 27.85
CA GLY C 498 34.11 15.83 27.08
C GLY C 498 34.96 17.01 27.51
N ASN C 499 34.89 17.34 28.80
CA ASN C 499 35.69 18.43 29.34
C ASN C 499 37.18 18.26 29.03
N GLY C 500 37.77 19.29 28.44
CA GLY C 500 39.16 19.23 28.04
C GLY C 500 39.28 18.82 26.57
N GLY C 501 38.14 18.64 25.92
CA GLY C 501 38.10 18.27 24.52
C GLY C 501 37.86 19.46 23.62
N TYR C 502 37.10 19.26 22.56
CA TYR C 502 36.77 20.35 21.63
C TYR C 502 35.81 21.37 22.23
N ASP C 503 34.94 20.90 23.13
CA ASP C 503 34.04 21.79 23.86
C ASP C 503 33.98 21.40 25.33
N SER C 504 32.86 21.66 25.99
CA SER C 504 32.71 21.38 27.41
C SER C 504 31.28 21.03 27.79
N GLY C 505 31.05 20.73 29.07
CA GLY C 505 29.72 20.39 29.54
C GLY C 505 29.64 20.42 31.06
N ALA C 506 28.42 20.55 31.58
CA ALA C 506 28.19 20.63 33.02
C ALA C 506 27.23 19.54 33.50
N GLY C 507 27.08 18.49 32.72
CA GLY C 507 26.33 17.33 33.17
C GLY C 507 27.01 16.74 34.39
N LYS C 508 26.24 16.07 35.23
CA LYS C 508 26.78 15.37 36.40
C LYS C 508 26.25 13.94 36.48
N GLY C 509 27.11 13.02 36.91
CA GLY C 509 26.75 11.63 37.10
C GLY C 509 27.02 11.19 38.52
N LEU C 510 25.99 10.64 39.17
CA LEU C 510 26.09 10.26 40.58
C LEU C 510 25.56 8.85 40.80
N LYS C 511 26.11 8.14 41.78
CA LYS C 511 25.64 6.81 42.12
C LYS C 511 24.95 6.82 43.48
N ALA C 512 23.95 5.98 43.64
CA ALA C 512 23.20 5.91 44.88
C ALA C 512 22.82 4.47 45.21
N LYS C 513 23.50 3.91 46.22
CA LYS C 513 23.25 2.52 46.62
C LYS C 513 22.54 2.44 47.98
N THR C 514 22.31 3.59 48.60
CA THR C 514 21.57 3.65 49.85
C THR C 514 20.62 4.84 49.87
N GLY C 515 19.62 4.81 50.75
CA GLY C 515 18.68 5.89 50.88
C GLY C 515 19.33 7.22 51.24
N GLY C 516 20.37 7.15 52.07
CA GLY C 516 21.14 8.33 52.42
C GLY C 516 21.87 8.86 51.21
N GLU C 517 22.52 7.96 50.48
CA GLU C 517 23.25 8.35 49.27
C GLU C 517 22.32 8.94 48.22
N LEU C 518 21.12 8.39 48.10
CA LEU C 518 20.14 8.93 47.18
C LEU C 518 19.78 10.36 47.57
N ALA C 519 19.54 10.57 48.87
CA ALA C 519 19.19 11.89 49.38
C ALA C 519 20.23 12.93 49.00
N GLU C 520 21.50 12.60 49.21
CA GLU C 520 22.61 13.50 48.90
C GLU C 520 22.68 13.82 47.41
N ALA C 521 22.45 12.81 46.57
CA ALA C 521 22.53 12.96 45.12
C ALA C 521 21.43 13.86 44.60
N ILE C 522 20.23 13.71 45.16
CA ILE C 522 19.10 14.52 44.76
C ILE C 522 19.39 16.01 44.97
N LYS C 523 20.05 16.31 46.08
CA LYS C 523 20.37 17.70 46.42
C LYS C 523 21.42 18.27 45.47
N VAL C 524 22.38 17.43 45.08
CA VAL C 524 23.38 17.83 44.10
C VAL C 524 22.73 18.07 42.75
N ALA C 525 21.85 17.15 42.37
CA ALA C 525 21.10 17.26 41.14
C ALA C 525 20.32 18.56 41.14
N LEU C 526 19.64 18.83 42.24
CA LEU C 526 18.85 20.05 42.39
C LEU C 526 19.72 21.28 42.15
N ALA C 527 20.88 21.31 42.78
CA ALA C 527 21.78 22.45 42.68
C ALA C 527 22.36 22.61 41.28
N ASN C 528 22.45 21.51 40.55
CA ASN C 528 22.98 21.55 39.20
C ASN C 528 21.94 22.00 38.18
N THR C 529 21.85 23.31 37.96
CA THR C 529 20.94 23.84 36.96
C THR C 529 21.69 24.18 35.67
N ASP C 530 22.95 23.75 35.60
CA ASP C 530 23.83 24.06 34.48
C ASP C 530 23.85 22.95 33.44
N GLY C 531 23.27 21.81 33.81
CA GLY C 531 23.22 20.67 32.91
C GLY C 531 22.46 19.53 33.56
N PRO C 532 22.28 18.43 32.80
CA PRO C 532 21.54 17.29 33.33
C PRO C 532 22.31 16.59 34.44
N THR C 533 21.59 15.97 35.36
CA THR C 533 22.21 15.17 36.41
C THR C 533 21.61 13.78 36.44
N LEU C 534 22.46 12.78 36.21
CA LEU C 534 22.02 11.39 36.22
C LEU C 534 22.39 10.73 37.55
N ILE C 535 21.38 10.19 38.23
CA ILE C 535 21.62 9.49 39.48
C ILE C 535 21.38 8.01 39.26
N GLU C 536 22.47 7.26 39.24
CA GLU C 536 22.41 5.83 38.97
C GLU C 536 22.02 5.13 40.26
N CYS C 537 20.75 4.74 40.35
CA CYS C 537 20.21 4.09 41.54
C CYS C 537 20.30 2.58 41.45
N PHE C 538 20.95 1.97 42.44
CA PHE C 538 21.13 0.53 42.44
C PHE C 538 20.10 -0.20 43.32
N ILE C 539 19.27 -1.02 42.69
CA ILE C 539 18.35 -1.91 43.38
C ILE C 539 18.38 -3.30 42.75
N GLY C 540 17.68 -4.26 43.37
CA GLY C 540 17.66 -5.62 42.88
C GLY C 540 16.61 -5.88 41.81
N ARG C 541 16.86 -6.87 40.96
CA ARG C 541 15.94 -7.20 39.88
C ARG C 541 14.54 -7.53 40.39
N GLU C 542 14.48 -8.34 41.46
CA GLU C 542 13.22 -8.74 42.05
C GLU C 542 12.52 -7.57 42.75
N ASP C 543 13.31 -6.60 43.19
CA ASP C 543 12.75 -5.46 43.93
C ASP C 543 11.95 -4.52 43.03
N CYS C 544 10.73 -4.92 42.71
CA CYS C 544 9.84 -4.11 41.88
C CYS C 544 8.51 -3.88 42.60
N THR C 545 7.68 -3.00 42.04
CA THR C 545 6.37 -2.72 42.61
C THR C 545 5.54 -3.99 42.64
N GLU C 546 4.66 -4.10 43.63
CA GLU C 546 3.72 -5.22 43.68
C GLU C 546 2.75 -5.14 42.49
N GLU C 547 2.57 -3.94 41.95
CA GLU C 547 1.68 -3.74 40.81
C GLU C 547 2.21 -4.41 39.53
N LEU C 548 3.50 -4.23 39.25
CA LEU C 548 4.12 -4.84 38.07
C LEU C 548 3.92 -6.35 38.06
N VAL C 549 4.09 -6.97 39.21
CA VAL C 549 3.97 -8.43 39.33
C VAL C 549 2.59 -8.89 38.89
N LYS C 550 1.55 -8.28 39.46
CA LYS C 550 0.18 -8.65 39.13
C LYS C 550 -0.16 -8.32 37.67
N TRP C 551 0.16 -7.09 37.26
CA TRP C 551 -0.10 -6.66 35.89
C TRP C 551 0.63 -7.56 34.90
N GLY C 552 1.87 -7.92 35.23
CA GLY C 552 2.68 -8.75 34.35
C GLY C 552 2.11 -10.12 34.08
N LYS C 553 1.47 -10.70 35.10
CA LYS C 553 0.87 -12.02 34.97
C LYS C 553 -0.40 -11.95 34.12
N ARG C 554 -1.15 -10.86 34.25
CA ARG C 554 -2.34 -10.65 33.45
C ARG C 554 -1.97 -10.44 31.98
N VAL C 555 -0.95 -9.62 31.76
CA VAL C 555 -0.45 -9.35 30.43
C VAL C 555 0.03 -10.63 29.76
N ALA C 556 0.83 -11.40 30.50
CA ALA C 556 1.44 -12.62 29.96
C ALA C 556 0.41 -13.64 29.49
N ALA C 557 -0.67 -13.79 30.25
CA ALA C 557 -1.69 -14.78 29.93
C ALA C 557 -2.62 -14.32 28.80
N ALA C 558 -2.74 -13.01 28.63
CA ALA C 558 -3.53 -12.47 27.53
C ALA C 558 -2.79 -12.66 26.20
N ASN C 559 -1.51 -12.34 26.22
CA ASN C 559 -0.66 -12.52 25.03
C ASN C 559 -0.67 -13.95 24.55
N SER C 560 -0.64 -14.88 25.50
CA SER C 560 -0.44 -16.29 25.16
C SER C 560 -1.74 -17.09 25.05
N ARG C 561 -2.88 -16.46 25.29
CA ARG C 561 -4.14 -17.20 25.22
C ARG C 561 -4.28 -17.93 23.89
N LYS C 562 -4.76 -19.17 23.95
CA LYS C 562 -4.77 -20.05 22.79
C LYS C 562 -5.76 -19.62 21.71
N PRO C 563 -5.42 -19.89 20.45
CA PRO C 563 -6.32 -19.63 19.33
C PRO C 563 -7.70 -20.25 19.58
N VAL C 564 -8.75 -19.50 19.26
CA VAL C 564 -10.11 -20.01 19.39
C VAL C 564 -10.52 -20.65 18.07
N ASN C 565 -11.45 -21.60 18.14
CA ASN C 565 -11.98 -22.19 16.91
C ASN C 565 -12.77 -21.16 16.11
N LYS C 566 -12.50 -21.09 14.82
CA LYS C 566 -13.14 -20.10 13.97
C LYS C 566 -13.87 -20.76 12.80
N SER D 2 8.55 -33.80 17.24
CA SER D 2 7.70 -32.76 16.70
C SER D 2 8.37 -31.39 16.73
N TYR D 3 8.08 -30.58 15.72
CA TYR D 3 8.59 -29.22 15.67
C TYR D 3 7.50 -28.24 16.05
N THR D 4 7.91 -27.03 16.40
CA THR D 4 6.97 -25.95 16.64
C THR D 4 7.22 -24.88 15.59
N VAL D 5 6.32 -23.92 15.49
CA VAL D 5 6.53 -22.79 14.59
C VAL D 5 7.90 -22.18 14.84
N GLY D 6 8.19 -21.90 16.10
CA GLY D 6 9.47 -21.34 16.48
C GLY D 6 10.64 -22.22 16.13
N THR D 7 10.60 -23.48 16.53
CA THR D 7 11.72 -24.39 16.31
C THR D 7 11.91 -24.74 14.83
N TYR D 8 10.84 -24.59 14.05
CA TYR D 8 10.90 -24.80 12.61
C TYR D 8 11.73 -23.70 11.94
N LEU D 9 11.47 -22.46 12.34
CA LEU D 9 12.28 -21.32 11.92
C LEU D 9 13.74 -21.50 12.35
N ALA D 10 13.94 -21.82 13.62
CA ALA D 10 15.29 -22.03 14.15
C ALA D 10 16.10 -23.02 13.30
N GLU D 11 15.48 -24.16 12.97
CA GLU D 11 16.16 -25.19 12.20
C GLU D 11 16.45 -24.76 10.76
N ARG D 12 15.50 -24.09 10.13
CA ARG D 12 15.72 -23.52 8.80
C ARG D 12 16.92 -22.58 8.81
N LEU D 13 16.99 -21.74 9.83
CA LEU D 13 18.08 -20.77 9.98
C LEU D 13 19.43 -21.47 10.12
N VAL D 14 19.47 -22.52 10.93
CA VAL D 14 20.68 -23.32 11.08
C VAL D 14 21.01 -23.96 9.74
N GLN D 15 19.98 -24.42 9.03
CA GLN D 15 20.16 -25.08 7.75
C GLN D 15 20.78 -24.19 6.70
N ILE D 16 20.55 -22.88 6.79
CA ILE D 16 21.11 -21.97 5.80
C ILE D 16 22.50 -21.49 6.21
N GLY D 17 22.97 -21.97 7.36
CA GLY D 17 24.34 -21.73 7.78
C GLY D 17 24.49 -20.78 8.95
N LEU D 18 23.39 -20.18 9.39
CA LEU D 18 23.45 -19.24 10.52
C LEU D 18 23.96 -19.94 11.78
N LYS D 19 24.87 -19.27 12.49
CA LYS D 19 25.35 -19.77 13.76
C LYS D 19 24.90 -18.82 14.87
N HIS D 20 24.31 -17.71 14.45
CA HIS D 20 23.78 -16.73 15.38
C HIS D 20 22.52 -16.11 14.78
N HIS D 21 21.62 -15.66 15.65
CA HIS D 21 20.58 -14.73 15.25
C HIS D 21 20.57 -13.61 16.27
N PHE D 22 20.21 -12.42 15.83
CA PHE D 22 20.21 -11.26 16.71
C PHE D 22 18.78 -10.97 17.11
N ALA D 23 18.61 -10.45 18.32
CA ALA D 23 17.27 -10.17 18.83
C ALA D 23 17.24 -9.05 19.86
N VAL D 24 16.05 -8.48 20.03
CA VAL D 24 15.73 -7.59 21.13
C VAL D 24 14.35 -8.03 21.62
N ALA D 25 14.28 -8.43 22.88
CA ALA D 25 13.06 -9.00 23.47
C ALA D 25 11.89 -8.01 23.56
N GLY D 26 10.68 -8.54 23.45
CA GLY D 26 9.45 -7.80 23.68
C GLY D 26 8.36 -8.79 24.04
N ASP D 27 7.26 -8.35 24.65
CA ASP D 27 6.23 -9.31 25.07
C ASP D 27 5.57 -10.02 23.89
N TYR D 28 5.70 -9.45 22.70
CA TYR D 28 5.18 -10.06 21.47
C TYR D 28 6.09 -11.16 20.92
N ASN D 29 7.33 -11.23 21.38
CA ASN D 29 8.25 -12.25 20.86
C ASN D 29 8.95 -13.16 21.89
N LEU D 30 8.62 -13.00 23.17
CA LEU D 30 9.31 -13.76 24.22
C LEU D 30 9.23 -15.28 24.00
N VAL D 31 8.03 -15.78 23.74
CA VAL D 31 7.86 -17.22 23.53
C VAL D 31 8.58 -17.67 22.28
N LEU D 32 8.47 -16.88 21.22
CA LEU D 32 9.23 -17.13 20.01
C LEU D 32 10.72 -17.27 20.33
N LEU D 33 11.25 -16.32 21.10
CA LEU D 33 12.66 -16.33 21.44
C LEU D 33 13.02 -17.59 22.21
N ASP D 34 12.11 -18.04 23.08
CA ASP D 34 12.30 -19.29 23.82
C ASP D 34 12.47 -20.44 22.86
N ASN D 35 11.59 -20.53 21.87
CA ASN D 35 11.63 -21.63 20.92
C ASN D 35 12.92 -21.63 20.09
N LEU D 36 13.37 -20.44 19.69
CA LEU D 36 14.62 -20.30 18.96
C LEU D 36 15.80 -20.76 19.81
N LEU D 37 15.69 -20.59 21.13
CA LEU D 37 16.75 -20.97 22.05
C LEU D 37 16.94 -22.49 22.16
N LEU D 38 15.91 -23.25 21.82
CA LEU D 38 15.93 -24.70 21.97
C LEU D 38 16.95 -25.36 21.04
N ASN D 39 17.28 -24.68 19.95
CA ASN D 39 18.26 -25.19 19.00
C ASN D 39 19.68 -24.81 19.42
N LYS D 40 20.47 -25.82 19.76
CA LYS D 40 21.81 -25.58 20.31
C LYS D 40 22.90 -25.43 19.26
N ASN D 41 22.50 -25.39 17.99
CA ASN D 41 23.44 -25.15 16.91
C ASN D 41 23.53 -23.66 16.59
N MET D 42 22.88 -22.85 17.41
CA MET D 42 22.77 -21.42 17.13
C MET D 42 22.61 -20.59 18.41
N GLU D 43 23.42 -19.55 18.54
CA GLU D 43 23.33 -18.66 19.70
C GLU D 43 22.41 -17.46 19.45
N GLN D 44 21.68 -17.08 20.49
CA GLN D 44 20.85 -15.88 20.46
C GLN D 44 21.69 -14.71 20.96
N VAL D 45 21.89 -13.72 20.11
CA VAL D 45 22.73 -12.56 20.43
C VAL D 45 21.86 -11.32 20.58
N TYR D 46 22.01 -10.62 21.71
CA TYR D 46 21.12 -9.52 22.05
C TYR D 46 21.74 -8.17 21.77
N CYS D 47 20.88 -7.22 21.41
CA CYS D 47 21.34 -5.90 20.99
C CYS D 47 20.73 -4.78 21.84
N CYS D 48 21.35 -3.60 21.77
CA CYS D 48 20.89 -2.42 22.52
C CYS D 48 19.55 -1.92 22.00
N ASN D 49 19.43 -1.79 20.69
CA ASN D 49 18.19 -1.34 20.09
C ASN D 49 17.95 -2.01 18.73
N GLU D 50 16.79 -1.74 18.14
CA GLU D 50 16.38 -2.47 16.93
C GLU D 50 17.11 -2.04 15.67
N LEU D 51 17.49 -0.77 15.57
CA LEU D 51 18.25 -0.32 14.40
C LEU D 51 19.57 -1.07 14.37
N ASN D 52 20.29 -1.04 15.50
CA ASN D 52 21.56 -1.72 15.63
C ASN D 52 21.41 -3.24 15.51
N CYS D 53 20.32 -3.79 16.04
CA CYS D 53 20.04 -5.22 15.91
C CYS D 53 19.96 -5.56 14.43
N GLY D 54 19.26 -4.73 13.67
CA GLY D 54 19.13 -4.94 12.24
C GLY D 54 20.44 -4.75 11.49
N PHE D 55 21.18 -3.71 11.82
CA PHE D 55 22.47 -3.47 11.18
C PHE D 55 23.50 -4.53 11.63
N SER D 56 23.30 -5.09 12.82
CA SER D 56 24.12 -6.20 13.29
C SER D 56 23.92 -7.42 12.39
N ALA D 57 22.66 -7.72 12.10
CA ALA D 57 22.34 -8.80 11.18
C ALA D 57 22.95 -8.52 9.81
N GLU D 58 22.86 -7.27 9.36
CA GLU D 58 23.39 -6.90 8.05
C GLU D 58 24.89 -7.16 8.00
N GLY D 59 25.61 -6.81 9.05
CA GLY D 59 27.05 -7.03 9.10
C GLY D 59 27.40 -8.51 9.14
N TYR D 60 26.63 -9.28 9.90
CA TYR D 60 26.78 -10.73 9.95
C TYR D 60 26.62 -11.33 8.57
N ALA D 61 25.65 -10.84 7.80
CA ALA D 61 25.39 -11.36 6.46
C ALA D 61 26.56 -11.15 5.51
N ARG D 62 27.32 -10.09 5.74
CA ARG D 62 28.53 -9.84 4.95
C ARG D 62 29.60 -10.91 5.19
N ALA D 63 29.64 -11.45 6.40
CA ALA D 63 30.63 -12.46 6.75
C ALA D 63 30.12 -13.90 6.56
N LYS D 64 28.83 -14.11 6.75
CA LYS D 64 28.25 -15.45 6.74
C LYS D 64 27.45 -15.77 5.48
N GLY D 65 27.03 -14.73 4.78
CA GLY D 65 26.25 -14.92 3.56
C GLY D 65 24.78 -14.62 3.78
N ALA D 66 24.34 -14.75 5.03
CA ALA D 66 22.98 -14.42 5.41
C ALA D 66 22.85 -14.27 6.93
N ALA D 67 21.69 -13.82 7.40
CA ALA D 67 21.52 -13.55 8.82
C ALA D 67 20.06 -13.37 9.21
N ALA D 68 19.82 -13.26 10.51
CA ALA D 68 18.47 -13.06 11.00
C ALA D 68 18.42 -12.10 12.19
N ALA D 69 17.38 -11.28 12.25
CA ALA D 69 17.12 -10.41 13.38
C ALA D 69 15.68 -10.61 13.87
N VAL D 70 15.50 -10.61 15.19
CA VAL D 70 14.18 -10.83 15.77
C VAL D 70 13.80 -9.64 16.66
N VAL D 71 12.62 -9.09 16.43
CA VAL D 71 12.19 -7.89 17.14
C VAL D 71 10.74 -8.02 17.57
N THR D 72 10.26 -7.02 18.32
CA THR D 72 8.88 -7.02 18.75
C THR D 72 8.01 -6.11 17.88
N TYR D 73 6.71 -6.33 17.95
CA TYR D 73 5.79 -5.65 17.03
C TYR D 73 5.90 -4.13 17.06
N SER D 74 6.00 -3.54 15.87
CA SER D 74 5.79 -2.09 15.73
C SER D 74 6.94 -1.25 16.31
N VAL D 75 7.00 -1.15 17.63
CA VAL D 75 8.05 -0.37 18.28
C VAL D 75 9.44 -0.92 17.92
N GLY D 76 9.52 -2.22 17.69
CA GLY D 76 10.77 -2.85 17.31
C GLY D 76 10.98 -2.92 15.81
N ALA D 77 9.92 -3.26 15.10
CA ALA D 77 9.99 -3.50 13.67
C ALA D 77 10.31 -2.26 12.84
N LEU D 78 9.65 -1.15 13.17
CA LEU D 78 9.74 0.04 12.31
C LEU D 78 11.14 0.64 12.22
N SER D 79 11.81 0.77 13.36
CA SER D 79 13.20 1.24 13.34
C SER D 79 14.09 0.25 12.60
N ALA D 80 13.86 -1.05 12.81
CA ALA D 80 14.64 -2.07 12.12
C ALA D 80 14.47 -2.01 10.60
N PHE D 81 13.29 -1.58 10.18
CA PHE D 81 13.00 -1.38 8.77
C PHE D 81 14.08 -0.55 8.08
N ASP D 82 14.63 0.42 8.79
CA ASP D 82 15.73 1.22 8.26
C ASP D 82 16.90 0.32 7.87
N ALA D 83 17.26 -0.61 8.73
CA ALA D 83 18.38 -1.52 8.47
C ALA D 83 18.04 -2.59 7.42
N ILE D 84 16.77 -2.94 7.33
CA ILE D 84 16.33 -3.92 6.34
C ILE D 84 16.36 -3.28 4.94
N GLY D 85 15.81 -2.08 4.84
CA GLY D 85 15.97 -1.29 3.62
C GLY D 85 17.43 -1.28 3.25
N GLY D 86 18.29 -1.17 4.27
CA GLY D 86 19.73 -1.15 4.03
C GLY D 86 20.21 -2.46 3.46
N ALA D 87 19.71 -3.56 4.00
CA ALA D 87 20.09 -4.89 3.54
C ALA D 87 19.64 -5.13 2.10
N TYR D 88 18.54 -4.47 1.71
CA TYR D 88 18.02 -4.60 0.35
C TYR D 88 18.91 -3.84 -0.62
N ALA D 89 19.27 -2.62 -0.26
CA ALA D 89 20.16 -1.80 -1.07
C ALA D 89 21.55 -2.42 -1.23
N GLU D 90 21.99 -3.14 -0.20
CA GLU D 90 23.32 -3.73 -0.18
C GLU D 90 23.30 -5.21 -0.57
N ASN D 91 22.15 -5.65 -1.08
CA ASN D 91 22.00 -7.02 -1.58
C ASN D 91 22.41 -8.11 -0.60
N LEU D 92 21.92 -8.02 0.63
CA LEU D 92 22.20 -9.02 1.67
C LEU D 92 20.92 -9.70 2.16
N PRO D 93 20.93 -11.04 2.26
CA PRO D 93 19.75 -11.79 2.67
C PRO D 93 19.57 -11.80 4.18
N VAL D 94 19.07 -10.69 4.74
CA VAL D 94 18.74 -10.63 6.16
C VAL D 94 17.26 -10.96 6.39
N ILE D 95 16.99 -11.94 7.23
CA ILE D 95 15.63 -12.30 7.55
C ILE D 95 15.20 -11.57 8.81
N LEU D 96 14.19 -10.71 8.68
CA LEU D 96 13.65 -10.01 9.84
C LEU D 96 12.37 -10.70 10.28
N ILE D 97 12.35 -11.13 11.53
CA ILE D 97 11.17 -11.75 12.13
C ILE D 97 10.66 -10.88 13.28
N SER D 98 9.40 -10.48 13.19
CA SER D 98 8.78 -9.67 14.22
C SER D 98 7.80 -10.50 15.03
N GLY D 99 7.71 -10.20 16.32
CA GLY D 99 6.62 -10.72 17.13
C GLY D 99 5.39 -10.03 16.58
N ALA D 100 4.22 -10.57 16.90
CA ALA D 100 2.98 -9.96 16.44
C ALA D 100 1.86 -10.25 17.41
N PRO D 101 0.71 -9.58 17.23
CA PRO D 101 -0.40 -9.78 18.16
C PRO D 101 -0.88 -11.23 18.23
N ASN D 102 -1.50 -11.56 19.36
CA ASN D 102 -2.26 -12.79 19.52
C ASN D 102 -3.26 -12.91 18.37
N ASN D 103 -3.37 -14.08 17.76
CA ASN D 103 -4.22 -14.21 16.57
C ASN D 103 -5.71 -13.96 16.82
N ASN D 104 -6.10 -13.88 18.09
CA ASN D 104 -7.49 -13.58 18.42
C ASN D 104 -7.83 -12.10 18.33
N ASP D 105 -6.81 -11.25 18.18
CA ASP D 105 -7.01 -9.81 18.26
C ASP D 105 -7.33 -9.16 16.91
N HIS D 106 -7.38 -9.98 15.86
CA HIS D 106 -7.72 -9.51 14.52
C HIS D 106 -9.22 -9.50 14.32
N ALA D 107 -9.72 -8.45 13.67
CA ALA D 107 -11.15 -8.32 13.39
C ALA D 107 -11.96 -8.53 14.66
N ALA D 108 -11.50 -7.94 15.76
CA ALA D 108 -12.12 -8.14 17.06
C ALA D 108 -12.45 -6.80 17.73
N GLY D 109 -12.10 -5.70 17.06
CA GLY D 109 -12.29 -4.38 17.63
C GLY D 109 -11.36 -4.14 18.81
N HIS D 110 -10.21 -4.80 18.81
CA HIS D 110 -9.26 -4.68 19.92
C HIS D 110 -8.15 -3.67 19.63
N VAL D 111 -7.93 -2.76 20.58
CA VAL D 111 -6.81 -1.85 20.52
C VAL D 111 -5.65 -2.44 21.33
N LEU D 112 -4.47 -2.51 20.72
CA LEU D 112 -3.35 -3.22 21.31
C LEU D 112 -2.15 -2.32 21.54
N HIS D 113 -1.36 -2.64 22.56
CA HIS D 113 -0.18 -1.86 22.87
C HIS D 113 0.86 -2.01 21.76
N HIS D 114 1.75 -1.02 21.67
CA HIS D 114 2.76 -0.95 20.62
C HIS D 114 2.17 -0.58 19.27
N ALA D 115 0.85 -0.41 19.20
CA ALA D 115 0.21 -0.11 17.92
C ALA D 115 -0.34 1.32 17.84
N LEU D 116 -0.96 1.64 16.70
CA LEU D 116 -1.37 3.00 16.39
C LEU D 116 -2.60 3.48 17.15
N GLY D 117 -3.27 2.58 17.85
CA GLY D 117 -4.51 2.91 18.54
C GLY D 117 -5.73 2.52 17.73
N LYS D 118 -5.49 1.99 16.53
CA LYS D 118 -6.55 1.47 15.69
C LYS D 118 -6.74 0.00 16.03
N THR D 119 -7.76 -0.63 15.43
CA THR D 119 -8.05 -2.02 15.73
C THR D 119 -7.50 -3.01 14.67
N ASP D 120 -6.86 -2.49 13.62
CA ASP D 120 -6.27 -3.37 12.62
C ASP D 120 -4.75 -3.45 12.73
N TYR D 121 -4.18 -4.54 12.23
CA TYR D 121 -2.77 -4.84 12.47
C TYR D 121 -2.05 -5.39 11.25
N HIS D 122 -2.36 -4.83 10.09
CA HIS D 122 -1.64 -5.22 8.88
C HIS D 122 -0.72 -4.12 8.36
N TYR D 123 -0.69 -2.98 9.04
CA TYR D 123 0.09 -1.85 8.54
C TYR D 123 1.59 -2.16 8.49
N GLN D 124 2.08 -2.90 9.48
CA GLN D 124 3.50 -3.22 9.54
C GLN D 124 3.90 -4.12 8.35
N LEU D 125 3.10 -5.15 8.11
CA LEU D 125 3.31 -6.02 6.95
C LEU D 125 3.37 -5.25 5.64
N GLU D 126 2.41 -4.35 5.46
CA GLU D 126 2.33 -3.57 4.22
C GLU D 126 3.53 -2.64 4.05
N MET D 127 3.97 -2.02 5.13
CA MET D 127 5.15 -1.18 5.07
C MET D 127 6.35 -2.04 4.69
N ALA D 128 6.37 -3.26 5.24
CA ALA D 128 7.47 -4.19 5.01
C ALA D 128 7.63 -4.56 3.53
N LYS D 129 6.51 -4.83 2.86
CA LYS D 129 6.56 -5.24 1.47
C LYS D 129 7.37 -4.27 0.61
N ASN D 130 7.38 -2.99 1.01
CA ASN D 130 8.12 -1.97 0.27
C ASN D 130 9.63 -2.15 0.23
N ILE D 131 10.16 -2.82 1.25
CA ILE D 131 11.61 -2.88 1.44
C ILE D 131 12.14 -4.31 1.50
N THR D 132 11.32 -5.27 1.12
CA THR D 132 11.74 -6.68 1.13
C THR D 132 11.52 -7.37 -0.21
N ALA D 133 12.15 -8.53 -0.38
CA ALA D 133 11.91 -9.36 -1.55
C ALA D 133 10.70 -10.26 -1.32
N ALA D 134 10.36 -10.46 -0.06
CA ALA D 134 9.18 -11.23 0.32
C ALA D 134 8.74 -10.89 1.74
N ALA D 135 7.43 -10.88 1.96
CA ALA D 135 6.87 -10.54 3.26
C ALA D 135 5.65 -11.40 3.61
N GLU D 136 5.75 -12.13 4.70
CA GLU D 136 4.66 -13.02 5.09
C GLU D 136 4.30 -12.84 6.55
N ALA D 137 3.01 -12.74 6.83
CA ALA D 137 2.50 -12.77 8.20
C ALA D 137 1.97 -14.17 8.48
N ILE D 138 2.42 -14.75 9.59
CA ILE D 138 1.95 -16.07 10.03
C ILE D 138 0.97 -15.92 11.19
N TYR D 139 -0.27 -16.31 10.95
CA TYR D 139 -1.32 -16.16 11.95
C TYR D 139 -1.75 -17.50 12.55
N THR D 140 -1.53 -18.58 11.81
CA THR D 140 -1.79 -19.92 12.35
C THR D 140 -0.59 -20.83 12.14
N PRO D 141 -0.42 -21.81 13.04
CA PRO D 141 0.72 -22.73 13.00
C PRO D 141 0.82 -23.54 11.70
N GLU D 142 -0.31 -23.87 11.09
CA GLU D 142 -0.30 -24.69 9.89
C GLU D 142 0.37 -23.98 8.72
N GLU D 143 0.18 -22.66 8.65
CA GLU D 143 0.69 -21.86 7.55
C GLU D 143 2.17 -21.53 7.68
N ALA D 144 2.76 -21.90 8.82
CA ALA D 144 4.11 -21.42 9.15
C ALA D 144 5.21 -21.97 8.23
N PRO D 145 5.28 -23.31 8.10
CA PRO D 145 6.32 -23.95 7.27
C PRO D 145 6.42 -23.43 5.84
N ALA D 146 5.29 -23.22 5.17
CA ALA D 146 5.29 -22.73 3.79
C ALA D 146 5.77 -21.28 3.67
N LYS D 147 5.36 -20.44 4.61
CA LYS D 147 5.73 -19.04 4.58
C LYS D 147 7.19 -18.86 4.99
N ILE D 148 7.62 -19.63 5.97
CA ILE D 148 9.00 -19.63 6.41
C ILE D 148 9.90 -20.10 5.29
N ASP D 149 9.56 -21.27 4.73
CA ASP D 149 10.30 -21.82 3.60
C ASP D 149 10.31 -20.84 2.43
N HIS D 150 9.18 -20.17 2.22
CA HIS D 150 9.05 -19.26 1.09
C HIS D 150 9.94 -18.02 1.19
N VAL D 151 9.97 -17.37 2.34
CA VAL D 151 10.75 -16.15 2.50
C VAL D 151 12.25 -16.46 2.54
N ILE D 152 12.61 -17.57 3.18
CA ILE D 152 14.02 -17.95 3.25
C ILE D 152 14.56 -18.31 1.86
N LYS D 153 13.77 -19.02 1.07
CA LYS D 153 14.19 -19.39 -0.28
C LYS D 153 14.33 -18.15 -1.15
N THR D 154 13.38 -17.22 -1.01
CA THR D 154 13.42 -15.97 -1.75
C THR D 154 14.65 -15.15 -1.38
N ALA D 155 14.92 -15.06 -0.09
CA ALA D 155 16.09 -14.33 0.38
C ALA D 155 17.36 -14.87 -0.28
N LEU D 156 17.56 -16.18 -0.20
CA LEU D 156 18.77 -16.80 -0.72
C LEU D 156 18.90 -16.66 -2.23
N ARG D 157 17.77 -16.71 -2.93
CA ARG D 157 17.77 -16.62 -4.38
C ARG D 157 18.09 -15.21 -4.88
N GLU D 158 17.38 -14.22 -4.34
CA GLU D 158 17.46 -12.86 -4.87
C GLU D 158 18.54 -12.04 -4.17
N LYS D 159 19.12 -12.61 -3.11
CA LYS D 159 20.08 -11.88 -2.29
C LYS D 159 19.46 -10.56 -1.80
N LYS D 160 18.33 -10.68 -1.13
CA LYS D 160 17.61 -9.53 -0.59
C LYS D 160 17.03 -9.90 0.78
N PRO D 161 16.71 -8.89 1.60
CA PRO D 161 16.07 -9.16 2.88
C PRO D 161 14.62 -9.59 2.70
N VAL D 162 14.07 -10.24 3.72
CA VAL D 162 12.69 -10.68 3.70
C VAL D 162 12.09 -10.44 5.09
N TYR D 163 10.78 -10.51 5.16
CA TYR D 163 10.05 -10.19 6.37
C TYR D 163 9.15 -11.33 6.82
N LEU D 164 9.13 -11.56 8.13
CA LEU D 164 8.20 -12.50 8.73
C LEU D 164 7.64 -11.88 10.00
N GLU D 165 6.34 -12.08 10.22
CA GLU D 165 5.78 -11.83 11.54
C GLU D 165 5.05 -13.10 11.99
N ILE D 166 4.98 -13.28 13.31
CA ILE D 166 4.39 -14.49 13.89
C ILE D 166 3.52 -14.13 15.09
N ALA D 167 2.23 -14.45 15.01
CA ALA D 167 1.32 -14.26 16.15
C ALA D 167 1.97 -14.80 17.41
N CYS D 168 1.98 -13.99 18.47
CA CYS D 168 2.74 -14.34 19.66
C CYS D 168 2.29 -15.66 20.29
N ASN D 169 1.02 -16.01 20.12
CA ASN D 169 0.44 -17.18 20.78
C ASN D 169 0.56 -18.50 20.00
N ILE D 170 1.26 -18.48 18.87
CA ILE D 170 1.40 -19.70 18.07
C ILE D 170 2.85 -20.17 17.98
N ALA D 171 3.77 -19.40 18.56
CA ALA D 171 5.20 -19.70 18.43
C ALA D 171 5.57 -21.11 18.88
N SER D 172 4.94 -21.59 19.95
CA SER D 172 5.29 -22.90 20.49
C SER D 172 4.28 -23.98 20.10
N MET D 173 3.41 -23.68 19.15
CA MET D 173 2.47 -24.69 18.69
C MET D 173 3.06 -25.56 17.57
N PRO D 174 2.63 -26.82 17.49
CA PRO D 174 3.16 -27.84 16.59
C PRO D 174 2.93 -27.55 15.11
N CYS D 175 3.88 -27.95 14.28
CA CYS D 175 3.74 -27.88 12.84
C CYS D 175 4.67 -28.93 12.22
N ALA D 176 4.49 -29.20 10.92
CA ALA D 176 5.30 -30.18 10.24
C ALA D 176 6.78 -29.93 10.49
N ALA D 177 7.60 -30.95 10.27
CA ALA D 177 9.04 -30.82 10.41
C ALA D 177 9.63 -30.34 9.08
N PRO D 178 10.77 -29.65 9.13
CA PRO D 178 11.46 -29.17 7.93
C PRO D 178 12.16 -30.30 7.19
N GLY D 179 12.15 -30.24 5.86
CA GLY D 179 12.85 -31.23 5.06
C GLY D 179 14.33 -30.89 4.95
N PRO D 180 15.01 -31.44 3.94
CA PRO D 180 16.45 -31.23 3.77
C PRO D 180 16.83 -29.80 3.43
N ALA D 181 17.98 -29.35 3.93
CA ALA D 181 18.46 -27.99 3.70
C ALA D 181 18.71 -27.70 2.22
N SER D 182 19.08 -28.73 1.48
CA SER D 182 19.38 -28.58 0.06
C SER D 182 18.25 -27.86 -0.69
N ALA D 183 17.01 -28.15 -0.30
CA ALA D 183 15.86 -27.53 -0.95
C ALA D 183 15.90 -26.00 -0.88
N LEU D 184 16.48 -25.48 0.19
CA LEU D 184 16.59 -24.04 0.42
C LEU D 184 17.46 -23.30 -0.61
N PHE D 185 18.53 -23.94 -1.05
CA PHE D 185 19.45 -23.32 -2.00
C PHE D 185 19.15 -23.75 -3.43
N ASN D 186 18.08 -24.52 -3.59
CA ASN D 186 17.67 -24.98 -4.90
C ASN D 186 17.31 -23.80 -5.80
N ASP D 187 18.16 -23.54 -6.78
CA ASP D 187 17.96 -22.43 -7.69
C ASP D 187 17.99 -22.94 -9.13
N GLU D 188 17.53 -22.12 -10.07
CA GLU D 188 17.58 -22.50 -11.47
C GLU D 188 19.00 -22.44 -12.00
N ALA D 189 19.29 -23.24 -13.01
CA ALA D 189 20.58 -23.20 -13.67
C ALA D 189 20.51 -22.23 -14.84
N SER D 190 21.66 -21.73 -15.27
CA SER D 190 21.70 -20.83 -16.42
C SER D 190 21.08 -21.54 -17.62
N ASP D 191 20.20 -20.84 -18.33
CA ASP D 191 19.70 -21.38 -19.59
C ASP D 191 20.89 -21.60 -20.51
N GLU D 192 21.07 -22.85 -20.95
CA GLU D 192 22.22 -23.23 -21.75
C GLU D 192 22.33 -22.43 -23.04
N ALA D 193 21.24 -22.37 -23.79
CA ALA D 193 21.24 -21.64 -25.07
C ALA D 193 21.61 -20.18 -24.83
N SER D 194 21.16 -19.64 -23.71
CA SER D 194 21.39 -18.24 -23.40
C SER D 194 22.81 -17.97 -22.92
N LEU D 195 23.34 -18.86 -22.09
CA LEU D 195 24.72 -18.73 -21.63
C LEU D 195 25.69 -18.82 -22.80
N ASN D 196 25.52 -19.86 -23.61
CA ASN D 196 26.36 -20.08 -24.77
C ASN D 196 26.30 -18.90 -25.73
N ALA D 197 25.09 -18.38 -25.98
CA ALA D 197 24.92 -17.24 -26.86
C ALA D 197 25.56 -15.96 -26.31
N ALA D 198 25.40 -15.72 -25.02
CA ALA D 198 25.96 -14.51 -24.39
C ALA D 198 27.48 -14.49 -24.49
N VAL D 199 28.11 -15.64 -24.31
CA VAL D 199 29.56 -15.74 -24.42
C VAL D 199 30.01 -15.45 -25.86
N GLU D 200 29.36 -16.08 -26.83
CA GLU D 200 29.72 -15.93 -28.23
C GLU D 200 29.60 -14.48 -28.72
N GLU D 201 28.57 -13.77 -28.27
CA GLU D 201 28.39 -12.36 -28.64
C GLU D 201 29.48 -11.49 -28.02
N THR D 202 29.92 -11.88 -26.83
CA THR D 202 31.00 -11.16 -26.15
C THR D 202 32.32 -11.33 -26.90
N LEU D 203 32.59 -12.57 -27.31
CA LEU D 203 33.79 -12.88 -28.10
C LEU D 203 33.76 -12.11 -29.42
N LYS D 204 32.60 -12.12 -30.07
CA LYS D 204 32.41 -11.42 -31.32
C LYS D 204 32.58 -9.93 -31.10
N PHE D 205 32.09 -9.45 -29.96
CA PHE D 205 32.14 -8.03 -29.64
C PHE D 205 33.57 -7.52 -29.41
N ILE D 206 34.40 -8.36 -28.80
CA ILE D 206 35.75 -7.97 -28.44
C ILE D 206 36.79 -8.54 -29.41
N ALA D 207 36.33 -9.32 -30.37
CA ALA D 207 37.21 -9.96 -31.34
C ALA D 207 38.18 -8.97 -31.98
N ASN D 208 37.66 -7.79 -32.33
CA ASN D 208 38.46 -6.77 -33.00
C ASN D 208 38.83 -5.62 -32.07
N ARG D 209 38.32 -5.65 -30.84
CA ARG D 209 38.59 -4.59 -29.88
C ARG D 209 39.62 -5.05 -28.85
N ASP D 210 40.89 -4.88 -29.20
CA ASP D 210 42.00 -5.32 -28.37
C ASP D 210 41.93 -4.74 -26.96
N LYS D 211 41.65 -3.44 -26.85
CA LYS D 211 41.69 -2.74 -25.57
C LYS D 211 40.49 -3.01 -24.69
N VAL D 212 40.49 -4.13 -24.00
CA VAL D 212 39.40 -4.48 -23.10
C VAL D 212 39.74 -4.13 -21.66
N ALA D 213 38.84 -3.39 -21.03
CA ALA D 213 38.93 -3.14 -19.59
C ALA D 213 37.81 -3.89 -18.90
N VAL D 214 38.08 -4.31 -17.66
CA VAL D 214 37.08 -4.99 -16.86
C VAL D 214 36.74 -4.13 -15.65
N LEU D 215 35.47 -3.79 -15.52
CA LEU D 215 35.01 -2.93 -14.42
C LEU D 215 34.25 -3.75 -13.38
N VAL D 216 34.84 -3.90 -12.20
CA VAL D 216 34.29 -4.77 -11.16
C VAL D 216 33.24 -4.04 -10.32
N GLY D 217 32.05 -4.61 -10.22
CA GLY D 217 30.93 -3.97 -9.54
C GLY D 217 30.56 -4.52 -8.16
N SER D 218 29.79 -3.75 -7.41
CA SER D 218 29.51 -4.06 -6.00
C SER D 218 28.54 -5.22 -5.77
N LYS D 219 27.93 -5.73 -6.83
CA LYS D 219 27.07 -6.92 -6.70
C LYS D 219 27.81 -8.21 -7.08
N LEU D 220 29.14 -8.13 -7.18
CA LEU D 220 29.92 -9.29 -7.63
C LEU D 220 29.84 -10.43 -6.62
N ARG D 221 29.78 -10.09 -5.34
CA ARG D 221 29.72 -11.07 -4.27
C ARG D 221 28.32 -11.67 -4.12
N ALA D 222 27.31 -10.85 -4.37
CA ALA D 222 25.92 -11.31 -4.37
C ALA D 222 25.77 -12.40 -5.41
N ALA D 223 26.38 -12.17 -6.58
CA ALA D 223 26.36 -13.14 -7.67
C ALA D 223 27.28 -14.32 -7.41
N GLY D 224 28.10 -14.22 -6.37
CA GLY D 224 29.08 -15.25 -6.05
C GLY D 224 30.02 -15.49 -7.21
N ALA D 225 30.44 -14.41 -7.84
CA ALA D 225 31.26 -14.49 -9.05
C ALA D 225 32.67 -13.94 -8.87
N GLU D 226 33.09 -13.77 -7.62
CA GLU D 226 34.42 -13.25 -7.34
C GLU D 226 35.52 -14.17 -7.86
N GLU D 227 35.42 -15.45 -7.53
CA GLU D 227 36.41 -16.42 -7.98
C GLU D 227 36.39 -16.57 -9.49
N ALA D 228 35.21 -16.50 -10.10
CA ALA D 228 35.09 -16.64 -11.54
C ALA D 228 35.68 -15.42 -12.25
N ALA D 229 35.54 -14.25 -11.63
CA ALA D 229 36.08 -13.02 -12.18
C ALA D 229 37.60 -13.08 -12.32
N VAL D 230 38.26 -13.66 -11.32
CA VAL D 230 39.72 -13.75 -11.36
C VAL D 230 40.20 -14.73 -12.44
N LYS D 231 39.41 -15.78 -12.68
CA LYS D 231 39.73 -16.71 -13.76
C LYS D 231 39.64 -15.98 -15.09
N PHE D 232 38.57 -15.20 -15.27
CA PHE D 232 38.36 -14.45 -16.50
C PHE D 232 39.48 -13.44 -16.72
N ALA D 233 39.81 -12.69 -15.68
CA ALA D 233 40.85 -11.66 -15.77
C ALA D 233 42.20 -12.23 -16.21
N ASP D 234 42.61 -13.33 -15.60
CA ASP D 234 43.89 -13.94 -15.92
C ASP D 234 43.90 -14.43 -17.36
N ALA D 235 42.77 -14.98 -17.79
CA ALA D 235 42.64 -15.51 -19.15
C ALA D 235 42.59 -14.38 -20.19
N LEU D 236 42.05 -13.24 -19.78
CA LEU D 236 41.90 -12.10 -20.69
C LEU D 236 43.22 -11.34 -20.85
N GLY D 237 43.86 -11.03 -19.72
CA GLY D 237 45.10 -10.28 -19.73
C GLY D 237 44.87 -8.79 -19.88
N GLY D 238 43.61 -8.39 -19.83
CA GLY D 238 43.24 -6.99 -19.95
C GLY D 238 43.29 -6.25 -18.62
N ALA D 239 42.99 -4.95 -18.66
CA ALA D 239 43.02 -4.12 -17.46
C ALA D 239 41.80 -4.39 -16.59
N VAL D 240 42.02 -4.56 -15.29
CA VAL D 240 40.92 -4.75 -14.35
C VAL D 240 40.88 -3.64 -13.30
N ALA D 241 39.73 -3.01 -13.16
CA ALA D 241 39.53 -1.96 -12.17
C ALA D 241 38.24 -2.16 -11.36
N THR D 242 38.22 -1.63 -10.15
CA THR D 242 37.05 -1.77 -9.28
C THR D 242 36.35 -0.45 -9.06
N MET D 243 35.03 -0.45 -9.19
CA MET D 243 34.25 0.71 -8.79
C MET D 243 34.40 0.87 -7.28
N ALA D 244 34.15 2.08 -6.78
CA ALA D 244 34.42 2.38 -5.37
C ALA D 244 33.81 1.38 -4.38
N ALA D 245 32.54 1.03 -4.59
CA ALA D 245 31.82 0.17 -3.65
C ALA D 245 32.25 -1.30 -3.75
N ALA D 246 32.97 -1.64 -4.80
CA ALA D 246 33.42 -3.01 -5.02
C ALA D 246 34.84 -3.29 -4.52
N LYS D 247 35.42 -2.35 -3.77
CA LYS D 247 36.78 -2.55 -3.27
C LYS D 247 36.92 -3.88 -2.52
N SER D 248 37.93 -4.66 -2.90
CA SER D 248 38.24 -5.96 -2.30
C SER D 248 37.43 -7.11 -2.91
N PHE D 249 36.60 -6.82 -3.91
CA PHE D 249 35.90 -7.87 -4.64
C PHE D 249 36.78 -8.45 -5.75
N PHE D 250 38.03 -7.98 -5.83
CA PHE D 250 39.02 -8.48 -6.79
C PHE D 250 40.40 -8.30 -6.18
N PRO D 251 41.28 -9.30 -6.33
CA PRO D 251 42.60 -9.29 -5.69
C PRO D 251 43.45 -8.13 -6.16
N GLU D 252 43.78 -7.22 -5.26
CA GLU D 252 44.54 -6.03 -5.64
C GLU D 252 45.99 -6.33 -5.99
N GLU D 253 46.43 -7.56 -5.71
CA GLU D 253 47.79 -7.96 -6.02
C GLU D 253 47.86 -8.70 -7.36
N ASN D 254 46.69 -8.96 -7.94
CA ASN D 254 46.61 -9.49 -9.29
C ASN D 254 47.27 -8.51 -10.26
N PRO D 255 48.14 -9.01 -11.13
CA PRO D 255 48.90 -8.14 -12.04
C PRO D 255 48.03 -7.37 -13.02
N HIS D 256 46.77 -7.76 -13.14
CA HIS D 256 45.85 -7.09 -14.05
C HIS D 256 45.13 -5.91 -13.39
N TYR D 257 45.22 -5.82 -12.07
CA TYR D 257 44.48 -4.79 -11.33
C TYR D 257 45.10 -3.41 -11.45
N ILE D 258 44.32 -2.43 -11.89
CA ILE D 258 44.84 -1.08 -12.09
C ILE D 258 44.33 -0.07 -11.05
N GLY D 259 43.50 -0.53 -10.13
CA GLY D 259 43.04 0.34 -9.05
C GLY D 259 41.57 0.71 -9.12
N THR D 260 41.22 1.82 -8.46
CA THR D 260 39.84 2.25 -8.34
C THR D 260 39.34 3.09 -9.51
N SER D 261 38.18 2.73 -10.03
CA SER D 261 37.50 3.55 -11.03
C SER D 261 36.35 4.33 -10.38
N TRP D 262 36.50 5.65 -10.32
CA TRP D 262 35.54 6.51 -9.61
C TRP D 262 35.51 7.92 -10.22
N GLY D 263 35.61 8.02 -11.54
CA GLY D 263 35.61 9.31 -12.20
C GLY D 263 36.83 10.13 -11.87
N GLU D 264 36.64 11.43 -11.65
CA GLU D 264 37.76 12.32 -11.39
C GLU D 264 38.42 12.04 -10.03
N VAL D 265 37.90 11.06 -9.31
CA VAL D 265 38.51 10.61 -8.07
C VAL D 265 38.96 9.16 -8.15
N SER D 266 39.30 8.71 -9.36
CA SER D 266 39.84 7.38 -9.58
C SER D 266 41.31 7.32 -9.19
N TYR D 267 41.90 6.13 -9.25
CA TYR D 267 43.34 6.00 -9.09
C TYR D 267 44.05 6.60 -10.31
N PRO D 268 45.28 7.08 -10.10
CA PRO D 268 46.10 7.65 -11.19
C PRO D 268 46.15 6.73 -12.39
N GLY D 269 45.84 7.27 -13.57
CA GLY D 269 45.87 6.50 -14.80
C GLY D 269 44.56 5.78 -15.11
N VAL D 270 43.78 5.50 -14.07
CA VAL D 270 42.58 4.68 -14.23
C VAL D 270 41.49 5.35 -15.07
N GLU D 271 41.15 6.59 -14.75
CA GLU D 271 40.09 7.30 -15.47
C GLU D 271 40.40 7.40 -16.95
N LYS D 272 41.68 7.54 -17.28
CA LYS D 272 42.10 7.69 -18.67
C LYS D 272 42.07 6.36 -19.42
N THR D 273 42.45 5.29 -18.75
CA THR D 273 42.45 3.96 -19.35
C THR D 273 41.03 3.48 -19.65
N MET D 274 40.09 3.89 -18.81
CA MET D 274 38.69 3.51 -18.99
C MET D 274 38.10 4.21 -20.20
N LYS D 275 38.60 5.41 -20.49
CA LYS D 275 38.15 6.18 -21.64
C LYS D 275 38.81 5.68 -22.92
N GLU D 276 40.04 5.20 -22.77
CA GLU D 276 40.85 4.74 -23.90
C GLU D 276 40.47 3.32 -24.32
N ALA D 277 39.88 2.57 -23.40
CA ALA D 277 39.52 1.18 -23.64
C ALA D 277 38.47 1.03 -24.74
N ASP D 278 38.69 0.07 -25.63
CA ASP D 278 37.76 -0.20 -26.73
C ASP D 278 36.46 -0.80 -26.23
N ALA D 279 36.56 -1.73 -25.29
CA ALA D 279 35.39 -2.36 -24.70
C ALA D 279 35.52 -2.48 -23.18
N VAL D 280 34.43 -2.18 -22.49
CA VAL D 280 34.38 -2.27 -21.03
C VAL D 280 33.43 -3.37 -20.60
N ILE D 281 33.99 -4.42 -19.99
CA ILE D 281 33.16 -5.49 -19.44
C ILE D 281 32.85 -5.20 -17.99
N ALA D 282 31.60 -4.82 -17.72
CA ALA D 282 31.20 -4.46 -16.36
C ALA D 282 30.59 -5.66 -15.65
N LEU D 283 31.20 -6.05 -14.54
CA LEU D 283 30.74 -7.20 -13.76
C LEU D 283 29.88 -6.75 -12.59
N ALA D 284 28.56 -6.89 -12.75
CA ALA D 284 27.59 -6.57 -11.70
C ALA D 284 27.80 -5.19 -11.09
N PRO D 285 27.78 -4.15 -11.93
CA PRO D 285 27.96 -2.78 -11.42
C PRO D 285 26.65 -2.18 -10.91
N VAL D 286 26.77 -1.27 -9.95
CA VAL D 286 25.66 -0.42 -9.56
C VAL D 286 26.02 1.01 -9.90
N PHE D 287 25.32 1.57 -10.88
CA PHE D 287 25.56 2.95 -11.30
C PHE D 287 24.53 3.87 -10.66
N ASN D 288 24.98 4.69 -9.73
CA ASN D 288 24.12 5.67 -9.08
C ASN D 288 24.80 7.05 -9.07
N ASP D 289 24.13 8.03 -8.49
CA ASP D 289 24.66 9.39 -8.45
C ASP D 289 26.03 9.46 -7.74
N TYR D 290 26.23 8.60 -6.75
CA TYR D 290 27.48 8.62 -5.98
C TYR D 290 28.61 7.86 -6.68
N SER D 291 28.29 6.70 -7.24
CA SER D 291 29.30 5.90 -7.91
C SER D 291 29.76 6.54 -9.23
N THR D 292 28.93 7.43 -9.77
CA THR D 292 29.25 8.11 -11.03
C THR D 292 29.80 9.51 -10.75
N THR D 293 29.99 9.82 -9.47
CA THR D 293 30.55 11.10 -9.06
C THR D 293 29.67 12.25 -9.57
N GLY D 294 28.42 12.25 -9.13
CA GLY D 294 27.47 13.28 -9.52
C GLY D 294 27.13 13.24 -11.00
N TRP D 295 27.01 12.05 -11.54
CA TRP D 295 26.70 11.84 -12.96
C TRP D 295 27.76 12.40 -13.90
N THR D 296 28.95 12.66 -13.38
CA THR D 296 30.03 13.18 -14.20
C THR D 296 30.76 12.04 -14.92
N ASP D 297 30.69 10.85 -14.34
CA ASP D 297 31.38 9.69 -14.90
C ASP D 297 30.40 8.58 -15.25
N ILE D 298 29.88 8.62 -16.47
CA ILE D 298 28.96 7.60 -16.95
C ILE D 298 29.62 6.80 -18.06
N PRO D 299 29.51 5.46 -17.98
CA PRO D 299 30.11 4.57 -18.99
C PRO D 299 29.50 4.77 -20.38
N ASP D 300 30.33 4.67 -21.41
CA ASP D 300 29.87 4.79 -22.78
C ASP D 300 29.17 3.50 -23.20
N PRO D 301 27.85 3.55 -23.38
CA PRO D 301 27.02 2.38 -23.69
C PRO D 301 27.36 1.73 -25.04
N LYS D 302 28.27 2.34 -25.80
CA LYS D 302 28.62 1.82 -27.12
C LYS D 302 29.75 0.80 -27.03
N LYS D 303 30.51 0.86 -25.93
CA LYS D 303 31.62 -0.04 -25.72
C LYS D 303 31.35 -0.93 -24.51
N LEU D 304 30.18 -0.75 -23.91
CA LEU D 304 29.85 -1.39 -22.64
C LEU D 304 29.24 -2.77 -22.78
N VAL D 305 29.83 -3.74 -22.08
CA VAL D 305 29.22 -5.05 -21.91
C VAL D 305 28.69 -5.14 -20.49
N LEU D 306 27.38 -5.32 -20.35
CA LEU D 306 26.75 -5.26 -19.05
C LEU D 306 26.42 -6.65 -18.52
N ALA D 307 27.32 -7.17 -17.67
CA ALA D 307 27.13 -8.48 -17.08
C ALA D 307 26.60 -8.38 -15.66
N GLU D 308 25.28 -8.49 -15.52
CA GLU D 308 24.65 -8.45 -14.21
C GLU D 308 24.60 -9.85 -13.60
N PRO D 309 24.21 -9.95 -12.32
CA PRO D 309 24.16 -11.24 -11.62
C PRO D 309 23.40 -12.34 -12.38
N ARG D 310 22.30 -12.00 -13.04
CA ARG D 310 21.48 -13.00 -13.71
C ARG D 310 21.19 -12.71 -15.18
N SER D 311 21.90 -11.75 -15.74
CA SER D 311 21.69 -11.40 -17.15
C SER D 311 22.92 -10.72 -17.75
N VAL D 312 23.05 -10.82 -19.06
CA VAL D 312 24.08 -10.12 -19.77
C VAL D 312 23.49 -9.37 -20.95
N VAL D 313 23.80 -8.08 -21.04
CA VAL D 313 23.49 -7.31 -22.24
C VAL D 313 24.79 -7.04 -22.99
N VAL D 314 24.87 -7.57 -24.19
CA VAL D 314 26.06 -7.41 -25.02
C VAL D 314 25.66 -7.24 -26.47
N ASN D 315 26.35 -6.35 -27.16
CA ASN D 315 26.06 -6.04 -28.57
C ASN D 315 24.59 -5.80 -28.85
N GLY D 316 23.90 -5.16 -27.92
CA GLY D 316 22.51 -4.79 -28.11
C GLY D 316 21.52 -5.93 -27.96
N ILE D 317 21.92 -7.01 -27.32
CA ILE D 317 21.02 -8.13 -27.05
C ILE D 317 21.00 -8.43 -25.56
N ARG D 318 19.81 -8.61 -25.00
CA ARG D 318 19.70 -8.96 -23.58
C ARG D 318 19.49 -10.45 -23.33
N PHE D 319 20.33 -11.02 -22.48
CA PHE D 319 20.26 -12.45 -22.16
C PHE D 319 19.94 -12.68 -20.70
N PRO D 320 18.64 -12.84 -20.37
CA PRO D 320 18.21 -13.20 -19.02
C PRO D 320 18.49 -14.68 -18.69
N SER D 321 18.39 -15.02 -17.41
CA SER D 321 18.57 -16.40 -16.95
C SER D 321 19.97 -16.90 -17.22
N VAL D 322 20.95 -16.01 -17.11
CA VAL D 322 22.36 -16.36 -17.22
C VAL D 322 23.06 -15.95 -15.94
N HIS D 323 23.53 -16.93 -15.16
CA HIS D 323 24.29 -16.63 -13.95
C HIS D 323 25.67 -16.09 -14.28
N LEU D 324 26.02 -14.98 -13.65
CA LEU D 324 27.28 -14.27 -13.90
C LEU D 324 28.48 -15.16 -13.68
N LYS D 325 28.38 -16.05 -12.69
CA LYS D 325 29.45 -16.99 -12.38
C LYS D 325 29.73 -17.88 -13.57
N ASP D 326 28.66 -18.41 -14.17
CA ASP D 326 28.80 -19.29 -15.33
C ASP D 326 29.36 -18.54 -16.52
N TYR D 327 28.76 -17.39 -16.79
CA TYR D 327 29.19 -16.54 -17.89
C TYR D 327 30.70 -16.34 -17.83
N LEU D 328 31.21 -15.87 -16.71
CA LEU D 328 32.63 -15.60 -16.55
C LEU D 328 33.49 -16.86 -16.67
N THR D 329 33.02 -17.96 -16.10
CA THR D 329 33.75 -19.21 -16.15
C THR D 329 33.92 -19.69 -17.60
N ARG D 330 32.82 -19.76 -18.33
CA ARG D 330 32.89 -20.26 -19.70
C ARG D 330 33.55 -19.25 -20.63
N LEU D 331 33.42 -17.96 -20.31
CA LEU D 331 34.07 -16.92 -21.08
C LEU D 331 35.58 -17.00 -20.90
N ALA D 332 36.01 -17.30 -19.68
CA ALA D 332 37.42 -17.44 -19.36
C ALA D 332 38.03 -18.64 -20.11
N GLN D 333 37.21 -19.65 -20.35
CA GLN D 333 37.67 -20.87 -21.01
C GLN D 333 37.75 -20.72 -22.53
N LYS D 334 37.30 -19.58 -23.04
CA LYS D 334 37.23 -19.40 -24.49
C LYS D 334 37.87 -18.11 -25.00
N VAL D 335 38.17 -17.18 -24.09
CA VAL D 335 38.68 -15.89 -24.50
C VAL D 335 40.19 -15.91 -24.73
N SER D 336 40.65 -15.11 -25.70
CA SER D 336 42.07 -14.95 -25.96
C SER D 336 42.56 -13.61 -25.42
N LYS D 337 43.87 -13.41 -25.44
CA LYS D 337 44.49 -12.23 -24.84
C LYS D 337 44.08 -10.90 -25.50
N LYS D 338 43.57 -9.99 -24.66
CA LYS D 338 43.30 -8.63 -25.08
C LYS D 338 43.99 -7.66 -24.11
N THR D 339 45.28 -7.45 -24.29
CA THR D 339 46.12 -6.75 -23.32
C THR D 339 46.23 -5.24 -23.58
N GLY D 340 45.74 -4.78 -24.73
CA GLY D 340 45.86 -3.39 -25.12
C GLY D 340 45.55 -2.37 -24.04
N ALA D 341 44.45 -2.57 -23.33
CA ALA D 341 44.03 -1.67 -22.28
C ALA D 341 45.05 -1.61 -21.14
N LEU D 342 45.55 -2.78 -20.74
CA LEU D 342 46.53 -2.85 -19.66
C LEU D 342 47.89 -2.31 -20.10
N ASP D 343 48.25 -2.56 -21.36
CA ASP D 343 49.48 -2.03 -21.94
C ASP D 343 49.47 -0.51 -21.89
N PHE D 344 48.38 0.07 -22.40
CA PHE D 344 48.17 1.51 -22.34
C PHE D 344 48.39 2.03 -20.92
N PHE D 345 47.67 1.45 -19.96
CA PHE D 345 47.79 1.86 -18.57
C PHE D 345 49.24 1.89 -18.12
N LYS D 346 50.00 0.87 -18.51
CA LYS D 346 51.36 0.70 -18.02
C LYS D 346 52.30 1.87 -18.32
N SER D 347 52.22 2.41 -19.54
CA SER D 347 53.14 3.48 -19.90
C SER D 347 52.54 4.89 -19.77
N LEU D 348 51.25 4.97 -19.43
CA LEU D 348 50.72 6.22 -18.92
C LEU D 348 51.55 6.52 -17.70
N ASN D 349 51.53 5.55 -16.80
CA ASN D 349 52.06 5.71 -15.46
C ASN D 349 52.10 4.36 -14.74
N ASP D 360 54.78 14.58 11.26
CA ASP D 360 55.84 14.34 12.24
C ASP D 360 55.32 13.47 13.38
N PRO D 361 56.16 12.57 13.89
CA PRO D 361 55.78 11.65 14.95
C PRO D 361 55.24 12.39 16.19
N SER D 362 55.74 13.60 16.42
CA SER D 362 55.32 14.39 17.57
C SER D 362 54.44 15.57 17.17
N ALA D 363 54.52 15.98 15.90
CA ALA D 363 53.66 17.05 15.40
C ALA D 363 52.21 16.62 15.53
N PRO D 364 51.27 17.58 15.44
CA PRO D 364 49.87 17.19 15.55
C PRO D 364 49.55 16.11 14.53
N LEU D 365 48.48 15.36 14.77
CA LEU D 365 48.12 14.28 13.88
C LEU D 365 47.31 14.83 12.69
N VAL D 366 47.63 14.32 11.50
CA VAL D 366 46.86 14.65 10.30
C VAL D 366 46.26 13.40 9.68
N ASN D 367 45.22 13.59 8.88
CA ASN D 367 44.54 12.46 8.25
C ASN D 367 45.47 11.49 7.55
N ALA D 368 46.40 12.02 6.74
CA ALA D 368 47.34 11.20 5.98
C ALA D 368 48.12 10.23 6.87
N GLU D 369 48.46 10.66 8.08
CA GLU D 369 49.22 9.84 9.02
C GLU D 369 48.39 8.68 9.53
N ILE D 370 47.14 8.97 9.90
CA ILE D 370 46.19 7.94 10.32
C ILE D 370 46.05 6.89 9.23
N ALA D 371 45.81 7.35 8.00
CA ALA D 371 45.61 6.47 6.87
C ALA D 371 46.83 5.56 6.70
N ARG D 372 48.02 6.17 6.75
CA ARG D 372 49.26 5.45 6.59
C ARG D 372 49.41 4.32 7.60
N GLN D 373 49.14 4.61 8.87
CA GLN D 373 49.31 3.62 9.92
C GLN D 373 48.24 2.52 9.87
N VAL D 374 47.01 2.87 9.50
CA VAL D 374 45.96 1.88 9.35
C VAL D 374 46.30 0.92 8.21
N GLU D 375 46.76 1.47 7.09
CA GLU D 375 47.12 0.64 5.94
C GLU D 375 48.19 -0.36 6.32
N ALA D 376 49.15 0.07 7.14
CA ALA D 376 50.24 -0.78 7.58
C ALA D 376 49.73 -1.99 8.37
N LEU D 377 48.54 -1.87 8.94
CA LEU D 377 47.94 -2.95 9.73
C LEU D 377 47.25 -4.02 8.90
N LEU D 378 47.06 -3.75 7.62
CA LEU D 378 46.29 -4.67 6.79
C LEU D 378 47.01 -6.00 6.52
N THR D 379 46.31 -7.10 6.76
CA THR D 379 46.82 -8.45 6.51
C THR D 379 45.80 -9.24 5.70
N PRO D 380 46.21 -10.38 5.14
CA PRO D 380 45.28 -11.23 4.37
C PRO D 380 44.08 -11.66 5.22
N ASN D 381 44.19 -11.49 6.54
CA ASN D 381 43.16 -11.91 7.48
C ASN D 381 42.35 -10.72 7.99
N THR D 382 42.54 -9.56 7.36
CA THR D 382 41.95 -8.32 7.84
C THR D 382 40.65 -7.97 7.13
N THR D 383 39.71 -7.43 7.89
CA THR D 383 38.52 -6.83 7.31
C THR D 383 38.36 -5.41 7.84
N VAL D 384 38.30 -4.45 6.93
CA VAL D 384 38.09 -3.06 7.31
C VAL D 384 36.66 -2.64 7.01
N ILE D 385 35.95 -2.21 8.05
CA ILE D 385 34.59 -1.67 7.88
C ILE D 385 34.71 -0.16 7.73
N ALA D 386 34.33 0.34 6.56
CA ALA D 386 34.51 1.76 6.29
C ALA D 386 33.18 2.50 6.33
N GLU D 387 33.06 3.43 7.27
CA GLU D 387 31.84 4.21 7.44
C GLU D 387 31.70 5.32 6.39
N THR D 388 30.47 5.71 6.10
CA THR D 388 30.20 6.91 5.33
C THR D 388 30.83 8.12 6.02
N GLY D 389 31.64 8.85 5.27
CA GLY D 389 32.44 9.94 5.81
C GLY D 389 33.73 9.98 5.02
N ASP D 390 34.70 10.76 5.47
CA ASP D 390 36.00 10.72 4.81
C ASP D 390 36.59 9.32 4.86
N SER D 391 36.07 8.49 5.78
CA SER D 391 36.52 7.10 5.88
C SER D 391 36.35 6.33 4.58
N TRP D 392 35.28 6.63 3.84
CA TRP D 392 35.10 6.07 2.51
C TRP D 392 36.35 6.25 1.67
N PHE D 393 36.88 7.47 1.69
CA PHE D 393 37.97 7.82 0.78
C PHE D 393 39.31 7.35 1.30
N ASN D 394 39.49 7.42 2.61
CA ASN D 394 40.71 6.90 3.22
C ASN D 394 40.88 5.39 3.00
N ALA D 395 39.80 4.61 3.23
CA ALA D 395 39.85 3.17 3.01
C ALA D 395 40.12 2.85 1.54
N GLN D 396 39.40 3.56 0.67
CA GLN D 396 39.50 3.34 -0.76
C GLN D 396 40.95 3.47 -1.24
N ARG D 397 41.67 4.44 -0.69
CA ARG D 397 43.03 4.73 -1.14
C ARG D 397 44.06 3.73 -0.61
N MET D 398 43.62 2.72 0.12
CA MET D 398 44.54 1.75 0.70
C MET D 398 44.76 0.55 -0.21
N LYS D 399 46.01 0.10 -0.29
CA LYS D 399 46.37 -1.11 -1.01
C LYS D 399 46.11 -2.34 -0.14
N LEU D 400 45.40 -3.30 -0.69
CA LEU D 400 45.00 -4.48 0.07
C LEU D 400 45.87 -5.67 -0.27
N PRO D 401 46.45 -6.33 0.75
CA PRO D 401 47.03 -7.63 0.46
C PRO D 401 45.91 -8.56 -0.01
N ASN D 402 46.21 -9.50 -0.92
CA ASN D 402 45.20 -10.45 -1.36
C ASN D 402 44.67 -11.22 -0.16
N GLY D 403 43.33 -11.25 -0.02
CA GLY D 403 42.71 -11.91 1.11
C GLY D 403 42.05 -10.92 2.06
N ALA D 404 42.58 -9.71 2.10
CA ALA D 404 42.00 -8.67 2.95
C ALA D 404 40.65 -8.23 2.41
N ARG D 405 39.74 -7.85 3.30
CA ARG D 405 38.40 -7.46 2.89
C ARG D 405 38.05 -6.06 3.35
N VAL D 406 37.25 -5.38 2.55
CA VAL D 406 36.70 -4.07 2.88
C VAL D 406 35.18 -4.14 2.76
N GLU D 407 34.49 -3.58 3.74
CA GLU D 407 33.03 -3.55 3.70
C GLU D 407 32.53 -2.11 3.57
N TYR D 408 31.71 -1.90 2.55
CA TYR D 408 31.17 -0.58 2.28
C TYR D 408 29.66 -0.68 2.23
N GLU D 409 28.99 0.33 2.78
CA GLU D 409 27.54 0.46 2.66
C GLU D 409 27.28 1.68 1.80
N MET D 410 27.74 1.63 0.56
CA MET D 410 27.76 2.81 -0.31
C MET D 410 26.44 3.07 -1.05
N GLN D 411 25.57 2.06 -1.10
CA GLN D 411 24.25 2.30 -1.69
C GLN D 411 23.28 2.88 -0.66
N TRP D 412 23.19 2.26 0.50
CA TRP D 412 22.31 2.76 1.57
C TRP D 412 22.93 4.00 2.23
N GLY D 413 24.17 3.88 2.68
CA GLY D 413 24.89 5.02 3.23
C GLY D 413 24.27 5.59 4.50
N HIS D 414 23.86 4.71 5.40
CA HIS D 414 23.34 5.14 6.69
C HIS D 414 24.52 5.32 7.66
N ILE D 415 24.86 6.57 7.99
CA ILE D 415 25.96 6.80 8.93
C ILE D 415 25.60 6.15 10.27
N GLY D 416 26.59 5.56 10.92
CA GLY D 416 26.34 4.77 12.11
C GLY D 416 26.18 3.29 11.80
N TRP D 417 25.88 2.98 10.55
CA TRP D 417 25.81 1.58 10.12
C TRP D 417 27.02 0.81 10.63
N SER D 418 28.18 1.44 10.58
CA SER D 418 29.44 0.73 10.75
C SER D 418 29.64 0.09 12.11
N VAL D 419 29.07 0.68 13.16
CA VAL D 419 29.28 0.15 14.51
C VAL D 419 28.56 -1.19 14.74
N PRO D 420 27.23 -1.22 14.54
CA PRO D 420 26.50 -2.49 14.59
C PRO D 420 26.98 -3.50 13.55
N ALA D 421 27.27 -3.02 12.33
CA ALA D 421 27.73 -3.91 11.27
C ALA D 421 29.07 -4.53 11.65
N ALA D 422 29.98 -3.72 12.17
CA ALA D 422 31.26 -4.22 12.64
C ALA D 422 31.06 -5.26 13.74
N PHE D 423 30.11 -5.00 14.64
CA PHE D 423 29.81 -5.94 15.71
C PHE D 423 29.28 -7.26 15.17
N GLY D 424 28.28 -7.18 14.29
CA GLY D 424 27.70 -8.36 13.67
C GLY D 424 28.71 -9.09 12.81
N TYR D 425 29.55 -8.35 12.11
CA TYR D 425 30.60 -8.94 11.28
C TYR D 425 31.63 -9.68 12.14
N ALA D 426 31.98 -9.09 13.28
CA ALA D 426 32.96 -9.70 14.16
C ALA D 426 32.40 -10.98 14.80
N VAL D 427 31.10 -10.99 15.07
CA VAL D 427 30.46 -12.18 15.62
C VAL D 427 30.54 -13.34 14.64
N GLY D 428 30.42 -13.01 13.36
CA GLY D 428 30.43 -14.02 12.30
C GLY D 428 31.83 -14.43 11.87
N ALA D 429 32.80 -13.56 12.08
CA ALA D 429 34.19 -13.85 11.70
C ALA D 429 35.16 -13.43 12.80
N PRO D 430 35.10 -14.09 13.97
CA PRO D 430 35.94 -13.75 15.12
C PRO D 430 37.42 -13.96 14.83
N GLU D 431 37.72 -14.88 13.93
CA GLU D 431 39.09 -15.25 13.61
C GLU D 431 39.84 -14.11 12.92
N ARG D 432 39.11 -13.27 12.20
CA ARG D 432 39.73 -12.22 11.39
C ARG D 432 40.14 -11.02 12.23
N ARG D 433 41.06 -10.22 11.69
CA ARG D 433 41.41 -8.95 12.30
C ARG D 433 40.38 -7.93 11.86
N ASN D 434 39.48 -7.58 12.79
CA ASN D 434 38.35 -6.72 12.45
C ASN D 434 38.58 -5.25 12.79
N ILE D 435 38.76 -4.44 11.75
CA ILE D 435 39.01 -3.01 11.91
C ILE D 435 37.76 -2.21 11.55
N LEU D 436 37.53 -1.13 12.28
CA LEU D 436 36.41 -0.24 12.01
C LEU D 436 36.91 1.19 11.88
N MET D 437 36.66 1.80 10.74
CA MET D 437 36.99 3.21 10.54
C MET D 437 35.70 4.00 10.55
N VAL D 438 35.48 4.75 11.63
CA VAL D 438 34.25 5.50 11.80
C VAL D 438 34.53 6.92 12.30
N GLY D 439 33.81 7.89 11.74
CA GLY D 439 33.95 9.27 12.18
C GLY D 439 33.16 9.52 13.45
N ASP D 440 33.45 10.63 14.13
CA ASP D 440 32.71 10.99 15.34
C ASP D 440 31.21 11.17 15.05
N GLY D 441 30.89 11.91 14.01
CA GLY D 441 29.50 12.17 13.68
C GLY D 441 28.68 10.89 13.53
N SER D 442 29.19 9.97 12.72
CA SER D 442 28.54 8.68 12.48
C SER D 442 28.43 7.85 13.76
N PHE D 443 29.52 7.81 14.50
CA PHE D 443 29.63 6.98 15.69
C PHE D 443 28.49 7.27 16.67
N GLN D 444 28.07 8.51 16.77
CA GLN D 444 27.08 8.91 17.78
C GLN D 444 25.68 8.38 17.55
N LEU D 445 25.40 7.85 16.35
CA LEU D 445 24.07 7.34 16.08
C LEU D 445 23.85 5.95 16.66
N THR D 446 24.94 5.19 16.81
CA THR D 446 24.85 3.76 17.11
C THR D 446 25.96 3.30 18.06
N ALA D 447 26.61 4.24 18.73
CA ALA D 447 27.79 3.93 19.55
C ALA D 447 27.55 2.89 20.63
N GLN D 448 26.30 2.75 21.08
CA GLN D 448 25.98 1.81 22.16
C GLN D 448 26.29 0.35 21.85
N GLU D 449 26.28 -0.02 20.57
CA GLU D 449 26.53 -1.42 20.23
C GLU D 449 27.97 -1.83 20.52
N VAL D 450 28.84 -0.85 20.74
CA VAL D 450 30.20 -1.16 21.17
C VAL D 450 30.16 -1.89 22.52
N ALA D 451 29.12 -1.63 23.29
CA ALA D 451 28.94 -2.33 24.57
C ALA D 451 28.81 -3.83 24.35
N GLN D 452 28.22 -4.22 23.23
CA GLN D 452 28.06 -5.63 22.89
C GLN D 452 29.37 -6.26 22.44
N MET D 453 30.22 -5.47 21.78
CA MET D 453 31.55 -5.95 21.44
C MET D 453 32.29 -6.31 22.71
N VAL D 454 32.15 -5.45 23.71
CA VAL D 454 32.75 -5.65 25.02
C VAL D 454 32.18 -6.91 25.66
N ARG D 455 30.85 -6.97 25.67
CA ARG D 455 30.10 -8.06 26.30
C ARG D 455 30.55 -9.42 25.81
N LEU D 456 30.75 -9.56 24.50
CA LEU D 456 31.12 -10.82 23.89
C LEU D 456 32.63 -10.93 23.64
N LYS D 457 33.35 -9.92 24.11
CA LYS D 457 34.81 -9.95 24.08
C LYS D 457 35.37 -9.99 22.66
N LEU D 458 34.79 -9.17 21.78
CA LEU D 458 35.23 -9.09 20.38
C LEU D 458 36.32 -8.02 20.23
N PRO D 459 37.53 -8.43 19.84
CA PRO D 459 38.69 -7.53 19.74
C PRO D 459 38.66 -6.64 18.49
N VAL D 460 37.55 -5.94 18.30
CA VAL D 460 37.40 -5.02 17.20
C VAL D 460 38.25 -3.77 17.44
N ILE D 461 39.06 -3.40 16.46
CA ILE D 461 39.88 -2.21 16.59
C ILE D 461 39.19 -1.02 15.92
N ILE D 462 38.83 -0.02 16.72
CA ILE D 462 38.04 1.09 16.21
C ILE D 462 38.85 2.38 16.09
N PHE D 463 39.00 2.85 14.86
CA PHE D 463 39.62 4.14 14.64
C PHE D 463 38.54 5.21 14.54
N LEU D 464 38.30 5.87 15.67
CA LEU D 464 37.31 6.94 15.76
C LEU D 464 37.97 8.23 15.32
N ILE D 465 37.48 8.79 14.22
CA ILE D 465 38.09 9.98 13.63
C ILE D 465 37.43 11.24 14.15
N ASN D 466 38.04 11.84 15.17
CA ASN D 466 37.47 13.01 15.80
C ASN D 466 37.94 14.31 15.14
N ASN D 467 37.20 14.74 14.12
CA ASN D 467 37.48 16.02 13.48
C ASN D 467 36.37 17.01 13.81
N TYR D 468 35.61 16.69 14.86
CA TYR D 468 34.63 17.60 15.44
C TYR D 468 33.52 18.05 14.47
N GLY D 469 32.77 17.09 13.95
CA GLY D 469 31.62 17.42 13.10
C GLY D 469 31.53 16.60 11.83
N TYR D 470 30.54 16.88 11.00
CA TYR D 470 30.33 16.12 9.78
C TYR D 470 31.15 16.69 8.61
N THR D 471 32.40 16.29 8.50
CA THR D 471 33.29 16.87 7.49
C THR D 471 32.84 16.58 6.07
N ILE D 472 32.35 15.36 5.82
CA ILE D 472 31.87 15.01 4.49
C ILE D 472 30.76 15.96 4.05
N ASP D 473 29.85 16.29 4.97
CA ASP D 473 28.79 17.26 4.73
C ASP D 473 29.35 18.68 4.61
N VAL D 474 30.40 18.97 5.36
CA VAL D 474 31.09 20.25 5.26
C VAL D 474 31.55 20.46 3.81
N MET D 475 32.02 19.38 3.18
CA MET D 475 32.57 19.47 1.83
C MET D 475 31.51 19.21 0.74
N ILE D 476 30.27 19.03 1.16
CA ILE D 476 29.15 19.00 0.23
C ILE D 476 28.45 20.36 0.25
N HIS D 477 27.94 20.73 1.40
CA HIS D 477 27.30 22.02 1.60
C HIS D 477 27.32 22.36 3.09
N ASP D 478 28.05 23.41 3.46
CA ASP D 478 28.31 23.66 4.87
C ASP D 478 27.25 24.52 5.55
N GLY D 479 27.09 24.29 6.86
CA GLY D 479 26.16 25.03 7.67
C GLY D 479 26.33 24.63 9.12
N PRO D 480 25.61 25.31 10.04
CA PRO D 480 25.69 25.01 11.47
C PRO D 480 25.21 23.59 11.80
N TYR D 481 24.44 23.00 10.91
CA TYR D 481 23.93 21.64 11.08
C TYR D 481 25.02 20.56 10.97
N ASN D 482 26.22 20.95 10.57
CA ASN D 482 27.33 20.01 10.48
C ASN D 482 28.17 19.98 11.75
N ASN D 483 27.77 20.79 12.73
CA ASN D 483 28.45 20.82 14.04
C ASN D 483 27.82 19.85 15.04
N ILE D 484 28.65 19.17 15.82
CA ILE D 484 28.14 18.23 16.82
C ILE D 484 28.64 18.53 18.22
N LYS D 485 28.03 17.88 19.21
CA LYS D 485 28.51 17.94 20.58
C LYS D 485 29.64 16.93 20.71
N ASN D 486 30.81 17.37 21.16
CA ASN D 486 31.95 16.47 21.30
C ASN D 486 31.80 15.54 22.52
N TRP D 487 32.30 14.31 22.39
CA TRP D 487 32.35 13.39 23.52
C TRP D 487 33.80 13.04 23.83
N ASP D 488 34.03 12.62 25.07
CA ASP D 488 35.26 11.92 25.41
C ASP D 488 35.09 10.48 24.92
N TYR D 489 35.23 10.27 23.62
CA TYR D 489 34.98 8.98 23.00
C TYR D 489 35.82 7.88 23.62
N ALA D 490 37.11 8.16 23.83
CA ALA D 490 37.99 7.21 24.49
C ALA D 490 37.41 6.76 25.83
N GLY D 491 36.93 7.71 26.62
CA GLY D 491 36.41 7.41 27.95
C GLY D 491 35.17 6.53 27.91
N LEU D 492 34.47 6.52 26.79
CA LEU D 492 33.23 5.75 26.66
C LEU D 492 33.46 4.25 26.87
N MET D 493 34.67 3.79 26.59
N MET D 493 34.67 3.79 26.59
CA MET D 493 35.01 2.37 26.68
CA MET D 493 35.00 2.37 26.68
C MET D 493 34.90 1.84 28.11
C MET D 493 34.88 1.85 28.10
N GLU D 494 35.33 2.64 29.08
CA GLU D 494 35.26 2.23 30.48
C GLU D 494 33.82 2.25 30.97
N VAL D 495 33.03 3.17 30.42
CA VAL D 495 31.61 3.23 30.73
C VAL D 495 30.93 1.92 30.32
N PHE D 496 31.23 1.47 29.11
CA PHE D 496 30.67 0.23 28.58
C PHE D 496 31.20 -0.99 29.31
N ASN D 497 32.44 -0.90 29.80
CA ASN D 497 32.99 -1.96 30.64
C ASN D 497 32.24 -2.12 31.94
N GLY D 498 31.87 -0.99 32.55
CA GLY D 498 31.15 -1.00 33.81
C GLY D 498 31.93 -1.67 34.93
N ASN D 499 33.25 -1.70 34.78
CA ASN D 499 34.11 -2.35 35.76
C ASN D 499 33.96 -1.77 37.16
N GLY D 500 33.61 -2.63 38.12
CA GLY D 500 33.38 -2.18 39.48
C GLY D 500 31.88 -2.09 39.77
N GLY D 501 31.09 -2.46 38.77
CA GLY D 501 29.64 -2.48 38.93
C GLY D 501 29.09 -3.88 38.94
N TYR D 502 28.13 -4.14 38.06
CA TYR D 502 27.52 -5.46 37.97
C TYR D 502 28.44 -6.47 37.28
N ASP D 503 28.48 -6.44 35.96
CA ASP D 503 29.29 -7.40 35.21
C ASP D 503 30.71 -6.90 34.91
N SER D 504 31.29 -7.40 33.82
CA SER D 504 32.68 -7.11 33.51
C SER D 504 32.88 -6.70 32.05
N GLY D 505 34.03 -6.10 31.75
CA GLY D 505 34.33 -5.66 30.40
C GLY D 505 35.81 -5.39 30.18
N ALA D 506 36.32 -5.80 29.02
CA ALA D 506 37.73 -5.64 28.71
C ALA D 506 37.98 -4.71 27.51
N GLY D 507 37.07 -3.77 27.30
CA GLY D 507 37.26 -2.75 26.28
C GLY D 507 38.36 -1.78 26.70
N LYS D 508 39.02 -1.18 25.71
CA LYS D 508 40.05 -0.17 25.96
C LYS D 508 39.80 1.08 25.13
N GLY D 509 39.88 2.25 25.77
CA GLY D 509 39.77 3.51 25.06
C GLY D 509 41.05 4.32 25.17
N LEU D 510 41.55 4.79 24.04
CA LEU D 510 42.79 5.56 24.01
C LEU D 510 42.67 6.84 23.17
N LYS D 511 43.48 7.84 23.51
CA LYS D 511 43.50 9.08 22.74
C LYS D 511 44.78 9.18 21.91
N ALA D 512 44.64 9.65 20.68
CA ALA D 512 45.78 9.84 19.80
C ALA D 512 45.78 11.23 19.18
N LYS D 513 46.71 12.07 19.62
CA LYS D 513 46.83 13.43 19.13
C LYS D 513 48.09 13.62 18.30
N THR D 514 48.91 12.58 18.24
CA THR D 514 50.12 12.59 17.40
C THR D 514 50.30 11.23 16.76
N GLY D 515 51.24 11.17 15.82
CA GLY D 515 51.55 9.91 15.16
C GLY D 515 52.07 8.88 16.14
N GLY D 516 52.96 9.31 17.04
CA GLY D 516 53.48 8.44 18.08
C GLY D 516 52.39 7.87 18.98
N GLU D 517 51.46 8.72 19.38
CA GLU D 517 50.34 8.30 20.21
C GLU D 517 49.40 7.37 19.45
N LEU D 518 49.31 7.58 18.14
CA LEU D 518 48.52 6.69 17.31
C LEU D 518 49.17 5.32 17.22
N ALA D 519 50.47 5.30 16.93
CA ALA D 519 51.19 4.03 16.80
C ALA D 519 51.18 3.25 18.12
N GLU D 520 51.17 3.98 19.23
CA GLU D 520 51.19 3.35 20.54
C GLU D 520 49.84 2.73 20.89
N ALA D 521 48.76 3.42 20.51
CA ALA D 521 47.42 2.91 20.75
C ALA D 521 47.17 1.69 19.86
N ILE D 522 47.77 1.69 18.67
CA ILE D 522 47.65 0.56 17.76
C ILE D 522 48.28 -0.70 18.34
N LYS D 523 49.46 -0.56 18.95
CA LYS D 523 50.07 -1.68 19.63
C LYS D 523 49.18 -2.14 20.78
N VAL D 524 48.62 -1.19 21.52
CA VAL D 524 47.69 -1.52 22.59
C VAL D 524 46.47 -2.25 22.01
N ALA D 525 46.00 -1.78 20.87
CA ALA D 525 44.86 -2.42 20.20
C ALA D 525 45.20 -3.86 19.85
N LEU D 526 46.39 -4.06 19.29
CA LEU D 526 46.84 -5.39 18.89
C LEU D 526 47.00 -6.33 20.09
N ALA D 527 47.40 -5.78 21.23
CA ALA D 527 47.61 -6.59 22.43
C ALA D 527 46.34 -6.71 23.27
N ASN D 528 45.26 -6.07 22.83
CA ASN D 528 43.99 -6.22 23.54
C ASN D 528 43.09 -7.24 22.86
N THR D 529 43.19 -8.49 23.30
CA THR D 529 42.49 -9.59 22.63
C THR D 529 41.22 -10.05 23.34
N ASP D 530 40.83 -9.34 24.40
CA ASP D 530 39.66 -9.73 25.18
C ASP D 530 38.48 -8.77 25.02
N GLY D 531 38.66 -7.75 24.20
CA GLY D 531 37.62 -6.76 23.97
C GLY D 531 38.04 -5.71 22.94
N PRO D 532 37.10 -4.82 22.57
CA PRO D 532 37.36 -3.84 21.52
C PRO D 532 38.28 -2.73 21.99
N THR D 533 38.89 -2.02 21.05
CA THR D 533 39.80 -0.93 21.37
C THR D 533 39.48 0.29 20.52
N LEU D 534 39.02 1.35 21.18
CA LEU D 534 38.64 2.59 20.53
C LEU D 534 39.84 3.54 20.54
N ILE D 535 40.29 3.92 19.35
CA ILE D 535 41.40 4.86 19.23
C ILE D 535 40.88 6.19 18.73
N GLU D 536 40.79 7.16 19.63
CA GLU D 536 40.24 8.46 19.33
C GLU D 536 41.30 9.35 18.68
N CYS D 537 41.17 9.55 17.38
CA CYS D 537 42.15 10.32 16.62
C CYS D 537 41.70 11.76 16.43
N PHE D 538 42.52 12.70 16.88
CA PHE D 538 42.20 14.11 16.76
C PHE D 538 42.84 14.74 15.52
N ILE D 539 42.01 15.10 14.56
CA ILE D 539 42.47 15.86 13.40
C ILE D 539 41.55 17.05 13.16
N GLY D 540 41.92 17.89 12.21
CA GLY D 540 41.15 19.09 11.91
C GLY D 540 40.04 18.82 10.93
N ARG D 541 38.93 19.54 11.07
CA ARG D 541 37.76 19.37 10.21
C ARG D 541 38.09 19.48 8.72
N GLU D 542 39.02 20.37 8.39
CA GLU D 542 39.36 20.64 7.00
C GLU D 542 40.45 19.67 6.51
N ASP D 543 41.08 18.98 7.45
CA ASP D 543 42.14 18.06 7.10
C ASP D 543 41.56 16.74 6.61
N CYS D 544 41.07 16.74 5.37
CA CYS D 544 40.47 15.55 4.79
C CYS D 544 41.14 15.22 3.45
N THR D 545 40.66 14.18 2.78
CA THR D 545 41.22 13.79 1.48
C THR D 545 40.83 14.80 0.39
N GLU D 546 41.68 14.88 -0.64
CA GLU D 546 41.41 15.75 -1.77
C GLU D 546 40.23 15.20 -2.57
N GLU D 547 40.14 13.88 -2.61
CA GLU D 547 39.07 13.19 -3.31
C GLU D 547 37.69 13.60 -2.80
N LEU D 548 37.55 13.69 -1.47
CA LEU D 548 36.29 14.11 -0.85
C LEU D 548 35.86 15.49 -1.36
N VAL D 549 36.81 16.42 -1.38
CA VAL D 549 36.54 17.78 -1.83
C VAL D 549 36.08 17.82 -3.28
N LYS D 550 36.68 16.97 -4.12
CA LYS D 550 36.29 16.88 -5.53
C LYS D 550 34.91 16.24 -5.66
N TRP D 551 34.78 15.04 -5.08
CA TRP D 551 33.53 14.28 -5.09
C TRP D 551 32.39 15.10 -4.48
N GLY D 552 32.65 15.66 -3.30
CA GLY D 552 31.68 16.48 -2.60
C GLY D 552 31.14 17.59 -3.47
N LYS D 553 32.02 18.24 -4.23
CA LYS D 553 31.61 19.29 -5.16
C LYS D 553 30.64 18.76 -6.21
N ARG D 554 30.99 17.63 -6.82
CA ARG D 554 30.18 17.06 -7.88
C ARG D 554 28.82 16.59 -7.34
N VAL D 555 28.83 16.08 -6.11
CA VAL D 555 27.60 15.63 -5.46
C VAL D 555 26.67 16.79 -5.17
N ALA D 556 27.22 17.89 -4.65
CA ALA D 556 26.42 19.08 -4.40
C ALA D 556 25.75 19.60 -5.68
N ALA D 557 26.52 19.63 -6.77
CA ALA D 557 26.03 20.12 -8.06
C ALA D 557 24.88 19.26 -8.59
N ALA D 558 25.05 17.94 -8.53
CA ALA D 558 24.01 17.01 -8.95
C ALA D 558 22.71 17.23 -8.14
N ASN D 559 22.85 17.26 -6.82
CA ASN D 559 21.68 17.41 -5.94
C ASN D 559 20.88 18.67 -6.19
N SER D 560 21.57 19.78 -6.49
CA SER D 560 20.89 21.06 -6.65
C SER D 560 20.54 21.41 -8.10
N ARG D 561 20.77 20.50 -9.04
CA ARG D 561 20.41 20.73 -10.45
C ARG D 561 19.01 21.32 -10.51
N LYS D 562 18.84 22.39 -11.29
CA LYS D 562 17.53 23.01 -11.44
C LYS D 562 16.56 22.11 -12.21
N PRO D 563 15.27 22.19 -11.89
CA PRO D 563 14.26 21.42 -12.63
C PRO D 563 14.34 21.71 -14.12
N VAL D 564 14.31 20.67 -14.94
CA VAL D 564 14.26 20.81 -16.38
C VAL D 564 12.79 20.96 -16.78
N ASN D 565 12.53 21.33 -18.03
CA ASN D 565 11.19 21.74 -18.44
C ASN D 565 10.19 20.62 -18.75
N LYS D 566 8.93 20.90 -18.45
CA LYS D 566 7.80 20.09 -18.93
C LYS D 566 7.79 18.67 -18.38
#